data_7HOG
# 
_entry.id   7HOG 
# 
_audit_conform.dict_name       mmcif_pdbx.dic 
_audit_conform.dict_version    5.399 
_audit_conform.dict_location   http://mmcif.pdb.org/dictionaries/ascii/mmcif_pdbx.dic 
# 
loop_
_database_2.database_id 
_database_2.database_code 
_database_2.pdbx_database_accession 
_database_2.pdbx_DOI 
PDB   7HOG         pdb_00007hog 10.2210/pdb7hog/pdb 
WWPDB D_1001407730 ?            ?                   
# 
_pdbx_audit_revision_history.ordinal             1 
_pdbx_audit_revision_history.data_content_type   'Structure model' 
_pdbx_audit_revision_history.major_revision      1 
_pdbx_audit_revision_history.minor_revision      0 
_pdbx_audit_revision_history.revision_date       2024-12-18 
# 
_pdbx_audit_revision_details.ordinal             1 
_pdbx_audit_revision_details.revision_ordinal    1 
_pdbx_audit_revision_details.data_content_type   'Structure model' 
_pdbx_audit_revision_details.provider            repository 
_pdbx_audit_revision_details.type                'Initial release' 
_pdbx_audit_revision_details.description         ? 
_pdbx_audit_revision_details.details             ? 
# 
_pdbx_database_status.entry_id                        7HOG 
_pdbx_database_status.status_code                     REL 
_pdbx_database_status.status_code_sf                  REL 
_pdbx_database_status.status_code_mr                  ? 
_pdbx_database_status.status_code_cs                  ? 
_pdbx_database_status.recvd_initial_deposition_date   2024-11-06 
_pdbx_database_status.status_code_nmr_data            ? 
_pdbx_database_status.deposit_site                    RCSB 
_pdbx_database_status.process_site                    RCSB 
_pdbx_database_status.SG_entry                        ? 
_pdbx_database_status.pdb_format_compatible           Y 
_pdbx_database_status.methods_development_category    ? 
# 
_pdbx_contact_author.id                 1 
_pdbx_contact_author.email              frank.von-delft@diamond.ac.uk 
_pdbx_contact_author.name_first         Frank 
_pdbx_contact_author.name_last          'von Delft' 
_pdbx_contact_author.role               'principal investigator/group leader' 
_pdbx_contact_author.identifier_ORCID   0000-0003-0378-0017 
_pdbx_contact_author.name_mi            ? 
# 
loop_
_audit_author.name 
_audit_author.pdbx_ordinal 
_audit_author.identifier_ORCID 
'Lithgo, R.M.'        1  ? 
'Fairhead, M.'        2  ? 
'Koekemoer, L.'       3  ? 
'Balcomb, B.H.'       4  ? 
'Capkin, E.'          5  ? 
'Chandran, A.V.'      6  ? 
'Golding, M.'         7  ? 
'Godoy, A.S.'         8  ? 
'Aschenbrenner, J.C.' 9  ? 
'Marples, P.G.'       10 ? 
'Ni, X.'              11 ? 
'Thompson, W.'        12 ? 
'Tomlinson, C.W.E.'   13 ? 
'Wild, C.'            14 ? 
'Winokan, M.'         15 ? 
'Xavier, M.-A.E.'     16 ? 
'Fearon, D.'          17 ? 
'von Delft, F.'       18 ? 
# 
_citation.id                        primary 
_citation.title                     
'Group deposition for crystallographic fragment screening of Coxsackievirus A16 (G-10) 2A protease' 
_citation.journal_abbrev            'To Be Published' 
_citation.journal_volume            ? 
_citation.page_first                ? 
_citation.page_last                 ? 
_citation.year                      ? 
_citation.journal_id_ASTM           ? 
_citation.country                   ? 
_citation.journal_id_ISSN           ? 
_citation.journal_id_CSD            0353 
_citation.book_publisher            ? 
_citation.pdbx_database_id_PubMed   ? 
_citation.pdbx_database_id_DOI      ? 
# 
loop_
_citation_author.citation_id 
_citation_author.name 
_citation_author.identifier_ORCID 
_citation_author.ordinal 
primary 'Lithgo, R.M.'        ? 1  
primary 'Fairhead, M.'        ? 2  
primary 'Koekemoer, L.'       ? 3  
primary 'Balcomb, B.H.'       ? 4  
primary 'Capkin, E.'          ? 5  
primary 'Chandran, A.V.'      ? 6  
primary 'Golding, M.'         ? 7  
primary 'Godoy, A.S.'         ? 8  
primary 'Aschenbrenner, J.C.' ? 9  
primary 'Marples, P.G.'       ? 10 
primary 'Ni, X.'              ? 11 
primary 'Thompson, W.'        ? 12 
primary 'Tomlinson, C.W.E.'   ? 13 
primary 'Wild, C.'            ? 14 
primary 'Winokan, M.'         ? 15 
primary 'Xavier, M.-A.E.'     ? 16 
primary 'Fearon, D.'          ? 17 
primary 'von Delft, F.'       ? 18 
# 
loop_
_entity.id 
_entity.type 
_entity.src_method 
_entity.pdbx_description 
_entity.formula_weight 
_entity.pdbx_number_of_molecules 
_entity.pdbx_ec 
_entity.pdbx_mutation 
_entity.pdbx_fragment 
_entity.details 
1 polymer     man 'Protease 2A'                          15892.732 1   3.4.22.29 ? ? ? 
2 non-polymer man '5-(difluoromethoxy)pyridin-2(3H)-one' 161.106   1   ?         ? ? ? 
3 non-polymer syn 'ZINC ION'                             65.409    1   ?         ? ? ? 
4 non-polymer syn 'DIMETHYL SULFOXIDE'                   78.133    4   ?         ? ? ? 
5 non-polymer syn 'SULFATE ION'                          96.063    1   ?         ? ? ? 
6 water       nat water                                  18.015    241 ?         ? ? ? 
# 
_entity_name_com.entity_id   1 
_entity_name_com.name        'P2A,Picornain 2A,Protein 2A' 
# 
_entity_poly.entity_id                      1 
_entity_poly.type                           'polypeptide(L)' 
_entity_poly.nstd_linkage                   no 
_entity_poly.nstd_monomer                   no 
_entity_poly.pdbx_seq_one_letter_code       
;SGAIYVGNYRVVNRHLATHNDWANLVWEDSSRDLLVSSTTAQGCDTIARCDCQTGVYYCSSRRKHYPVSFSKPSLIFVEA
SEYYPARYQSHLMLAVGHSEPGDCGGILRCQHGVVGIVSTGGNGLVGFADVRDLLWLDEEAMEQ
;
_entity_poly.pdbx_seq_one_letter_code_can   
;SGAIYVGNYRVVNRHLATHNDWANLVWEDSSRDLLVSSTTAQGCDTIARCDCQTGVYYCSSRRKHYPVSFSKPSLIFVEA
SEYYPARYQSHLMLAVGHSEPGDCGGILRCQHGVVGIVSTGGNGLVGFADVRDLLWLDEEAMEQ
;
_entity_poly.pdbx_strand_id                 A 
_entity_poly.pdbx_target_identifier         ? 
# 
loop_
_pdbx_entity_nonpoly.entity_id 
_pdbx_entity_nonpoly.name 
_pdbx_entity_nonpoly.comp_id 
2 '5-(difluoromethoxy)pyridin-2(3H)-one' YYI 
3 'ZINC ION'                             ZN  
4 'DIMETHYL SULFOXIDE'                   DMS 
5 'SULFATE ION'                          SO4 
6 water                                  HOH 
# 
loop_
_entity_poly_seq.entity_id 
_entity_poly_seq.num 
_entity_poly_seq.mon_id 
_entity_poly_seq.hetero 
1 1   SER n 
1 2   GLY n 
1 3   ALA n 
1 4   ILE n 
1 5   TYR n 
1 6   VAL n 
1 7   GLY n 
1 8   ASN n 
1 9   TYR n 
1 10  ARG n 
1 11  VAL n 
1 12  VAL n 
1 13  ASN n 
1 14  ARG n 
1 15  HIS n 
1 16  LEU n 
1 17  ALA n 
1 18  THR n 
1 19  HIS n 
1 20  ASN n 
1 21  ASP n 
1 22  TRP n 
1 23  ALA n 
1 24  ASN n 
1 25  LEU n 
1 26  VAL n 
1 27  TRP n 
1 28  GLU n 
1 29  ASP n 
1 30  SER n 
1 31  SER n 
1 32  ARG n 
1 33  ASP n 
1 34  LEU n 
1 35  LEU n 
1 36  VAL n 
1 37  SER n 
1 38  SER n 
1 39  THR n 
1 40  THR n 
1 41  ALA n 
1 42  GLN n 
1 43  GLY n 
1 44  CYS n 
1 45  ASP n 
1 46  THR n 
1 47  ILE n 
1 48  ALA n 
1 49  ARG n 
1 50  CYS n 
1 51  ASP n 
1 52  CYS n 
1 53  GLN n 
1 54  THR n 
1 55  GLY n 
1 56  VAL n 
1 57  TYR n 
1 58  TYR n 
1 59  CYS n 
1 60  SER n 
1 61  SER n 
1 62  ARG n 
1 63  ARG n 
1 64  LYS n 
1 65  HIS n 
1 66  TYR n 
1 67  PRO n 
1 68  VAL n 
1 69  SER n 
1 70  PHE n 
1 71  SER n 
1 72  LYS n 
1 73  PRO n 
1 74  SER n 
1 75  LEU n 
1 76  ILE n 
1 77  PHE n 
1 78  VAL n 
1 79  GLU n 
1 80  ALA n 
1 81  SER n 
1 82  GLU n 
1 83  TYR n 
1 84  TYR n 
1 85  PRO n 
1 86  ALA n 
1 87  ARG n 
1 88  TYR n 
1 89  GLN n 
1 90  SER n 
1 91  HIS n 
1 92  LEU n 
1 93  MET n 
1 94  LEU n 
1 95  ALA n 
1 96  VAL n 
1 97  GLY n 
1 98  HIS n 
1 99  SER n 
1 100 GLU n 
1 101 PRO n 
1 102 GLY n 
1 103 ASP n 
1 104 CYS n 
1 105 GLY n 
1 106 GLY n 
1 107 ILE n 
1 108 LEU n 
1 109 ARG n 
1 110 CYS n 
1 111 GLN n 
1 112 HIS n 
1 113 GLY n 
1 114 VAL n 
1 115 VAL n 
1 116 GLY n 
1 117 ILE n 
1 118 VAL n 
1 119 SER n 
1 120 THR n 
1 121 GLY n 
1 122 GLY n 
1 123 ASN n 
1 124 GLY n 
1 125 LEU n 
1 126 VAL n 
1 127 GLY n 
1 128 PHE n 
1 129 ALA n 
1 130 ASP n 
1 131 VAL n 
1 132 ARG n 
1 133 ASP n 
1 134 LEU n 
1 135 LEU n 
1 136 TRP n 
1 137 LEU n 
1 138 ASP n 
1 139 GLU n 
1 140 GLU n 
1 141 ALA n 
1 142 MET n 
1 143 GLU n 
1 144 GLN n 
# 
loop_
_entity_src_gen.entity_id 
_entity_src_gen.pdbx_src_id 
_entity_src_gen.pdbx_alt_source_flag 
_entity_src_gen.pdbx_seq_type 
_entity_src_gen.pdbx_beg_seq_num 
_entity_src_gen.pdbx_end_seq_num 
_entity_src_gen.gene_src_common_name 
_entity_src_gen.gene_src_genus 
_entity_src_gen.pdbx_gene_src_gene 
_entity_src_gen.gene_src_species 
_entity_src_gen.gene_src_strain 
_entity_src_gen.gene_src_tissue 
_entity_src_gen.gene_src_tissue_fraction 
_entity_src_gen.gene_src_details 
_entity_src_gen.pdbx_gene_src_fragment 
_entity_src_gen.pdbx_gene_src_scientific_name 
_entity_src_gen.pdbx_gene_src_ncbi_taxonomy_id 
_entity_src_gen.pdbx_gene_src_variant 
_entity_src_gen.pdbx_gene_src_cell_line 
_entity_src_gen.pdbx_gene_src_atcc 
_entity_src_gen.pdbx_gene_src_organ 
_entity_src_gen.pdbx_gene_src_organelle 
_entity_src_gen.pdbx_gene_src_cell 
_entity_src_gen.pdbx_gene_src_cellular_location 
_entity_src_gen.host_org_common_name 
_entity_src_gen.pdbx_host_org_scientific_name 
_entity_src_gen.pdbx_host_org_ncbi_taxonomy_id 
_entity_src_gen.host_org_genus 
_entity_src_gen.pdbx_host_org_gene 
_entity_src_gen.pdbx_host_org_organ 
_entity_src_gen.host_org_species 
_entity_src_gen.pdbx_host_org_tissue 
_entity_src_gen.pdbx_host_org_tissue_fraction 
_entity_src_gen.pdbx_host_org_strain 
_entity_src_gen.pdbx_host_org_variant 
_entity_src_gen.pdbx_host_org_cell_line 
_entity_src_gen.pdbx_host_org_atcc 
_entity_src_gen.pdbx_host_org_culture_collection 
_entity_src_gen.pdbx_host_org_cell 
_entity_src_gen.pdbx_host_org_organelle 
_entity_src_gen.pdbx_host_org_cellular_location 
_entity_src_gen.pdbx_host_org_vector_type 
_entity_src_gen.pdbx_host_org_vector 
_entity_src_gen.host_org_details 
_entity_src_gen.expression_system_id 
_entity_src_gen.plasmid_name 
_entity_src_gen.plasmid_details 
_entity_src_gen.pdbx_description 
1 1 sample 'Biological sequence' 1 144 ? ? ? ? ? ? ? ? ? 'Coxsackievirus A16' 31704 ? ? ? ? ? ? ? ? 'Escherichia coli' 562 ? ? ? ? 
? ? ? ? ? ? ? ? ? ? ? ? ? ? ? ? ? 
2 1 sample ?                     ? ?   ? ? ? ? ? ? ? ? ? 'Coxsackievirus A16' 31704 ? ? ? ? ? ? ? ? 'Escherichia coli' 562 ? ? ? ? 
? ? ? ? ? ? ? ? ? ? ? ? ? ? ? ? ? 
# 
loop_
_chem_comp.id 
_chem_comp.type 
_chem_comp.mon_nstd_flag 
_chem_comp.name 
_chem_comp.pdbx_synonyms 
_chem_comp.formula 
_chem_comp.formula_weight 
ALA 'L-peptide linking' y ALANINE                                ? 'C3 H7 N O2'     89.093  
ARG 'L-peptide linking' y ARGININE                               ? 'C6 H15 N4 O2 1' 175.209 
ASN 'L-peptide linking' y ASPARAGINE                             ? 'C4 H8 N2 O3'    132.118 
ASP 'L-peptide linking' y 'ASPARTIC ACID'                        ? 'C4 H7 N O4'     133.103 
CYS 'L-peptide linking' y CYSTEINE                               ? 'C3 H7 N O2 S'   121.158 
DMS non-polymer         . 'DIMETHYL SULFOXIDE'                   ? 'C2 H6 O S'      78.133  
GLN 'L-peptide linking' y GLUTAMINE                              ? 'C5 H10 N2 O3'   146.144 
GLU 'L-peptide linking' y 'GLUTAMIC ACID'                        ? 'C5 H9 N O4'     147.129 
GLY 'peptide linking'   y GLYCINE                                ? 'C2 H5 N O2'     75.067  
HIS 'L-peptide linking' y HISTIDINE                              ? 'C6 H10 N3 O2 1' 156.162 
HOH non-polymer         . WATER                                  ? 'H2 O'           18.015  
ILE 'L-peptide linking' y ISOLEUCINE                             ? 'C6 H13 N O2'    131.173 
LEU 'L-peptide linking' y LEUCINE                                ? 'C6 H13 N O2'    131.173 
LYS 'L-peptide linking' y LYSINE                                 ? 'C6 H15 N2 O2 1' 147.195 
MET 'L-peptide linking' y METHIONINE                             ? 'C5 H11 N O2 S'  149.211 
PHE 'L-peptide linking' y PHENYLALANINE                          ? 'C9 H11 N O2'    165.189 
PRO 'L-peptide linking' y PROLINE                                ? 'C5 H9 N O2'     115.130 
SER 'L-peptide linking' y SERINE                                 ? 'C3 H7 N O3'     105.093 
SO4 non-polymer         . 'SULFATE ION'                          ? 'O4 S -2'        96.063  
THR 'L-peptide linking' y THREONINE                              ? 'C4 H9 N O3'     119.119 
TRP 'L-peptide linking' y TRYPTOPHAN                             ? 'C11 H12 N2 O2'  204.225 
TYR 'L-peptide linking' y TYROSINE                               ? 'C9 H11 N O3'    181.189 
VAL 'L-peptide linking' y VALINE                                 ? 'C5 H11 N O2'    117.146 
YYI non-polymer         . '5-(difluoromethoxy)pyridin-2(3H)-one' ? 'C6 H5 F2 N O2'  161.106 
ZN  non-polymer         . 'ZINC ION'                             ? 'Zn 2'           65.409  
# 
loop_
_pdbx_poly_seq_scheme.asym_id 
_pdbx_poly_seq_scheme.entity_id 
_pdbx_poly_seq_scheme.seq_id 
_pdbx_poly_seq_scheme.mon_id 
_pdbx_poly_seq_scheme.ndb_seq_num 
_pdbx_poly_seq_scheme.pdb_seq_num 
_pdbx_poly_seq_scheme.auth_seq_num 
_pdbx_poly_seq_scheme.pdb_mon_id 
_pdbx_poly_seq_scheme.auth_mon_id 
_pdbx_poly_seq_scheme.pdb_strand_id 
_pdbx_poly_seq_scheme.pdb_ins_code 
_pdbx_poly_seq_scheme.hetero 
A 1 1   SER 1   7   7   SER SER A . n 
A 1 2   GLY 2   8   8   GLY GLY A . n 
A 1 3   ALA 3   9   9   ALA ALA A . n 
A 1 4   ILE 4   10  10  ILE ILE A . n 
A 1 5   TYR 5   11  11  TYR TYR A . n 
A 1 6   VAL 6   12  12  VAL VAL A . n 
A 1 7   GLY 7   13  13  GLY GLY A . n 
A 1 8   ASN 8   14  14  ASN ASN A . n 
A 1 9   TYR 9   15  15  TYR TYR A . n 
A 1 10  ARG 10  16  16  ARG ARG A . n 
A 1 11  VAL 11  17  17  VAL VAL A . n 
A 1 12  VAL 12  18  18  VAL VAL A . n 
A 1 13  ASN 13  19  19  ASN ASN A . n 
A 1 14  ARG 14  20  20  ARG ARG A . n 
A 1 15  HIS 15  21  21  HIS HIS A . n 
A 1 16  LEU 16  22  22  LEU LEU A . n 
A 1 17  ALA 17  23  23  ALA ALA A . n 
A 1 18  THR 18  24  24  THR THR A . n 
A 1 19  HIS 19  25  25  HIS HIS A . n 
A 1 20  ASN 20  26  26  ASN ASN A . n 
A 1 21  ASP 21  27  27  ASP ASP A . n 
A 1 22  TRP 22  28  28  TRP TRP A . n 
A 1 23  ALA 23  29  29  ALA ALA A . n 
A 1 24  ASN 24  30  30  ASN ASN A . n 
A 1 25  LEU 25  31  31  LEU LEU A . n 
A 1 26  VAL 26  32  32  VAL VAL A . n 
A 1 27  TRP 27  33  33  TRP TRP A . n 
A 1 28  GLU 28  34  34  GLU GLU A . n 
A 1 29  ASP 29  35  35  ASP ASP A . n 
A 1 30  SER 30  36  36  SER SER A . n 
A 1 31  SER 31  37  37  SER SER A . n 
A 1 32  ARG 32  38  38  ARG ARG A . n 
A 1 33  ASP 33  39  39  ASP ASP A . n 
A 1 34  LEU 34  40  40  LEU LEU A . n 
A 1 35  LEU 35  41  41  LEU LEU A . n 
A 1 36  VAL 36  42  42  VAL VAL A . n 
A 1 37  SER 37  43  43  SER SER A . n 
A 1 38  SER 38  44  44  SER SER A . n 
A 1 39  THR 39  45  45  THR THR A . n 
A 1 40  THR 40  46  46  THR THR A . n 
A 1 41  ALA 41  47  47  ALA ALA A . n 
A 1 42  GLN 42  48  48  GLN GLN A . n 
A 1 43  GLY 43  49  49  GLY GLY A . n 
A 1 44  CYS 44  50  50  CYS CYS A . n 
A 1 45  ASP 45  51  51  ASP ASP A . n 
A 1 46  THR 46  52  52  THR THR A . n 
A 1 47  ILE 47  53  53  ILE ILE A . n 
A 1 48  ALA 48  54  54  ALA ALA A . n 
A 1 49  ARG 49  55  55  ARG ARG A . n 
A 1 50  CYS 50  56  56  CYS CYS A . n 
A 1 51  ASP 51  57  57  ASP ASP A . n 
A 1 52  CYS 52  58  58  CYS CYS A . n 
A 1 53  GLN 53  59  59  GLN GLN A . n 
A 1 54  THR 54  60  60  THR THR A . n 
A 1 55  GLY 55  61  61  GLY GLY A . n 
A 1 56  VAL 56  62  62  VAL VAL A . n 
A 1 57  TYR 57  63  63  TYR TYR A . n 
A 1 58  TYR 58  64  64  TYR TYR A . n 
A 1 59  CYS 59  65  65  CYS CYS A . n 
A 1 60  SER 60  66  66  SER SER A . n 
A 1 61  SER 61  67  67  SER SER A . n 
A 1 62  ARG 62  68  68  ARG ARG A . n 
A 1 63  ARG 63  69  69  ARG ARG A . n 
A 1 64  LYS 64  70  70  LYS LYS A . n 
A 1 65  HIS 65  71  71  HIS HIS A . n 
A 1 66  TYR 66  72  72  TYR TYR A . n 
A 1 67  PRO 67  73  73  PRO PRO A . n 
A 1 68  VAL 68  74  74  VAL VAL A . n 
A 1 69  SER 69  75  75  SER SER A . n 
A 1 70  PHE 70  76  76  PHE PHE A . n 
A 1 71  SER 71  77  77  SER SER A . n 
A 1 72  LYS 72  78  78  LYS LYS A . n 
A 1 73  PRO 73  79  79  PRO PRO A . n 
A 1 74  SER 74  80  80  SER SER A . n 
A 1 75  LEU 75  81  81  LEU LEU A . n 
A 1 76  ILE 76  82  82  ILE ILE A . n 
A 1 77  PHE 77  83  83  PHE PHE A . n 
A 1 78  VAL 78  84  84  VAL VAL A . n 
A 1 79  GLU 79  85  85  GLU GLU A . n 
A 1 80  ALA 80  86  86  ALA ALA A . n 
A 1 81  SER 81  87  87  SER SER A . n 
A 1 82  GLU 82  88  88  GLU GLU A . n 
A 1 83  TYR 83  89  89  TYR TYR A . n 
A 1 84  TYR 84  90  90  TYR TYR A . n 
A 1 85  PRO 85  91  91  PRO PRO A . n 
A 1 86  ALA 86  92  92  ALA ALA A . n 
A 1 87  ARG 87  93  93  ARG ARG A . n 
A 1 88  TYR 88  94  94  TYR TYR A . n 
A 1 89  GLN 89  95  95  GLN GLN A . n 
A 1 90  SER 90  96  96  SER SER A . n 
A 1 91  HIS 91  97  97  HIS HIS A . n 
A 1 92  LEU 92  98  98  LEU LEU A . n 
A 1 93  MET 93  99  99  MET MET A . n 
A 1 94  LEU 94  100 100 LEU LEU A . n 
A 1 95  ALA 95  101 101 ALA ALA A . n 
A 1 96  VAL 96  102 102 VAL VAL A . n 
A 1 97  GLY 97  103 103 GLY GLY A . n 
A 1 98  HIS 98  104 104 HIS HIS A . n 
A 1 99  SER 99  105 105 SER SER A . n 
A 1 100 GLU 100 106 106 GLU GLU A . n 
A 1 101 PRO 101 107 107 PRO PRO A . n 
A 1 102 GLY 102 108 108 GLY GLY A . n 
A 1 103 ASP 103 109 109 ASP ASP A . n 
A 1 104 CYS 104 110 110 CYS CYS A . n 
A 1 105 GLY 105 111 111 GLY GLY A . n 
A 1 106 GLY 106 112 112 GLY GLY A . n 
A 1 107 ILE 107 113 113 ILE ILE A . n 
A 1 108 LEU 108 114 114 LEU LEU A . n 
A 1 109 ARG 109 115 115 ARG ARG A . n 
A 1 110 CYS 110 116 116 CYS CYS A . n 
A 1 111 GLN 111 117 117 GLN GLN A . n 
A 1 112 HIS 112 118 118 HIS HIS A . n 
A 1 113 GLY 113 119 119 GLY GLY A . n 
A 1 114 VAL 114 120 120 VAL VAL A . n 
A 1 115 VAL 115 121 121 VAL VAL A . n 
A 1 116 GLY 116 122 122 GLY GLY A . n 
A 1 117 ILE 117 123 123 ILE ILE A . n 
A 1 118 VAL 118 124 124 VAL VAL A . n 
A 1 119 SER 119 125 125 SER SER A . n 
A 1 120 THR 120 126 126 THR THR A . n 
A 1 121 GLY 121 127 127 GLY GLY A . n 
A 1 122 GLY 122 128 128 GLY GLY A . n 
A 1 123 ASN 123 129 129 ASN ASN A . n 
A 1 124 GLY 124 130 130 GLY GLY A . n 
A 1 125 LEU 125 131 131 LEU LEU A . n 
A 1 126 VAL 126 132 132 VAL VAL A . n 
A 1 127 GLY 127 133 133 GLY GLY A . n 
A 1 128 PHE 128 134 134 PHE PHE A . n 
A 1 129 ALA 129 135 135 ALA ALA A . n 
A 1 130 ASP 130 136 136 ASP ASP A . n 
A 1 131 VAL 131 137 137 VAL VAL A . n 
A 1 132 ARG 132 138 138 ARG ARG A . n 
A 1 133 ASP 133 139 139 ASP ASP A . n 
A 1 134 LEU 134 140 140 LEU LEU A . n 
A 1 135 LEU 135 141 141 LEU LEU A . n 
A 1 136 TRP 136 142 142 TRP TRP A . n 
A 1 137 LEU 137 143 143 LEU LEU A . n 
A 1 138 ASP 138 144 144 ASP ASP A . n 
A 1 139 GLU 139 145 145 GLU GLU A . n 
A 1 140 GLU 140 146 146 GLU GLU A . n 
A 1 141 ALA 141 147 ?   ?   ?   A . n 
A 1 142 MET 142 148 ?   ?   ?   A . n 
A 1 143 GLU 143 149 ?   ?   ?   A . n 
A 1 144 GLN 144 150 ?   ?   ?   A . n 
# 
_pdbx_entity_instance_feature.ordinal        1 
_pdbx_entity_instance_feature.comp_id        YYI 
_pdbx_entity_instance_feature.asym_id        ? 
_pdbx_entity_instance_feature.seq_num        ? 
_pdbx_entity_instance_feature.auth_comp_id   YYI 
_pdbx_entity_instance_feature.auth_asym_id   ? 
_pdbx_entity_instance_feature.auth_seq_num   ? 
_pdbx_entity_instance_feature.feature_type   'SUBJECT OF INVESTIGATION' 
_pdbx_entity_instance_feature.details        ? 
# 
loop_
_pdbx_nonpoly_scheme.asym_id 
_pdbx_nonpoly_scheme.entity_id 
_pdbx_nonpoly_scheme.mon_id 
_pdbx_nonpoly_scheme.ndb_seq_num 
_pdbx_nonpoly_scheme.pdb_seq_num 
_pdbx_nonpoly_scheme.auth_seq_num 
_pdbx_nonpoly_scheme.pdb_mon_id 
_pdbx_nonpoly_scheme.auth_mon_id 
_pdbx_nonpoly_scheme.pdb_strand_id 
_pdbx_nonpoly_scheme.pdb_ins_code 
B 2 YYI 1   201 246 YYI LIG A . 
C 3 ZN  1   202 1   ZN  ZN  A . 
D 4 DMS 1   203 -1  DMS DMS A . 
E 4 DMS 1   204 0   DMS DMS A . 
F 4 DMS 1   205 1   DMS DMS A . 
G 4 DMS 1   206 3   DMS DMS A . 
H 5 SO4 1   207 1   SO4 SO4 A . 
I 6 HOH 1   301 227 HOH HOH A . 
I 6 HOH 2   302 137 HOH HOH A . 
I 6 HOH 3   303 94  HOH HOH A . 
I 6 HOH 4   304 3   HOH HOH A . 
I 6 HOH 5   305 108 HOH HOH A . 
I 6 HOH 6   306 217 HOH HOH A . 
I 6 HOH 7   307 245 HOH HOH A . 
I 6 HOH 8   308 215 HOH HOH A . 
I 6 HOH 9   309 34  HOH HOH A . 
I 6 HOH 10  310 148 HOH HOH A . 
I 6 HOH 11  311 254 HOH HOH A . 
I 6 HOH 12  312 253 HOH HOH A . 
I 6 HOH 13  313 186 HOH HOH A . 
I 6 HOH 14  314 147 HOH HOH A . 
I 6 HOH 15  315 183 HOH HOH A . 
I 6 HOH 16  316 77  HOH HOH A . 
I 6 HOH 17  317 257 HOH HOH A . 
I 6 HOH 18  318 248 HOH HOH A . 
I 6 HOH 19  319 150 HOH HOH A . 
I 6 HOH 20  320 16  HOH HOH A . 
I 6 HOH 21  321 79  HOH HOH A . 
I 6 HOH 22  322 219 HOH HOH A . 
I 6 HOH 23  323 193 HOH HOH A . 
I 6 HOH 24  324 68  HOH HOH A . 
I 6 HOH 25  325 173 HOH HOH A . 
I 6 HOH 26  326 152 HOH HOH A . 
I 6 HOH 27  327 181 HOH HOH A . 
I 6 HOH 28  328 103 HOH HOH A . 
I 6 HOH 29  329 191 HOH HOH A . 
I 6 HOH 30  330 249 HOH HOH A . 
I 6 HOH 31  331 180 HOH HOH A . 
I 6 HOH 32  332 205 HOH HOH A . 
I 6 HOH 33  333 46  HOH HOH A . 
I 6 HOH 34  334 59  HOH HOH A . 
I 6 HOH 35  335 4   HOH HOH A . 
I 6 HOH 36  336 234 HOH HOH A . 
I 6 HOH 37  337 97  HOH HOH A . 
I 6 HOH 38  338 107 HOH HOH A . 
I 6 HOH 39  339 30  HOH HOH A . 
I 6 HOH 40  340 104 HOH HOH A . 
I 6 HOH 41  341 133 HOH HOH A . 
I 6 HOH 42  342 116 HOH HOH A . 
I 6 HOH 43  343 124 HOH HOH A . 
I 6 HOH 44  344 37  HOH HOH A . 
I 6 HOH 45  345 109 HOH HOH A . 
I 6 HOH 46  346 60  HOH HOH A . 
I 6 HOH 47  347 216 HOH HOH A . 
I 6 HOH 48  348 121 HOH HOH A . 
I 6 HOH 49  349 13  HOH HOH A . 
I 6 HOH 50  350 70  HOH HOH A . 
I 6 HOH 51  351 57  HOH HOH A . 
I 6 HOH 52  352 21  HOH HOH A . 
I 6 HOH 53  353 67  HOH HOH A . 
I 6 HOH 54  354 72  HOH HOH A . 
I 6 HOH 55  355 168 HOH HOH A . 
I 6 HOH 56  356 7   HOH HOH A . 
I 6 HOH 57  357 29  HOH HOH A . 
I 6 HOH 58  358 47  HOH HOH A . 
I 6 HOH 59  359 126 HOH HOH A . 
I 6 HOH 60  360 91  HOH HOH A . 
I 6 HOH 61  361 211 HOH HOH A . 
I 6 HOH 62  362 36  HOH HOH A . 
I 6 HOH 63  363 33  HOH HOH A . 
I 6 HOH 64  364 142 HOH HOH A . 
I 6 HOH 65  365 2   HOH HOH A . 
I 6 HOH 66  366 25  HOH HOH A . 
I 6 HOH 67  367 9   HOH HOH A . 
I 6 HOH 68  368 53  HOH HOH A . 
I 6 HOH 69  369 169 HOH HOH A . 
I 6 HOH 70  370 178 HOH HOH A . 
I 6 HOH 71  371 81  HOH HOH A . 
I 6 HOH 72  372 24  HOH HOH A . 
I 6 HOH 73  373 220 HOH HOH A . 
I 6 HOH 74  374 52  HOH HOH A . 
I 6 HOH 75  375 167 HOH HOH A . 
I 6 HOH 76  376 27  HOH HOH A . 
I 6 HOH 77  377 49  HOH HOH A . 
I 6 HOH 78  378 182 HOH HOH A . 
I 6 HOH 79  379 39  HOH HOH A . 
I 6 HOH 80  380 88  HOH HOH A . 
I 6 HOH 81  381 28  HOH HOH A . 
I 6 HOH 82  382 19  HOH HOH A . 
I 6 HOH 83  383 43  HOH HOH A . 
I 6 HOH 84  384 250 HOH HOH A . 
I 6 HOH 85  385 62  HOH HOH A . 
I 6 HOH 86  386 26  HOH HOH A . 
I 6 HOH 87  387 111 HOH HOH A . 
I 6 HOH 88  388 90  HOH HOH A . 
I 6 HOH 89  389 204 HOH HOH A . 
I 6 HOH 90  390 161 HOH HOH A . 
I 6 HOH 91  391 100 HOH HOH A . 
I 6 HOH 92  392 50  HOH HOH A . 
I 6 HOH 93  393 195 HOH HOH A . 
I 6 HOH 94  394 48  HOH HOH A . 
I 6 HOH 95  395 113 HOH HOH A . 
I 6 HOH 96  396 71  HOH HOH A . 
I 6 HOH 97  397 12  HOH HOH A . 
I 6 HOH 98  398 63  HOH HOH A . 
I 6 HOH 99  399 45  HOH HOH A . 
I 6 HOH 100 400 84  HOH HOH A . 
I 6 HOH 101 401 82  HOH HOH A . 
I 6 HOH 102 402 112 HOH HOH A . 
I 6 HOH 103 403 179 HOH HOH A . 
I 6 HOH 104 404 55  HOH HOH A . 
I 6 HOH 105 405 138 HOH HOH A . 
I 6 HOH 106 406 251 HOH HOH A . 
I 6 HOH 107 407 17  HOH HOH A . 
I 6 HOH 108 408 42  HOH HOH A . 
I 6 HOH 109 409 177 HOH HOH A . 
I 6 HOH 110 410 8   HOH HOH A . 
I 6 HOH 111 411 155 HOH HOH A . 
I 6 HOH 112 412 106 HOH HOH A . 
I 6 HOH 113 413 144 HOH HOH A . 
I 6 HOH 114 414 78  HOH HOH A . 
I 6 HOH 115 415 120 HOH HOH A . 
I 6 HOH 116 416 14  HOH HOH A . 
I 6 HOH 117 417 96  HOH HOH A . 
I 6 HOH 118 418 15  HOH HOH A . 
I 6 HOH 119 419 20  HOH HOH A . 
I 6 HOH 120 420 118 HOH HOH A . 
I 6 HOH 121 421 174 HOH HOH A . 
I 6 HOH 122 422 66  HOH HOH A . 
I 6 HOH 123 423 95  HOH HOH A . 
I 6 HOH 124 424 141 HOH HOH A . 
I 6 HOH 125 425 18  HOH HOH A . 
I 6 HOH 126 426 54  HOH HOH A . 
I 6 HOH 127 427 31  HOH HOH A . 
I 6 HOH 128 428 5   HOH HOH A . 
I 6 HOH 129 429 212 HOH HOH A . 
I 6 HOH 130 430 119 HOH HOH A . 
I 6 HOH 131 431 233 HOH HOH A . 
I 6 HOH 132 432 64  HOH HOH A . 
I 6 HOH 133 433 198 HOH HOH A . 
I 6 HOH 134 434 11  HOH HOH A . 
I 6 HOH 135 435 76  HOH HOH A . 
I 6 HOH 136 436 132 HOH HOH A . 
I 6 HOH 137 437 105 HOH HOH A . 
I 6 HOH 138 438 170 HOH HOH A . 
I 6 HOH 139 439 110 HOH HOH A . 
I 6 HOH 140 440 102 HOH HOH A . 
I 6 HOH 141 441 38  HOH HOH A . 
I 6 HOH 142 442 58  HOH HOH A . 
I 6 HOH 143 443 51  HOH HOH A . 
I 6 HOH 144 444 80  HOH HOH A . 
I 6 HOH 145 445 40  HOH HOH A . 
I 6 HOH 146 446 197 HOH HOH A . 
I 6 HOH 147 447 214 HOH HOH A . 
I 6 HOH 148 448 176 HOH HOH A . 
I 6 HOH 149 449 35  HOH HOH A . 
I 6 HOH 150 450 136 HOH HOH A . 
I 6 HOH 151 451 41  HOH HOH A . 
I 6 HOH 152 452 23  HOH HOH A . 
I 6 HOH 153 453 203 HOH HOH A . 
I 6 HOH 154 454 146 HOH HOH A . 
I 6 HOH 155 455 10  HOH HOH A . 
I 6 HOH 156 456 123 HOH HOH A . 
I 6 HOH 157 457 69  HOH HOH A . 
I 6 HOH 158 458 89  HOH HOH A . 
I 6 HOH 159 459 6   HOH HOH A . 
I 6 HOH 160 460 255 HOH HOH A . 
I 6 HOH 161 461 61  HOH HOH A . 
I 6 HOH 162 462 171 HOH HOH A . 
I 6 HOH 163 463 224 HOH HOH A . 
I 6 HOH 164 464 237 HOH HOH A . 
I 6 HOH 165 465 159 HOH HOH A . 
I 6 HOH 166 466 74  HOH HOH A . 
I 6 HOH 167 467 156 HOH HOH A . 
I 6 HOH 168 468 192 HOH HOH A . 
I 6 HOH 169 469 200 HOH HOH A . 
I 6 HOH 170 470 247 HOH HOH A . 
I 6 HOH 171 471 218 HOH HOH A . 
I 6 HOH 172 472 230 HOH HOH A . 
I 6 HOH 173 473 135 HOH HOH A . 
I 6 HOH 174 474 101 HOH HOH A . 
I 6 HOH 175 475 128 HOH HOH A . 
I 6 HOH 176 476 65  HOH HOH A . 
I 6 HOH 177 477 22  HOH HOH A . 
I 6 HOH 178 478 93  HOH HOH A . 
I 6 HOH 179 479 246 HOH HOH A . 
I 6 HOH 180 480 226 HOH HOH A . 
I 6 HOH 181 481 98  HOH HOH A . 
I 6 HOH 182 482 231 HOH HOH A . 
I 6 HOH 183 483 213 HOH HOH A . 
I 6 HOH 184 484 117 HOH HOH A . 
I 6 HOH 185 485 256 HOH HOH A . 
I 6 HOH 186 486 154 HOH HOH A . 
I 6 HOH 187 487 158 HOH HOH A . 
I 6 HOH 188 488 151 HOH HOH A . 
I 6 HOH 189 489 175 HOH HOH A . 
I 6 HOH 190 490 127 HOH HOH A . 
I 6 HOH 191 491 210 HOH HOH A . 
I 6 HOH 192 492 228 HOH HOH A . 
I 6 HOH 193 493 162 HOH HOH A . 
I 6 HOH 194 494 207 HOH HOH A . 
I 6 HOH 195 495 87  HOH HOH A . 
I 6 HOH 196 496 201 HOH HOH A . 
I 6 HOH 197 497 239 HOH HOH A . 
I 6 HOH 198 498 99  HOH HOH A . 
I 6 HOH 199 499 190 HOH HOH A . 
I 6 HOH 200 500 134 HOH HOH A . 
I 6 HOH 201 501 140 HOH HOH A . 
I 6 HOH 202 502 252 HOH HOH A . 
I 6 HOH 203 503 157 HOH HOH A . 
I 6 HOH 204 504 240 HOH HOH A . 
I 6 HOH 205 505 232 HOH HOH A . 
I 6 HOH 206 506 229 HOH HOH A . 
I 6 HOH 207 507 189 HOH HOH A . 
I 6 HOH 208 508 86  HOH HOH A . 
I 6 HOH 209 509 172 HOH HOH A . 
I 6 HOH 210 510 223 HOH HOH A . 
I 6 HOH 211 511 83  HOH HOH A . 
I 6 HOH 212 512 163 HOH HOH A . 
I 6 HOH 213 513 73  HOH HOH A . 
I 6 HOH 214 514 32  HOH HOH A . 
I 6 HOH 215 515 85  HOH HOH A . 
I 6 HOH 216 516 122 HOH HOH A . 
I 6 HOH 217 517 185 HOH HOH A . 
I 6 HOH 218 518 165 HOH HOH A . 
I 6 HOH 219 519 221 HOH HOH A . 
I 6 HOH 220 520 202 HOH HOH A . 
I 6 HOH 221 521 56  HOH HOH A . 
I 6 HOH 222 522 208 HOH HOH A . 
I 6 HOH 223 523 209 HOH HOH A . 
I 6 HOH 224 524 236 HOH HOH A . 
I 6 HOH 225 525 129 HOH HOH A . 
I 6 HOH 226 526 75  HOH HOH A . 
I 6 HOH 227 527 187 HOH HOH A . 
I 6 HOH 228 528 199 HOH HOH A . 
I 6 HOH 229 529 235 HOH HOH A . 
I 6 HOH 230 530 206 HOH HOH A . 
I 6 HOH 231 531 114 HOH HOH A . 
I 6 HOH 232 532 153 HOH HOH A . 
I 6 HOH 233 533 241 HOH HOH A . 
I 6 HOH 234 534 222 HOH HOH A . 
I 6 HOH 235 535 92  HOH HOH A . 
I 6 HOH 236 536 125 HOH HOH A . 
I 6 HOH 237 537 243 HOH HOH A . 
I 6 HOH 238 538 242 HOH HOH A . 
I 6 HOH 239 539 164 HOH HOH A . 
I 6 HOH 240 540 160 HOH HOH A . 
I 6 HOH 241 541 244 HOH HOH A . 
# 
loop_
_software.classification 
_software.name 
_software.version 
_software.citation_id 
_software.pdbx_ordinal 
_software.date 
_software.type 
_software.location 
_software.language 
refinement       REFMAC  5.8.0267 ? 1 ? ? ? ? 
'data scaling'   Aimless .        ? 2 ? ? ? ? 
phasing          PHASER  .        ? 3 ? ? ? ? 
'data reduction' XDS     .        ? 4 ? ? ? ? 
'data reduction' XDS     .        ? 5 ? ? ? ? 
# 
_cell.entry_id           7HOG 
_cell.length_a           86.088 
_cell.length_b           56.539 
_cell.length_c           32.421 
_cell.angle_alpha        90.00 
_cell.angle_beta         95.26 
_cell.angle_gamma        90.00 
_cell.Z_PDB              4 
_cell.pdbx_unique_axis   ? 
# 
_symmetry.entry_id                         7HOG 
_symmetry.space_group_name_H-M             'C 1 2 1' 
_symmetry.pdbx_full_space_group_name_H-M   ? 
_symmetry.cell_setting                     ? 
_symmetry.Int_Tables_number                5 
# 
_exptl.entry_id          7HOG 
_exptl.method            'X-RAY DIFFRACTION' 
_exptl.crystals_number   1 
# 
_exptl_crystal.id                    1 
_exptl_crystal.density_meas          ? 
_exptl_crystal.density_Matthews      2.47 
_exptl_crystal.density_percent_sol   50.24 
_exptl_crystal.description           ? 
# 
_exptl_crystal_grow.crystal_id      1 
_exptl_crystal_grow.method          'VAPOR DIFFUSION, SITTING DROP' 
_exptl_crystal_grow.pH              6.05 
_exptl_crystal_grow.temp            293.15 
_exptl_crystal_grow.pdbx_details    '0.1 M MES, pH 6.05, 16 % PEG 20,000' 
_exptl_crystal_grow.temp_details    ? 
_exptl_crystal_grow.pdbx_pH_range   ? 
# 
_diffrn.id                     1 
_diffrn.ambient_temp           100 
_diffrn.crystal_id             1 
_diffrn.ambient_temp_details   ? 
# 
_diffrn_detector.detector               PIXEL 
_diffrn_detector.type                   'DECTRIS EIGER2 XE 16M' 
_diffrn_detector.pdbx_collection_date   2023-10-11 
_diffrn_detector.diffrn_id              1 
_diffrn_detector.details                ? 
# 
_diffrn_radiation.diffrn_id                        1 
_diffrn_radiation.wavelength_id                    1 
_diffrn_radiation.pdbx_diffrn_protocol             'SINGLE WAVELENGTH' 
_diffrn_radiation.pdbx_monochromatic_or_laue_m_l   ? 
_diffrn_radiation.monochromator                    ? 
_diffrn_radiation.pdbx_scattering_type             x-ray 
# 
_diffrn_radiation_wavelength.id           1 
_diffrn_radiation_wavelength.wavelength   0.94054 
_diffrn_radiation_wavelength.wt           1.0 
# 
_diffrn_source.diffrn_id                   1 
_diffrn_source.source                      SYNCHROTRON 
_diffrn_source.type                        'DIAMOND BEAMLINE I03' 
_diffrn_source.pdbx_wavelength_list        0.94054 
_diffrn_source.pdbx_synchrotron_site       Diamond 
_diffrn_source.pdbx_synchrotron_beamline   I03 
_diffrn_source.pdbx_wavelength             ? 
# 
_reflns.entry_id                     7HOG 
_reflns.pdbx_diffrn_id               1 
_reflns.pdbx_ordinal                 1 
_reflns.d_resolution_low             47.19 
_reflns.d_resolution_high            1.19 
_reflns.number_obs                   49334 
_reflns.percent_possible_obs         99.4 
_reflns.pdbx_Rmerge_I_obs            0.135 
_reflns.pdbx_netI_over_sigmaI        9.2 
_reflns.pdbx_redundancy              6.8 
_reflns.pdbx_Rrim_I_all              0.146 
_reflns.pdbx_Rpim_I_all              0.055 
_reflns.pdbx_CC_half                 0.998 
_reflns.pdbx_number_measured_all     336355 
_reflns.pdbx_chi_squared             0.67 
_reflns.observed_criterion_sigma_I   ? 
_reflns.observed_criterion_sigma_F   ? 
_reflns.number_all                   ? 
_reflns.pdbx_Rsym_value              ? 
_reflns.B_iso_Wilson_estimate        ? 
_reflns.pdbx_CC_star                 ? 
# 
_reflns_shell.pdbx_diffrn_id              1 
_reflns_shell.pdbx_ordinal                1 
_reflns_shell.d_res_high                  1.19 
_reflns_shell.d_res_low                   1.21 
_reflns_shell.number_measured_all         16503 
_reflns_shell.number_unique_obs           2446 
_reflns_shell.Rmerge_I_obs                2.732 
_reflns_shell.pdbx_chi_squared            0.30 
_reflns_shell.pdbx_redundancy             6.7 
_reflns_shell.percent_possible_obs        98.9 
_reflns_shell.pdbx_netI_over_sigmaI_obs   0.7 
_reflns_shell.pdbx_Rrim_I_all             2.965 
_reflns_shell.pdbx_Rpim_I_all             1.137 
_reflns_shell.pdbx_CC_half                0.369 
_reflns_shell.percent_possible_all        ? 
_reflns_shell.pdbx_Rsym_value             ? 
_reflns_shell.meanI_over_sigI_obs         ? 
_reflns_shell.number_measured_obs         ? 
_reflns_shell.number_unique_all           ? 
_reflns_shell.pdbx_CC_star                ? 
# 
_refine.pdbx_refine_id                           'X-RAY DIFFRACTION' 
_refine.entry_id                                 7HOG 
_refine.pdbx_diffrn_id                           1 
_refine.pdbx_TLS_residual_ADP_flag               ? 
_refine.ls_number_reflns_obs                     46757 
_refine.ls_number_reflns_all                     ? 
_refine.pdbx_ls_sigma_I                          ? 
_refine.pdbx_ls_sigma_F                          ? 
_refine.pdbx_data_cutoff_high_absF               ? 
_refine.pdbx_data_cutoff_low_absF                ? 
_refine.pdbx_data_cutoff_high_rms_absF           ? 
_refine.ls_d_res_low                             47.20 
_refine.ls_d_res_high                            1.19 
_refine.ls_percent_reflns_obs                    99.02 
_refine.ls_R_factor_obs                          0.17084 
_refine.ls_R_factor_all                          ? 
_refine.ls_R_factor_R_work                       0.16996 
_refine.ls_R_factor_R_free                       0.18712 
_refine.ls_R_factor_R_free_error                 ? 
_refine.ls_R_factor_R_free_error_details         ? 
_refine.ls_percent_reflns_R_free                 4.9 
_refine.ls_number_reflns_R_free                  2406 
_refine.ls_number_parameters                     ? 
_refine.ls_number_restraints                     ? 
_refine.occupancy_min                            ? 
_refine.occupancy_max                            ? 
_refine.correlation_coeff_Fo_to_Fc               0.977 
_refine.correlation_coeff_Fo_to_Fc_free          0.970 
_refine.B_iso_mean                               16.338 
_refine.aniso_B[1][1]                            -0.06 
_refine.aniso_B[2][2]                            0.41 
_refine.aniso_B[3][3]                            -0.28 
_refine.aniso_B[1][2]                            0.00 
_refine.aniso_B[1][3]                            -0.42 
_refine.aniso_B[2][3]                            -0.00 
_refine.solvent_model_details                    MASK 
_refine.solvent_model_param_ksol                 ? 
_refine.solvent_model_param_bsol                 ? 
_refine.pdbx_solvent_vdw_probe_radii             1.20 
_refine.pdbx_solvent_ion_probe_radii             0.80 
_refine.pdbx_solvent_shrinkage_radii             0.80 
_refine.pdbx_ls_cross_valid_method               THROUGHOUT 
_refine.details                                  'HYDROGENS HAVE BEEN ADDED IN THE RIDING POSITIONS' 
_refine.pdbx_starting_model                      ? 
_refine.pdbx_method_to_determine_struct          'MOLECULAR REPLACEMENT' 
_refine.pdbx_isotropic_thermal_model             ? 
_refine.pdbx_stereochemistry_target_values       'MAXIMUM LIKELIHOOD' 
_refine.pdbx_stereochem_target_val_spec_case     ? 
_refine.pdbx_R_Free_selection_details            RANDOM 
_refine.pdbx_overall_ESU_R                       0.039 
_refine.pdbx_overall_ESU_R_Free                  0.040 
_refine.overall_SU_ML                            0.043 
_refine.pdbx_overall_phase_error                 ? 
_refine.overall_SU_B                             1.057 
_refine.overall_SU_R_Cruickshank_DPI             ? 
_refine.pdbx_overall_SU_R_free_Cruickshank_DPI   ? 
_refine.pdbx_overall_SU_R_Blow_DPI               ? 
_refine.pdbx_overall_SU_R_free_Blow_DPI          ? 
# 
_refine_hist.pdbx_refine_id                   'X-RAY DIFFRACTION' 
_refine_hist.cycle_id                         1 
_refine_hist.pdbx_number_atoms_protein        1083 
_refine_hist.pdbx_number_atoms_nucleic_acid   0 
_refine_hist.pdbx_number_atoms_ligand         33 
_refine_hist.number_atoms_solvent             241 
_refine_hist.number_atoms_total               1357 
_refine_hist.d_res_high                       1.19 
_refine_hist.d_res_low                        47.20 
# 
loop_
_refine_ls_restr.type 
_refine_ls_restr.dev_ideal 
_refine_ls_restr.dev_ideal_target 
_refine_ls_restr.weight 
_refine_ls_restr.number 
_refine_ls_restr.pdbx_refine_id 
_refine_ls_restr.pdbx_restraint_function 
r_bond_refined_d             0.013  0.014  ? 1359 'X-RAY DIFFRACTION' ? 
r_bond_other_d               0.001  0.014  ? 1104 'X-RAY DIFFRACTION' ? 
r_angle_refined_deg          1.810  1.637  ? 1710 'X-RAY DIFFRACTION' ? 
r_angle_other_deg            1.508  1.591  ? 2539 'X-RAY DIFFRACTION' ? 
r_dihedral_angle_1_deg       6.860  5.000  ? 163  'X-RAY DIFFRACTION' ? 
r_dihedral_angle_2_deg       33.828 21.385 ? 65   'X-RAY DIFFRACTION' ? 
r_dihedral_angle_3_deg       12.351 15.000 ? 181  'X-RAY DIFFRACTION' ? 
r_dihedral_angle_4_deg       24.215 15.000 ? 9    'X-RAY DIFFRACTION' ? 
r_chiral_restr               0.091  0.200  ? 154  'X-RAY DIFFRACTION' ? 
r_gen_planes_refined         0.011  0.020  ? 1555 'X-RAY DIFFRACTION' ? 
r_gen_planes_other           0.001  0.020  ? 307  'X-RAY DIFFRACTION' ? 
r_nbd_refined                ?      ?      ? ?    'X-RAY DIFFRACTION' ? 
r_nbd_other                  ?      ?      ? ?    'X-RAY DIFFRACTION' ? 
r_nbtor_refined              ?      ?      ? ?    'X-RAY DIFFRACTION' ? 
r_nbtor_other                ?      ?      ? ?    'X-RAY DIFFRACTION' ? 
r_xyhbond_nbd_refined        ?      ?      ? ?    'X-RAY DIFFRACTION' ? 
r_xyhbond_nbd_other          ?      ?      ? ?    'X-RAY DIFFRACTION' ? 
r_metal_ion_refined          ?      ?      ? ?    'X-RAY DIFFRACTION' ? 
r_metal_ion_other            ?      ?      ? ?    'X-RAY DIFFRACTION' ? 
r_symmetry_vdw_refined       ?      ?      ? ?    'X-RAY DIFFRACTION' ? 
r_symmetry_vdw_other         ?      ?      ? ?    'X-RAY DIFFRACTION' ? 
r_symmetry_hbond_refined     ?      ?      ? ?    'X-RAY DIFFRACTION' ? 
r_symmetry_hbond_other       ?      ?      ? ?    'X-RAY DIFFRACTION' ? 
r_symmetry_metal_ion_refined ?      ?      ? ?    'X-RAY DIFFRACTION' ? 
r_symmetry_metal_ion_other   ?      ?      ? ?    'X-RAY DIFFRACTION' ? 
r_mcbond_it                  1.345  1.475  ? 682  'X-RAY DIFFRACTION' ? 
r_mcbond_other               1.360  1.415  ? 665  'X-RAY DIFFRACTION' ? 
r_mcangle_it                 2.125  2.110  ? 793  'X-RAY DIFFRACTION' ? 
r_mcangle_other              2.132  2.120  ? 794  'X-RAY DIFFRACTION' ? 
r_scbond_it                  2.096  1.745  ? 675  'X-RAY DIFFRACTION' ? 
r_scbond_other               2.068  1.715  ? 674  'X-RAY DIFFRACTION' ? 
r_scangle_it                 ?      ?      ? ?    'X-RAY DIFFRACTION' ? 
r_scangle_other              3.020  2.455  ? 912  'X-RAY DIFFRACTION' ? 
r_long_range_B_refined       6.461  19.955 ? 1496 'X-RAY DIFFRACTION' ? 
r_long_range_B_other         6.458  19.975 ? 1497 'X-RAY DIFFRACTION' ? 
r_rigid_bond_restr           ?      ?      ? ?    'X-RAY DIFFRACTION' ? 
r_sphericity_free            ?      ?      ? ?    'X-RAY DIFFRACTION' ? 
r_sphericity_bonded          ?      ?      ? ?    'X-RAY DIFFRACTION' ? 
# 
_refine_ls_shell.pdbx_refine_id                   'X-RAY DIFFRACTION' 
_refine_ls_shell.pdbx_total_number_of_bins_used   20 
_refine_ls_shell.d_res_high                       1.190 
_refine_ls_shell.d_res_low                        1.221 
_refine_ls_shell.number_reflns_R_work             3390 
_refine_ls_shell.R_factor_R_work                  0.317 
_refine_ls_shell.percent_reflns_obs               98.02 
_refine_ls_shell.R_factor_R_free                  0.337 
_refine_ls_shell.R_factor_R_free_error            ? 
_refine_ls_shell.percent_reflns_R_free            ? 
_refine_ls_shell.number_reflns_R_free             174 
_refine_ls_shell.number_reflns_all                ? 
_refine_ls_shell.R_factor_all                     ? 
_refine_ls_shell.R_factor_obs                     ? 
_refine_ls_shell.number_reflns_obs                ? 
# 
_struct.entry_id                  7HOG 
_struct.title                     
;Group deposition for crystallographic fragment screening of Coxsackievirus A16 (G-10) 2A protease -- Crystal structure of Coxsackievirus A16 (G-10) 2A protease in complex with Z1216861874 (A71EV2A-x0525)
;
_struct.pdbx_model_details        ? 
_struct.pdbx_CASP_flag            ? 
_struct.pdbx_model_type_details   ? 
# 
_struct_keywords.entry_id        7HOG 
_struct_keywords.pdbx_keywords   'VIRAL PROTEIN' 
_struct_keywords.text            
;Diamond Light Source, I03, ASAP, Coxsackievirus A16, crystallographic fragment screening, PanDDA, Pandda2, XChemExplorer, VIRAL PROTEIN
;
# 
loop_
_struct_asym.id 
_struct_asym.pdbx_blank_PDB_chainid_flag 
_struct_asym.pdbx_modified 
_struct_asym.entity_id 
_struct_asym.details 
A N N 1 ? 
B N N 2 ? 
C N N 3 ? 
D N N 4 ? 
E N N 4 ? 
F N N 4 ? 
G N N 4 ? 
H N N 5 ? 
I N N 6 ? 
# 
_struct_ref.id                         1 
_struct_ref.db_name                    UNP 
_struct_ref.db_code                    POLG_CX16G 
_struct_ref.pdbx_db_accession          Q65900 
_struct_ref.pdbx_db_isoform            ? 
_struct_ref.entity_id                  1 
_struct_ref.pdbx_seq_one_letter_code   
;SGAIYVGNYRVVNRHLATHNDWANLVWEDSSRDLLVSSTTAQGCDTIARCDCQTGVYYCSSRRKHYPVSFSKPSLIFVEA
SEYYPARYQSHLMLAVGHSEPGDCGGILRCQHGVVGIVSTGGNGLVGFADVRDLLWLDEEAMEQ
;
_struct_ref.pdbx_align_begin           869 
# 
_struct_ref_seq.align_id                      1 
_struct_ref_seq.ref_id                        1 
_struct_ref_seq.pdbx_PDB_id_code              7HOG 
_struct_ref_seq.pdbx_strand_id                A 
_struct_ref_seq.seq_align_beg                 1 
_struct_ref_seq.pdbx_seq_align_beg_ins_code   ? 
_struct_ref_seq.seq_align_end                 144 
_struct_ref_seq.pdbx_seq_align_end_ins_code   ? 
_struct_ref_seq.pdbx_db_accession             Q65900 
_struct_ref_seq.db_align_beg                  869 
_struct_ref_seq.pdbx_db_align_beg_ins_code    ? 
_struct_ref_seq.db_align_end                  1012 
_struct_ref_seq.pdbx_db_align_end_ins_code    ? 
_struct_ref_seq.pdbx_auth_seq_align_beg       7 
_struct_ref_seq.pdbx_auth_seq_align_end       150 
# 
_pdbx_struct_assembly.id                   1 
_pdbx_struct_assembly.details              author_defined_assembly 
_pdbx_struct_assembly.method_details       ? 
_pdbx_struct_assembly.oligomeric_details   monomeric 
_pdbx_struct_assembly.oligomeric_count     1 
# 
_pdbx_struct_assembly_gen.assembly_id       1 
_pdbx_struct_assembly_gen.oper_expression   1 
_pdbx_struct_assembly_gen.asym_id_list      A,B,C,D,E,F,G,H,I 
# 
_pdbx_struct_oper_list.id                   1 
_pdbx_struct_oper_list.type                 'identity operation' 
_pdbx_struct_oper_list.name                 1_555 
_pdbx_struct_oper_list.symmetry_operation   x,y,z 
_pdbx_struct_oper_list.matrix[1][1]         1.0000000000 
_pdbx_struct_oper_list.matrix[1][2]         0.0000000000 
_pdbx_struct_oper_list.matrix[1][3]         0.0000000000 
_pdbx_struct_oper_list.vector[1]            0.0000000000 
_pdbx_struct_oper_list.matrix[2][1]         0.0000000000 
_pdbx_struct_oper_list.matrix[2][2]         1.0000000000 
_pdbx_struct_oper_list.matrix[2][3]         0.0000000000 
_pdbx_struct_oper_list.vector[2]            0.0000000000 
_pdbx_struct_oper_list.matrix[3][1]         0.0000000000 
_pdbx_struct_oper_list.matrix[3][2]         0.0000000000 
_pdbx_struct_oper_list.matrix[3][3]         1.0000000000 
_pdbx_struct_oper_list.vector[3]            0.0000000000 
# 
loop_
_struct_conf.conf_type_id 
_struct_conf.id 
_struct_conf.pdbx_PDB_helix_id 
_struct_conf.beg_label_comp_id 
_struct_conf.beg_label_asym_id 
_struct_conf.beg_label_seq_id 
_struct_conf.pdbx_beg_PDB_ins_code 
_struct_conf.end_label_comp_id 
_struct_conf.end_label_asym_id 
_struct_conf.end_label_seq_id 
_struct_conf.pdbx_end_PDB_ins_code 
_struct_conf.beg_auth_comp_id 
_struct_conf.beg_auth_asym_id 
_struct_conf.beg_auth_seq_id 
_struct_conf.end_auth_comp_id 
_struct_conf.end_auth_asym_id 
_struct_conf.end_auth_seq_id 
_struct_conf.pdbx_PDB_helix_class 
_struct_conf.details 
_struct_conf.pdbx_PDB_helix_length 
HELX_P HELX_P1 AA1 HIS A 15  ? ALA A 17  ? HIS A 21  ALA A 23  5 ? 3 
HELX_P HELX_P2 AA2 THR A 18  ? ASN A 24  ? THR A 24  ASN A 30  1 ? 7 
HELX_P HELX_P3 AA3 SER A 30  ? ARG A 32  ? SER A 36  ARG A 38  5 ? 3 
HELX_P HELX_P4 AA4 SER A 60  ? ARG A 63  ? SER A 66  ARG A 69  5 ? 4 
HELX_P HELX_P5 AA5 GLU A 100 ? CYS A 104 ? GLU A 106 CYS A 110 5 ? 5 
HELX_P HELX_P6 AA6 LEU A 134 ? GLU A 139 ? LEU A 140 GLU A 145 5 ? 6 
# 
_struct_conf_type.id          HELX_P 
_struct_conf_type.criteria    ? 
_struct_conf_type.reference   ? 
# 
loop_
_struct_conn.id 
_struct_conn.conn_type_id 
_struct_conn.pdbx_leaving_atom_flag 
_struct_conn.pdbx_PDB_id 
_struct_conn.ptnr1_label_asym_id 
_struct_conn.ptnr1_label_comp_id 
_struct_conn.ptnr1_label_seq_id 
_struct_conn.ptnr1_label_atom_id 
_struct_conn.pdbx_ptnr1_label_alt_id 
_struct_conn.pdbx_ptnr1_PDB_ins_code 
_struct_conn.pdbx_ptnr1_standard_comp_id 
_struct_conn.ptnr1_symmetry 
_struct_conn.ptnr2_label_asym_id 
_struct_conn.ptnr2_label_comp_id 
_struct_conn.ptnr2_label_seq_id 
_struct_conn.ptnr2_label_atom_id 
_struct_conn.pdbx_ptnr2_label_alt_id 
_struct_conn.pdbx_ptnr2_PDB_ins_code 
_struct_conn.ptnr1_auth_asym_id 
_struct_conn.ptnr1_auth_comp_id 
_struct_conn.ptnr1_auth_seq_id 
_struct_conn.ptnr2_auth_asym_id 
_struct_conn.ptnr2_auth_comp_id 
_struct_conn.ptnr2_auth_seq_id 
_struct_conn.ptnr2_symmetry 
_struct_conn.pdbx_ptnr3_label_atom_id 
_struct_conn.pdbx_ptnr3_label_seq_id 
_struct_conn.pdbx_ptnr3_label_comp_id 
_struct_conn.pdbx_ptnr3_label_asym_id 
_struct_conn.pdbx_ptnr3_label_alt_id 
_struct_conn.pdbx_ptnr3_PDB_ins_code 
_struct_conn.details 
_struct_conn.pdbx_dist_value 
_struct_conn.pdbx_value_order 
_struct_conn.pdbx_role 
metalc1 metalc ? ? A CYS 50  SG  ? ? ? 1_555 C ZN . ZN ? ? A CYS 56  A ZN 202 1_555 ? ? ? ? ? ? ? 2.312 ? ? 
metalc2 metalc ? ? A CYS 52  SG  ? ? ? 1_555 C ZN . ZN ? ? A CYS 58  A ZN 202 1_555 ? ? ? ? ? ? ? 2.305 ? ? 
metalc3 metalc ? ? A CYS 110 SG  ? ? ? 1_555 C ZN . ZN ? ? A CYS 116 A ZN 202 1_555 ? ? ? ? ? ? ? 2.288 ? ? 
metalc4 metalc ? ? A HIS 112 ND1 ? ? ? 1_555 C ZN . ZN ? ? A HIS 118 A ZN 202 1_555 ? ? ? ? ? ? ? 2.058 ? ? 
# 
_struct_conn_type.id          metalc 
_struct_conn_type.criteria    ? 
_struct_conn_type.reference   ? 
# 
loop_
_pdbx_struct_conn_angle.id 
_pdbx_struct_conn_angle.ptnr1_label_atom_id 
_pdbx_struct_conn_angle.ptnr1_label_alt_id 
_pdbx_struct_conn_angle.ptnr1_label_asym_id 
_pdbx_struct_conn_angle.ptnr1_label_comp_id 
_pdbx_struct_conn_angle.ptnr1_label_seq_id 
_pdbx_struct_conn_angle.ptnr1_auth_atom_id 
_pdbx_struct_conn_angle.ptnr1_auth_asym_id 
_pdbx_struct_conn_angle.ptnr1_auth_comp_id 
_pdbx_struct_conn_angle.ptnr1_auth_seq_id 
_pdbx_struct_conn_angle.ptnr1_PDB_ins_code 
_pdbx_struct_conn_angle.ptnr1_symmetry 
_pdbx_struct_conn_angle.ptnr2_label_atom_id 
_pdbx_struct_conn_angle.ptnr2_label_alt_id 
_pdbx_struct_conn_angle.ptnr2_label_asym_id 
_pdbx_struct_conn_angle.ptnr2_label_comp_id 
_pdbx_struct_conn_angle.ptnr2_label_seq_id 
_pdbx_struct_conn_angle.ptnr2_auth_atom_id 
_pdbx_struct_conn_angle.ptnr2_auth_asym_id 
_pdbx_struct_conn_angle.ptnr2_auth_comp_id 
_pdbx_struct_conn_angle.ptnr2_auth_seq_id 
_pdbx_struct_conn_angle.ptnr2_PDB_ins_code 
_pdbx_struct_conn_angle.ptnr2_symmetry 
_pdbx_struct_conn_angle.ptnr3_label_atom_id 
_pdbx_struct_conn_angle.ptnr3_label_alt_id 
_pdbx_struct_conn_angle.ptnr3_label_asym_id 
_pdbx_struct_conn_angle.ptnr3_label_comp_id 
_pdbx_struct_conn_angle.ptnr3_label_seq_id 
_pdbx_struct_conn_angle.ptnr3_auth_atom_id 
_pdbx_struct_conn_angle.ptnr3_auth_asym_id 
_pdbx_struct_conn_angle.ptnr3_auth_comp_id 
_pdbx_struct_conn_angle.ptnr3_auth_seq_id 
_pdbx_struct_conn_angle.ptnr3_PDB_ins_code 
_pdbx_struct_conn_angle.ptnr3_symmetry 
_pdbx_struct_conn_angle.value 
_pdbx_struct_conn_angle.value_esd 
1 SG ? A CYS 50  ? A CYS 56  ? 1_555 ZN ? C ZN . ? A ZN 202 ? 1_555 SG  ? A CYS 52  ? A CYS 58  ? 1_555 109.5 ? 
2 SG ? A CYS 50  ? A CYS 56  ? 1_555 ZN ? C ZN . ? A ZN 202 ? 1_555 SG  ? A CYS 110 ? A CYS 116 ? 1_555 106.6 ? 
3 SG ? A CYS 52  ? A CYS 58  ? 1_555 ZN ? C ZN . ? A ZN 202 ? 1_555 SG  ? A CYS 110 ? A CYS 116 ? 1_555 117.6 ? 
4 SG ? A CYS 50  ? A CYS 56  ? 1_555 ZN ? C ZN . ? A ZN 202 ? 1_555 ND1 ? A HIS 112 ? A HIS 118 ? 1_555 106.3 ? 
5 SG ? A CYS 52  ? A CYS 58  ? 1_555 ZN ? C ZN . ? A ZN 202 ? 1_555 ND1 ? A HIS 112 ? A HIS 118 ? 1_555 100.7 ? 
6 SG ? A CYS 110 ? A CYS 116 ? 1_555 ZN ? C ZN . ? A ZN 202 ? 1_555 ND1 ? A HIS 112 ? A HIS 118 ? 1_555 115.5 ? 
# 
loop_
_struct_sheet.id 
_struct_sheet.type 
_struct_sheet.number_strands 
_struct_sheet.details 
AA1 ? 4 ? 
AA2 ? 7 ? 
# 
loop_
_struct_sheet_order.sheet_id 
_struct_sheet_order.range_id_1 
_struct_sheet_order.range_id_2 
_struct_sheet_order.offset 
_struct_sheet_order.sense 
AA1 1 2 ? anti-parallel 
AA1 2 3 ? anti-parallel 
AA1 3 4 ? anti-parallel 
AA2 1 2 ? anti-parallel 
AA2 2 3 ? anti-parallel 
AA2 3 4 ? anti-parallel 
AA2 4 5 ? anti-parallel 
AA2 5 6 ? anti-parallel 
AA2 6 7 ? anti-parallel 
# 
loop_
_struct_sheet_range.sheet_id 
_struct_sheet_range.id 
_struct_sheet_range.beg_label_comp_id 
_struct_sheet_range.beg_label_asym_id 
_struct_sheet_range.beg_label_seq_id 
_struct_sheet_range.pdbx_beg_PDB_ins_code 
_struct_sheet_range.end_label_comp_id 
_struct_sheet_range.end_label_asym_id 
_struct_sheet_range.end_label_seq_id 
_struct_sheet_range.pdbx_end_PDB_ins_code 
_struct_sheet_range.beg_auth_comp_id 
_struct_sheet_range.beg_auth_asym_id 
_struct_sheet_range.beg_auth_seq_id 
_struct_sheet_range.end_auth_comp_id 
_struct_sheet_range.end_auth_asym_id 
_struct_sheet_range.end_auth_seq_id 
AA1 1 ILE A 4   ? VAL A 6   ? ILE A 10  VAL A 12  
AA1 2 TYR A 9   ? ASN A 13  ? TYR A 15  ASN A 19  
AA1 3 LEU A 34  ? SER A 38  ? LEU A 40  SER A 44  
AA1 4 LEU A 25  ? ASP A 29  ? LEU A 31  ASP A 35  
AA2 1 LYS A 64  ? SER A 69  ? LYS A 70  SER A 75  
AA2 2 THR A 54  ? CYS A 59  ? THR A 60  CYS A 65  
AA2 3 ILE A 107 ? CYS A 110 ? ILE A 113 CYS A 116 
AA2 4 GLY A 113 ? THR A 120 ? GLY A 119 THR A 126 
AA2 5 LEU A 125 ? ASP A 130 ? LEU A 131 ASP A 136 
AA2 6 ARG A 87  ? VAL A 96  ? ARG A 93  VAL A 102 
AA2 7 SER A 74  ? VAL A 78  ? SER A 80  VAL A 84  
# 
loop_
_pdbx_struct_sheet_hbond.sheet_id 
_pdbx_struct_sheet_hbond.range_id_1 
_pdbx_struct_sheet_hbond.range_id_2 
_pdbx_struct_sheet_hbond.range_1_label_atom_id 
_pdbx_struct_sheet_hbond.range_1_label_comp_id 
_pdbx_struct_sheet_hbond.range_1_label_asym_id 
_pdbx_struct_sheet_hbond.range_1_label_seq_id 
_pdbx_struct_sheet_hbond.range_1_PDB_ins_code 
_pdbx_struct_sheet_hbond.range_1_auth_atom_id 
_pdbx_struct_sheet_hbond.range_1_auth_comp_id 
_pdbx_struct_sheet_hbond.range_1_auth_asym_id 
_pdbx_struct_sheet_hbond.range_1_auth_seq_id 
_pdbx_struct_sheet_hbond.range_2_label_atom_id 
_pdbx_struct_sheet_hbond.range_2_label_comp_id 
_pdbx_struct_sheet_hbond.range_2_label_asym_id 
_pdbx_struct_sheet_hbond.range_2_label_seq_id 
_pdbx_struct_sheet_hbond.range_2_PDB_ins_code 
_pdbx_struct_sheet_hbond.range_2_auth_atom_id 
_pdbx_struct_sheet_hbond.range_2_auth_comp_id 
_pdbx_struct_sheet_hbond.range_2_auth_asym_id 
_pdbx_struct_sheet_hbond.range_2_auth_seq_id 
AA1 1 2 N ILE A 4   ? N ILE A 10  O VAL A 11  ? O VAL A 17  
AA1 2 3 N VAL A 12  ? N VAL A 18  O LEU A 35  ? O LEU A 41  
AA1 3 4 O VAL A 36  ? O VAL A 42  N TRP A 27  ? N TRP A 33  
AA2 1 2 O LYS A 64  ? O LYS A 70  N CYS A 59  ? N CYS A 65  
AA2 2 3 N VAL A 56  ? N VAL A 62  O ARG A 109 ? O ARG A 115 
AA2 3 4 N LEU A 108 ? N LEU A 114 O VAL A 115 ? O VAL A 121 
AA2 4 5 N SER A 119 ? N SER A 125 O GLY A 127 ? O GLY A 133 
AA2 5 6 O VAL A 126 ? O VAL A 132 N ALA A 95  ? N ALA A 101 
AA2 6 7 O ARG A 87  ? O ARG A 93  N VAL A 78  ? N VAL A 84  
# 
_pdbx_entry_details.entry_id                   7HOG 
_pdbx_entry_details.compound_details           ? 
_pdbx_entry_details.source_details             ? 
_pdbx_entry_details.nonpolymer_details         ? 
_pdbx_entry_details.sequence_details           ? 
_pdbx_entry_details.has_ligand_of_interest     Y 
_pdbx_entry_details.has_protein_modification   N 
# 
loop_
_pdbx_validate_close_contact.id 
_pdbx_validate_close_contact.PDB_model_num 
_pdbx_validate_close_contact.auth_atom_id_1 
_pdbx_validate_close_contact.auth_asym_id_1 
_pdbx_validate_close_contact.auth_comp_id_1 
_pdbx_validate_close_contact.auth_seq_id_1 
_pdbx_validate_close_contact.PDB_ins_code_1 
_pdbx_validate_close_contact.label_alt_id_1 
_pdbx_validate_close_contact.auth_atom_id_2 
_pdbx_validate_close_contact.auth_asym_id_2 
_pdbx_validate_close_contact.auth_comp_id_2 
_pdbx_validate_close_contact.auth_seq_id_2 
_pdbx_validate_close_contact.PDB_ins_code_2 
_pdbx_validate_close_contact.label_alt_id_2 
_pdbx_validate_close_contact.dist 
1 1 O   A HOH 464 ? ? O A HOH 495 ? ? 2.08 
2 1 O   A HOH 318 ? ? O A HOH 467 ? ? 2.13 
3 1 CB  A CYS 50  ? ? O A HOH 318 ? ? 2.14 
4 1 OH  A TYR 94  ? ? O A HOH 301 ? ? 2.16 
5 1 OE1 A GLU 106 ? ? O A HOH 302 ? ? 2.16 
# 
_pdbx_validate_symm_contact.id                1 
_pdbx_validate_symm_contact.PDB_model_num     1 
_pdbx_validate_symm_contact.auth_atom_id_1    O2 
_pdbx_validate_symm_contact.auth_asym_id_1    A 
_pdbx_validate_symm_contact.auth_comp_id_1    SO4 
_pdbx_validate_symm_contact.auth_seq_id_1     207 
_pdbx_validate_symm_contact.PDB_ins_code_1    ? 
_pdbx_validate_symm_contact.label_alt_id_1    ? 
_pdbx_validate_symm_contact.site_symmetry_1   1_555 
_pdbx_validate_symm_contact.auth_atom_id_2    O2 
_pdbx_validate_symm_contact.auth_asym_id_2    A 
_pdbx_validate_symm_contact.auth_comp_id_2    SO4 
_pdbx_validate_symm_contact.auth_seq_id_2     207 
_pdbx_validate_symm_contact.PDB_ins_code_2    ? 
_pdbx_validate_symm_contact.label_alt_id_2    ? 
_pdbx_validate_symm_contact.site_symmetry_2   2_556 
_pdbx_validate_symm_contact.dist              1.74 
# 
_pdbx_validate_rmsd_bond.id                        1 
_pdbx_validate_rmsd_bond.PDB_model_num             1 
_pdbx_validate_rmsd_bond.auth_atom_id_1            CD 
_pdbx_validate_rmsd_bond.auth_asym_id_1            A 
_pdbx_validate_rmsd_bond.auth_comp_id_1            GLU 
_pdbx_validate_rmsd_bond.auth_seq_id_1             106 
_pdbx_validate_rmsd_bond.PDB_ins_code_1            ? 
_pdbx_validate_rmsd_bond.label_alt_id_1            ? 
_pdbx_validate_rmsd_bond.auth_atom_id_2            OE2 
_pdbx_validate_rmsd_bond.auth_asym_id_2            A 
_pdbx_validate_rmsd_bond.auth_comp_id_2            GLU 
_pdbx_validate_rmsd_bond.auth_seq_id_2             106 
_pdbx_validate_rmsd_bond.PDB_ins_code_2            ? 
_pdbx_validate_rmsd_bond.label_alt_id_2            ? 
_pdbx_validate_rmsd_bond.bond_value                1.182 
_pdbx_validate_rmsd_bond.bond_target_value         1.252 
_pdbx_validate_rmsd_bond.bond_deviation            -0.070 
_pdbx_validate_rmsd_bond.bond_standard_deviation   0.011 
_pdbx_validate_rmsd_bond.linker_flag               N 
# 
_pdbx_validate_rmsd_angle.id                         1 
_pdbx_validate_rmsd_angle.PDB_model_num              1 
_pdbx_validate_rmsd_angle.auth_atom_id_1             NE 
_pdbx_validate_rmsd_angle.auth_asym_id_1             A 
_pdbx_validate_rmsd_angle.auth_comp_id_1             ARG 
_pdbx_validate_rmsd_angle.auth_seq_id_1              93 
_pdbx_validate_rmsd_angle.PDB_ins_code_1             ? 
_pdbx_validate_rmsd_angle.label_alt_id_1             ? 
_pdbx_validate_rmsd_angle.auth_atom_id_2             CZ 
_pdbx_validate_rmsd_angle.auth_asym_id_2             A 
_pdbx_validate_rmsd_angle.auth_comp_id_2             ARG 
_pdbx_validate_rmsd_angle.auth_seq_id_2              93 
_pdbx_validate_rmsd_angle.PDB_ins_code_2             ? 
_pdbx_validate_rmsd_angle.label_alt_id_2             ? 
_pdbx_validate_rmsd_angle.auth_atom_id_3             NH2 
_pdbx_validate_rmsd_angle.auth_asym_id_3             A 
_pdbx_validate_rmsd_angle.auth_comp_id_3             ARG 
_pdbx_validate_rmsd_angle.auth_seq_id_3              93 
_pdbx_validate_rmsd_angle.PDB_ins_code_3             ? 
_pdbx_validate_rmsd_angle.label_alt_id_3             ? 
_pdbx_validate_rmsd_angle.angle_value                116.51 
_pdbx_validate_rmsd_angle.angle_target_value         120.30 
_pdbx_validate_rmsd_angle.angle_deviation            -3.79 
_pdbx_validate_rmsd_angle.angle_standard_deviation   0.50 
_pdbx_validate_rmsd_angle.linker_flag                N 
# 
loop_
_pdbx_distant_solvent_atoms.id 
_pdbx_distant_solvent_atoms.PDB_model_num 
_pdbx_distant_solvent_atoms.auth_atom_id 
_pdbx_distant_solvent_atoms.label_alt_id 
_pdbx_distant_solvent_atoms.auth_asym_id 
_pdbx_distant_solvent_atoms.auth_comp_id 
_pdbx_distant_solvent_atoms.auth_seq_id 
_pdbx_distant_solvent_atoms.PDB_ins_code 
_pdbx_distant_solvent_atoms.neighbor_macromolecule_distance 
_pdbx_distant_solvent_atoms.neighbor_ligand_distance 
1 1 O ? A HOH 540 ? 6.16 . 
2 1 O ? A HOH 541 ? 8.04 . 
# 
loop_
_pdbx_unobs_or_zero_occ_residues.id 
_pdbx_unobs_or_zero_occ_residues.PDB_model_num 
_pdbx_unobs_or_zero_occ_residues.polymer_flag 
_pdbx_unobs_or_zero_occ_residues.occupancy_flag 
_pdbx_unobs_or_zero_occ_residues.auth_asym_id 
_pdbx_unobs_or_zero_occ_residues.auth_comp_id 
_pdbx_unobs_or_zero_occ_residues.auth_seq_id 
_pdbx_unobs_or_zero_occ_residues.PDB_ins_code 
_pdbx_unobs_or_zero_occ_residues.label_asym_id 
_pdbx_unobs_or_zero_occ_residues.label_comp_id 
_pdbx_unobs_or_zero_occ_residues.label_seq_id 
1 1 Y 1 A ALA 147 ? A ALA 141 
2 1 Y 1 A MET 148 ? A MET 142 
3 1 Y 1 A GLU 149 ? A GLU 143 
4 1 Y 1 A GLN 150 ? A GLN 144 
# 
loop_
_chem_comp_atom.comp_id 
_chem_comp_atom.atom_id 
_chem_comp_atom.type_symbol 
_chem_comp_atom.pdbx_aromatic_flag 
_chem_comp_atom.pdbx_stereo_config 
_chem_comp_atom.pdbx_ordinal 
ALA N    N  N N 1   
ALA CA   C  N S 2   
ALA C    C  N N 3   
ALA O    O  N N 4   
ALA CB   C  N N 5   
ALA OXT  O  N N 6   
ALA H    H  N N 7   
ALA H2   H  N N 8   
ALA HA   H  N N 9   
ALA HB1  H  N N 10  
ALA HB2  H  N N 11  
ALA HB3  H  N N 12  
ALA HXT  H  N N 13  
ARG N    N  N N 14  
ARG CA   C  N S 15  
ARG C    C  N N 16  
ARG O    O  N N 17  
ARG CB   C  N N 18  
ARG CG   C  N N 19  
ARG CD   C  N N 20  
ARG NE   N  N N 21  
ARG CZ   C  N N 22  
ARG NH1  N  N N 23  
ARG NH2  N  N N 24  
ARG OXT  O  N N 25  
ARG H    H  N N 26  
ARG H2   H  N N 27  
ARG HA   H  N N 28  
ARG HB2  H  N N 29  
ARG HB3  H  N N 30  
ARG HG2  H  N N 31  
ARG HG3  H  N N 32  
ARG HD2  H  N N 33  
ARG HD3  H  N N 34  
ARG HE   H  N N 35  
ARG HH11 H  N N 36  
ARG HH12 H  N N 37  
ARG HH21 H  N N 38  
ARG HH22 H  N N 39  
ARG HXT  H  N N 40  
ASN N    N  N N 41  
ASN CA   C  N S 42  
ASN C    C  N N 43  
ASN O    O  N N 44  
ASN CB   C  N N 45  
ASN CG   C  N N 46  
ASN OD1  O  N N 47  
ASN ND2  N  N N 48  
ASN OXT  O  N N 49  
ASN H    H  N N 50  
ASN H2   H  N N 51  
ASN HA   H  N N 52  
ASN HB2  H  N N 53  
ASN HB3  H  N N 54  
ASN HD21 H  N N 55  
ASN HD22 H  N N 56  
ASN HXT  H  N N 57  
ASP N    N  N N 58  
ASP CA   C  N S 59  
ASP C    C  N N 60  
ASP O    O  N N 61  
ASP CB   C  N N 62  
ASP CG   C  N N 63  
ASP OD1  O  N N 64  
ASP OD2  O  N N 65  
ASP OXT  O  N N 66  
ASP H    H  N N 67  
ASP H2   H  N N 68  
ASP HA   H  N N 69  
ASP HB2  H  N N 70  
ASP HB3  H  N N 71  
ASP HD2  H  N N 72  
ASP HXT  H  N N 73  
CYS N    N  N N 74  
CYS CA   C  N R 75  
CYS C    C  N N 76  
CYS O    O  N N 77  
CYS CB   C  N N 78  
CYS SG   S  N N 79  
CYS OXT  O  N N 80  
CYS H    H  N N 81  
CYS H2   H  N N 82  
CYS HA   H  N N 83  
CYS HB2  H  N N 84  
CYS HB3  H  N N 85  
CYS HG   H  N N 86  
CYS HXT  H  N N 87  
DMS S    S  N N 88  
DMS O    O  N N 89  
DMS C1   C  N N 90  
DMS C2   C  N N 91  
DMS H11  H  N N 92  
DMS H12  H  N N 93  
DMS H13  H  N N 94  
DMS H21  H  N N 95  
DMS H22  H  N N 96  
DMS H23  H  N N 97  
GLN N    N  N N 98  
GLN CA   C  N S 99  
GLN C    C  N N 100 
GLN O    O  N N 101 
GLN CB   C  N N 102 
GLN CG   C  N N 103 
GLN CD   C  N N 104 
GLN OE1  O  N N 105 
GLN NE2  N  N N 106 
GLN OXT  O  N N 107 
GLN H    H  N N 108 
GLN H2   H  N N 109 
GLN HA   H  N N 110 
GLN HB2  H  N N 111 
GLN HB3  H  N N 112 
GLN HG2  H  N N 113 
GLN HG3  H  N N 114 
GLN HE21 H  N N 115 
GLN HE22 H  N N 116 
GLN HXT  H  N N 117 
GLU N    N  N N 118 
GLU CA   C  N S 119 
GLU C    C  N N 120 
GLU O    O  N N 121 
GLU CB   C  N N 122 
GLU CG   C  N N 123 
GLU CD   C  N N 124 
GLU OE1  O  N N 125 
GLU OE2  O  N N 126 
GLU OXT  O  N N 127 
GLU H    H  N N 128 
GLU H2   H  N N 129 
GLU HA   H  N N 130 
GLU HB2  H  N N 131 
GLU HB3  H  N N 132 
GLU HG2  H  N N 133 
GLU HG3  H  N N 134 
GLU HE2  H  N N 135 
GLU HXT  H  N N 136 
GLY N    N  N N 137 
GLY CA   C  N N 138 
GLY C    C  N N 139 
GLY O    O  N N 140 
GLY OXT  O  N N 141 
GLY H    H  N N 142 
GLY H2   H  N N 143 
GLY HA2  H  N N 144 
GLY HA3  H  N N 145 
GLY HXT  H  N N 146 
HIS N    N  N N 147 
HIS CA   C  N S 148 
HIS C    C  N N 149 
HIS O    O  N N 150 
HIS CB   C  N N 151 
HIS CG   C  Y N 152 
HIS ND1  N  Y N 153 
HIS CD2  C  Y N 154 
HIS CE1  C  Y N 155 
HIS NE2  N  Y N 156 
HIS OXT  O  N N 157 
HIS H    H  N N 158 
HIS H2   H  N N 159 
HIS HA   H  N N 160 
HIS HB2  H  N N 161 
HIS HB3  H  N N 162 
HIS HD1  H  N N 163 
HIS HD2  H  N N 164 
HIS HE1  H  N N 165 
HIS HE2  H  N N 166 
HIS HXT  H  N N 167 
HOH O    O  N N 168 
HOH H1   H  N N 169 
HOH H2   H  N N 170 
ILE N    N  N N 171 
ILE CA   C  N S 172 
ILE C    C  N N 173 
ILE O    O  N N 174 
ILE CB   C  N S 175 
ILE CG1  C  N N 176 
ILE CG2  C  N N 177 
ILE CD1  C  N N 178 
ILE OXT  O  N N 179 
ILE H    H  N N 180 
ILE H2   H  N N 181 
ILE HA   H  N N 182 
ILE HB   H  N N 183 
ILE HG12 H  N N 184 
ILE HG13 H  N N 185 
ILE HG21 H  N N 186 
ILE HG22 H  N N 187 
ILE HG23 H  N N 188 
ILE HD11 H  N N 189 
ILE HD12 H  N N 190 
ILE HD13 H  N N 191 
ILE HXT  H  N N 192 
LEU N    N  N N 193 
LEU CA   C  N S 194 
LEU C    C  N N 195 
LEU O    O  N N 196 
LEU CB   C  N N 197 
LEU CG   C  N N 198 
LEU CD1  C  N N 199 
LEU CD2  C  N N 200 
LEU OXT  O  N N 201 
LEU H    H  N N 202 
LEU H2   H  N N 203 
LEU HA   H  N N 204 
LEU HB2  H  N N 205 
LEU HB3  H  N N 206 
LEU HG   H  N N 207 
LEU HD11 H  N N 208 
LEU HD12 H  N N 209 
LEU HD13 H  N N 210 
LEU HD21 H  N N 211 
LEU HD22 H  N N 212 
LEU HD23 H  N N 213 
LEU HXT  H  N N 214 
LYS N    N  N N 215 
LYS CA   C  N S 216 
LYS C    C  N N 217 
LYS O    O  N N 218 
LYS CB   C  N N 219 
LYS CG   C  N N 220 
LYS CD   C  N N 221 
LYS CE   C  N N 222 
LYS NZ   N  N N 223 
LYS OXT  O  N N 224 
LYS H    H  N N 225 
LYS H2   H  N N 226 
LYS HA   H  N N 227 
LYS HB2  H  N N 228 
LYS HB3  H  N N 229 
LYS HG2  H  N N 230 
LYS HG3  H  N N 231 
LYS HD2  H  N N 232 
LYS HD3  H  N N 233 
LYS HE2  H  N N 234 
LYS HE3  H  N N 235 
LYS HZ1  H  N N 236 
LYS HZ2  H  N N 237 
LYS HZ3  H  N N 238 
LYS HXT  H  N N 239 
MET N    N  N N 240 
MET CA   C  N S 241 
MET C    C  N N 242 
MET O    O  N N 243 
MET CB   C  N N 244 
MET CG   C  N N 245 
MET SD   S  N N 246 
MET CE   C  N N 247 
MET OXT  O  N N 248 
MET H    H  N N 249 
MET H2   H  N N 250 
MET HA   H  N N 251 
MET HB2  H  N N 252 
MET HB3  H  N N 253 
MET HG2  H  N N 254 
MET HG3  H  N N 255 
MET HE1  H  N N 256 
MET HE2  H  N N 257 
MET HE3  H  N N 258 
MET HXT  H  N N 259 
PHE N    N  N N 260 
PHE CA   C  N S 261 
PHE C    C  N N 262 
PHE O    O  N N 263 
PHE CB   C  N N 264 
PHE CG   C  Y N 265 
PHE CD1  C  Y N 266 
PHE CD2  C  Y N 267 
PHE CE1  C  Y N 268 
PHE CE2  C  Y N 269 
PHE CZ   C  Y N 270 
PHE OXT  O  N N 271 
PHE H    H  N N 272 
PHE H2   H  N N 273 
PHE HA   H  N N 274 
PHE HB2  H  N N 275 
PHE HB3  H  N N 276 
PHE HD1  H  N N 277 
PHE HD2  H  N N 278 
PHE HE1  H  N N 279 
PHE HE2  H  N N 280 
PHE HZ   H  N N 281 
PHE HXT  H  N N 282 
PRO N    N  N N 283 
PRO CA   C  N S 284 
PRO C    C  N N 285 
PRO O    O  N N 286 
PRO CB   C  N N 287 
PRO CG   C  N N 288 
PRO CD   C  N N 289 
PRO OXT  O  N N 290 
PRO H    H  N N 291 
PRO HA   H  N N 292 
PRO HB2  H  N N 293 
PRO HB3  H  N N 294 
PRO HG2  H  N N 295 
PRO HG3  H  N N 296 
PRO HD2  H  N N 297 
PRO HD3  H  N N 298 
PRO HXT  H  N N 299 
SER N    N  N N 300 
SER CA   C  N S 301 
SER C    C  N N 302 
SER O    O  N N 303 
SER CB   C  N N 304 
SER OG   O  N N 305 
SER OXT  O  N N 306 
SER H    H  N N 307 
SER H2   H  N N 308 
SER HA   H  N N 309 
SER HB2  H  N N 310 
SER HB3  H  N N 311 
SER HG   H  N N 312 
SER HXT  H  N N 313 
SO4 S    S  N N 314 
SO4 O1   O  N N 315 
SO4 O2   O  N N 316 
SO4 O3   O  N N 317 
SO4 O4   O  N N 318 
THR N    N  N N 319 
THR CA   C  N S 320 
THR C    C  N N 321 
THR O    O  N N 322 
THR CB   C  N R 323 
THR OG1  O  N N 324 
THR CG2  C  N N 325 
THR OXT  O  N N 326 
THR H    H  N N 327 
THR H2   H  N N 328 
THR HA   H  N N 329 
THR HB   H  N N 330 
THR HG1  H  N N 331 
THR HG21 H  N N 332 
THR HG22 H  N N 333 
THR HG23 H  N N 334 
THR HXT  H  N N 335 
TRP N    N  N N 336 
TRP CA   C  N S 337 
TRP C    C  N N 338 
TRP O    O  N N 339 
TRP CB   C  N N 340 
TRP CG   C  Y N 341 
TRP CD1  C  Y N 342 
TRP CD2  C  Y N 343 
TRP NE1  N  Y N 344 
TRP CE2  C  Y N 345 
TRP CE3  C  Y N 346 
TRP CZ2  C  Y N 347 
TRP CZ3  C  Y N 348 
TRP CH2  C  Y N 349 
TRP OXT  O  N N 350 
TRP H    H  N N 351 
TRP H2   H  N N 352 
TRP HA   H  N N 353 
TRP HB2  H  N N 354 
TRP HB3  H  N N 355 
TRP HD1  H  N N 356 
TRP HE1  H  N N 357 
TRP HE3  H  N N 358 
TRP HZ2  H  N N 359 
TRP HZ3  H  N N 360 
TRP HH2  H  N N 361 
TRP HXT  H  N N 362 
TYR N    N  N N 363 
TYR CA   C  N S 364 
TYR C    C  N N 365 
TYR O    O  N N 366 
TYR CB   C  N N 367 
TYR CG   C  Y N 368 
TYR CD1  C  Y N 369 
TYR CD2  C  Y N 370 
TYR CE1  C  Y N 371 
TYR CE2  C  Y N 372 
TYR CZ   C  Y N 373 
TYR OH   O  N N 374 
TYR OXT  O  N N 375 
TYR H    H  N N 376 
TYR H2   H  N N 377 
TYR HA   H  N N 378 
TYR HB2  H  N N 379 
TYR HB3  H  N N 380 
TYR HD1  H  N N 381 
TYR HD2  H  N N 382 
TYR HE1  H  N N 383 
TYR HE2  H  N N 384 
TYR HH   H  N N 385 
TYR HXT  H  N N 386 
VAL N    N  N N 387 
VAL CA   C  N S 388 
VAL C    C  N N 389 
VAL O    O  N N 390 
VAL CB   C  N N 391 
VAL CG1  C  N N 392 
VAL CG2  C  N N 393 
VAL OXT  O  N N 394 
VAL H    H  N N 395 
VAL H2   H  N N 396 
VAL HA   H  N N 397 
VAL HB   H  N N 398 
VAL HG11 H  N N 399 
VAL HG12 H  N N 400 
VAL HG13 H  N N 401 
VAL HG21 H  N N 402 
VAL HG22 H  N N 403 
VAL HG23 H  N N 404 
VAL HXT  H  N N 405 
YYI C4   C  N N 406 
YYI C5   C  N N 407 
YYI O1   O  N N 408 
YYI C3   C  N N 409 
YYI C2   C  N N 410 
YYI N    N  N N 411 
YYI C1   C  N N 412 
YYI O    O  N N 413 
YYI C    C  N N 414 
YYI F    F  N N 415 
YYI F1   F  N N 416 
YYI H1   H  N N 417 
YYI H2   H  N N 418 
YYI H3   H  N N 419 
YYI H4   H  N N 420 
YYI H5   H  N N 421 
ZN  ZN   ZN N N 422 
# 
loop_
_chem_comp_bond.comp_id 
_chem_comp_bond.atom_id_1 
_chem_comp_bond.atom_id_2 
_chem_comp_bond.value_order 
_chem_comp_bond.pdbx_aromatic_flag 
_chem_comp_bond.pdbx_stereo_config 
_chem_comp_bond.pdbx_ordinal 
ALA N   CA   sing N N 1   
ALA N   H    sing N N 2   
ALA N   H2   sing N N 3   
ALA CA  C    sing N N 4   
ALA CA  CB   sing N N 5   
ALA CA  HA   sing N N 6   
ALA C   O    doub N N 7   
ALA C   OXT  sing N N 8   
ALA CB  HB1  sing N N 9   
ALA CB  HB2  sing N N 10  
ALA CB  HB3  sing N N 11  
ALA OXT HXT  sing N N 12  
ARG N   CA   sing N N 13  
ARG N   H    sing N N 14  
ARG N   H2   sing N N 15  
ARG CA  C    sing N N 16  
ARG CA  CB   sing N N 17  
ARG CA  HA   sing N N 18  
ARG C   O    doub N N 19  
ARG C   OXT  sing N N 20  
ARG CB  CG   sing N N 21  
ARG CB  HB2  sing N N 22  
ARG CB  HB3  sing N N 23  
ARG CG  CD   sing N N 24  
ARG CG  HG2  sing N N 25  
ARG CG  HG3  sing N N 26  
ARG CD  NE   sing N N 27  
ARG CD  HD2  sing N N 28  
ARG CD  HD3  sing N N 29  
ARG NE  CZ   sing N N 30  
ARG NE  HE   sing N N 31  
ARG CZ  NH1  sing N N 32  
ARG CZ  NH2  doub N N 33  
ARG NH1 HH11 sing N N 34  
ARG NH1 HH12 sing N N 35  
ARG NH2 HH21 sing N N 36  
ARG NH2 HH22 sing N N 37  
ARG OXT HXT  sing N N 38  
ASN N   CA   sing N N 39  
ASN N   H    sing N N 40  
ASN N   H2   sing N N 41  
ASN CA  C    sing N N 42  
ASN CA  CB   sing N N 43  
ASN CA  HA   sing N N 44  
ASN C   O    doub N N 45  
ASN C   OXT  sing N N 46  
ASN CB  CG   sing N N 47  
ASN CB  HB2  sing N N 48  
ASN CB  HB3  sing N N 49  
ASN CG  OD1  doub N N 50  
ASN CG  ND2  sing N N 51  
ASN ND2 HD21 sing N N 52  
ASN ND2 HD22 sing N N 53  
ASN OXT HXT  sing N N 54  
ASP N   CA   sing N N 55  
ASP N   H    sing N N 56  
ASP N   H2   sing N N 57  
ASP CA  C    sing N N 58  
ASP CA  CB   sing N N 59  
ASP CA  HA   sing N N 60  
ASP C   O    doub N N 61  
ASP C   OXT  sing N N 62  
ASP CB  CG   sing N N 63  
ASP CB  HB2  sing N N 64  
ASP CB  HB3  sing N N 65  
ASP CG  OD1  doub N N 66  
ASP CG  OD2  sing N N 67  
ASP OD2 HD2  sing N N 68  
ASP OXT HXT  sing N N 69  
CYS N   CA   sing N N 70  
CYS N   H    sing N N 71  
CYS N   H2   sing N N 72  
CYS CA  C    sing N N 73  
CYS CA  CB   sing N N 74  
CYS CA  HA   sing N N 75  
CYS C   O    doub N N 76  
CYS C   OXT  sing N N 77  
CYS CB  SG   sing N N 78  
CYS CB  HB2  sing N N 79  
CYS CB  HB3  sing N N 80  
CYS SG  HG   sing N N 81  
CYS OXT HXT  sing N N 82  
DMS S   O    doub N N 83  
DMS S   C1   sing N N 84  
DMS S   C2   sing N N 85  
DMS C1  H11  sing N N 86  
DMS C1  H12  sing N N 87  
DMS C1  H13  sing N N 88  
DMS C2  H21  sing N N 89  
DMS C2  H22  sing N N 90  
DMS C2  H23  sing N N 91  
GLN N   CA   sing N N 92  
GLN N   H    sing N N 93  
GLN N   H2   sing N N 94  
GLN CA  C    sing N N 95  
GLN CA  CB   sing N N 96  
GLN CA  HA   sing N N 97  
GLN C   O    doub N N 98  
GLN C   OXT  sing N N 99  
GLN CB  CG   sing N N 100 
GLN CB  HB2  sing N N 101 
GLN CB  HB3  sing N N 102 
GLN CG  CD   sing N N 103 
GLN CG  HG2  sing N N 104 
GLN CG  HG3  sing N N 105 
GLN CD  OE1  doub N N 106 
GLN CD  NE2  sing N N 107 
GLN NE2 HE21 sing N N 108 
GLN NE2 HE22 sing N N 109 
GLN OXT HXT  sing N N 110 
GLU N   CA   sing N N 111 
GLU N   H    sing N N 112 
GLU N   H2   sing N N 113 
GLU CA  C    sing N N 114 
GLU CA  CB   sing N N 115 
GLU CA  HA   sing N N 116 
GLU C   O    doub N N 117 
GLU C   OXT  sing N N 118 
GLU CB  CG   sing N N 119 
GLU CB  HB2  sing N N 120 
GLU CB  HB3  sing N N 121 
GLU CG  CD   sing N N 122 
GLU CG  HG2  sing N N 123 
GLU CG  HG3  sing N N 124 
GLU CD  OE1  doub N N 125 
GLU CD  OE2  sing N N 126 
GLU OE2 HE2  sing N N 127 
GLU OXT HXT  sing N N 128 
GLY N   CA   sing N N 129 
GLY N   H    sing N N 130 
GLY N   H2   sing N N 131 
GLY CA  C    sing N N 132 
GLY CA  HA2  sing N N 133 
GLY CA  HA3  sing N N 134 
GLY C   O    doub N N 135 
GLY C   OXT  sing N N 136 
GLY OXT HXT  sing N N 137 
HIS N   CA   sing N N 138 
HIS N   H    sing N N 139 
HIS N   H2   sing N N 140 
HIS CA  C    sing N N 141 
HIS CA  CB   sing N N 142 
HIS CA  HA   sing N N 143 
HIS C   O    doub N N 144 
HIS C   OXT  sing N N 145 
HIS CB  CG   sing N N 146 
HIS CB  HB2  sing N N 147 
HIS CB  HB3  sing N N 148 
HIS CG  ND1  sing Y N 149 
HIS CG  CD2  doub Y N 150 
HIS ND1 CE1  doub Y N 151 
HIS ND1 HD1  sing N N 152 
HIS CD2 NE2  sing Y N 153 
HIS CD2 HD2  sing N N 154 
HIS CE1 NE2  sing Y N 155 
HIS CE1 HE1  sing N N 156 
HIS NE2 HE2  sing N N 157 
HIS OXT HXT  sing N N 158 
HOH O   H1   sing N N 159 
HOH O   H2   sing N N 160 
ILE N   CA   sing N N 161 
ILE N   H    sing N N 162 
ILE N   H2   sing N N 163 
ILE CA  C    sing N N 164 
ILE CA  CB   sing N N 165 
ILE CA  HA   sing N N 166 
ILE C   O    doub N N 167 
ILE C   OXT  sing N N 168 
ILE CB  CG1  sing N N 169 
ILE CB  CG2  sing N N 170 
ILE CB  HB   sing N N 171 
ILE CG1 CD1  sing N N 172 
ILE CG1 HG12 sing N N 173 
ILE CG1 HG13 sing N N 174 
ILE CG2 HG21 sing N N 175 
ILE CG2 HG22 sing N N 176 
ILE CG2 HG23 sing N N 177 
ILE CD1 HD11 sing N N 178 
ILE CD1 HD12 sing N N 179 
ILE CD1 HD13 sing N N 180 
ILE OXT HXT  sing N N 181 
LEU N   CA   sing N N 182 
LEU N   H    sing N N 183 
LEU N   H2   sing N N 184 
LEU CA  C    sing N N 185 
LEU CA  CB   sing N N 186 
LEU CA  HA   sing N N 187 
LEU C   O    doub N N 188 
LEU C   OXT  sing N N 189 
LEU CB  CG   sing N N 190 
LEU CB  HB2  sing N N 191 
LEU CB  HB3  sing N N 192 
LEU CG  CD1  sing N N 193 
LEU CG  CD2  sing N N 194 
LEU CG  HG   sing N N 195 
LEU CD1 HD11 sing N N 196 
LEU CD1 HD12 sing N N 197 
LEU CD1 HD13 sing N N 198 
LEU CD2 HD21 sing N N 199 
LEU CD2 HD22 sing N N 200 
LEU CD2 HD23 sing N N 201 
LEU OXT HXT  sing N N 202 
LYS N   CA   sing N N 203 
LYS N   H    sing N N 204 
LYS N   H2   sing N N 205 
LYS CA  C    sing N N 206 
LYS CA  CB   sing N N 207 
LYS CA  HA   sing N N 208 
LYS C   O    doub N N 209 
LYS C   OXT  sing N N 210 
LYS CB  CG   sing N N 211 
LYS CB  HB2  sing N N 212 
LYS CB  HB3  sing N N 213 
LYS CG  CD   sing N N 214 
LYS CG  HG2  sing N N 215 
LYS CG  HG3  sing N N 216 
LYS CD  CE   sing N N 217 
LYS CD  HD2  sing N N 218 
LYS CD  HD3  sing N N 219 
LYS CE  NZ   sing N N 220 
LYS CE  HE2  sing N N 221 
LYS CE  HE3  sing N N 222 
LYS NZ  HZ1  sing N N 223 
LYS NZ  HZ2  sing N N 224 
LYS NZ  HZ3  sing N N 225 
LYS OXT HXT  sing N N 226 
MET N   CA   sing N N 227 
MET N   H    sing N N 228 
MET N   H2   sing N N 229 
MET CA  C    sing N N 230 
MET CA  CB   sing N N 231 
MET CA  HA   sing N N 232 
MET C   O    doub N N 233 
MET C   OXT  sing N N 234 
MET CB  CG   sing N N 235 
MET CB  HB2  sing N N 236 
MET CB  HB3  sing N N 237 
MET CG  SD   sing N N 238 
MET CG  HG2  sing N N 239 
MET CG  HG3  sing N N 240 
MET SD  CE   sing N N 241 
MET CE  HE1  sing N N 242 
MET CE  HE2  sing N N 243 
MET CE  HE3  sing N N 244 
MET OXT HXT  sing N N 245 
PHE N   CA   sing N N 246 
PHE N   H    sing N N 247 
PHE N   H2   sing N N 248 
PHE CA  C    sing N N 249 
PHE CA  CB   sing N N 250 
PHE CA  HA   sing N N 251 
PHE C   O    doub N N 252 
PHE C   OXT  sing N N 253 
PHE CB  CG   sing N N 254 
PHE CB  HB2  sing N N 255 
PHE CB  HB3  sing N N 256 
PHE CG  CD1  doub Y N 257 
PHE CG  CD2  sing Y N 258 
PHE CD1 CE1  sing Y N 259 
PHE CD1 HD1  sing N N 260 
PHE CD2 CE2  doub Y N 261 
PHE CD2 HD2  sing N N 262 
PHE CE1 CZ   doub Y N 263 
PHE CE1 HE1  sing N N 264 
PHE CE2 CZ   sing Y N 265 
PHE CE2 HE2  sing N N 266 
PHE CZ  HZ   sing N N 267 
PHE OXT HXT  sing N N 268 
PRO N   CA   sing N N 269 
PRO N   CD   sing N N 270 
PRO N   H    sing N N 271 
PRO CA  C    sing N N 272 
PRO CA  CB   sing N N 273 
PRO CA  HA   sing N N 274 
PRO C   O    doub N N 275 
PRO C   OXT  sing N N 276 
PRO CB  CG   sing N N 277 
PRO CB  HB2  sing N N 278 
PRO CB  HB3  sing N N 279 
PRO CG  CD   sing N N 280 
PRO CG  HG2  sing N N 281 
PRO CG  HG3  sing N N 282 
PRO CD  HD2  sing N N 283 
PRO CD  HD3  sing N N 284 
PRO OXT HXT  sing N N 285 
SER N   CA   sing N N 286 
SER N   H    sing N N 287 
SER N   H2   sing N N 288 
SER CA  C    sing N N 289 
SER CA  CB   sing N N 290 
SER CA  HA   sing N N 291 
SER C   O    doub N N 292 
SER C   OXT  sing N N 293 
SER CB  OG   sing N N 294 
SER CB  HB2  sing N N 295 
SER CB  HB3  sing N N 296 
SER OG  HG   sing N N 297 
SER OXT HXT  sing N N 298 
SO4 S   O1   doub N N 299 
SO4 S   O2   doub N N 300 
SO4 S   O3   sing N N 301 
SO4 S   O4   sing N N 302 
THR N   CA   sing N N 303 
THR N   H    sing N N 304 
THR N   H2   sing N N 305 
THR CA  C    sing N N 306 
THR CA  CB   sing N N 307 
THR CA  HA   sing N N 308 
THR C   O    doub N N 309 
THR C   OXT  sing N N 310 
THR CB  OG1  sing N N 311 
THR CB  CG2  sing N N 312 
THR CB  HB   sing N N 313 
THR OG1 HG1  sing N N 314 
THR CG2 HG21 sing N N 315 
THR CG2 HG22 sing N N 316 
THR CG2 HG23 sing N N 317 
THR OXT HXT  sing N N 318 
TRP N   CA   sing N N 319 
TRP N   H    sing N N 320 
TRP N   H2   sing N N 321 
TRP CA  C    sing N N 322 
TRP CA  CB   sing N N 323 
TRP CA  HA   sing N N 324 
TRP C   O    doub N N 325 
TRP C   OXT  sing N N 326 
TRP CB  CG   sing N N 327 
TRP CB  HB2  sing N N 328 
TRP CB  HB3  sing N N 329 
TRP CG  CD1  doub Y N 330 
TRP CG  CD2  sing Y N 331 
TRP CD1 NE1  sing Y N 332 
TRP CD1 HD1  sing N N 333 
TRP CD2 CE2  doub Y N 334 
TRP CD2 CE3  sing Y N 335 
TRP NE1 CE2  sing Y N 336 
TRP NE1 HE1  sing N N 337 
TRP CE2 CZ2  sing Y N 338 
TRP CE3 CZ3  doub Y N 339 
TRP CE3 HE3  sing N N 340 
TRP CZ2 CH2  doub Y N 341 
TRP CZ2 HZ2  sing N N 342 
TRP CZ3 CH2  sing Y N 343 
TRP CZ3 HZ3  sing N N 344 
TRP CH2 HH2  sing N N 345 
TRP OXT HXT  sing N N 346 
TYR N   CA   sing N N 347 
TYR N   H    sing N N 348 
TYR N   H2   sing N N 349 
TYR CA  C    sing N N 350 
TYR CA  CB   sing N N 351 
TYR CA  HA   sing N N 352 
TYR C   O    doub N N 353 
TYR C   OXT  sing N N 354 
TYR CB  CG   sing N N 355 
TYR CB  HB2  sing N N 356 
TYR CB  HB3  sing N N 357 
TYR CG  CD1  doub Y N 358 
TYR CG  CD2  sing Y N 359 
TYR CD1 CE1  sing Y N 360 
TYR CD1 HD1  sing N N 361 
TYR CD2 CE2  doub Y N 362 
TYR CD2 HD2  sing N N 363 
TYR CE1 CZ   doub Y N 364 
TYR CE1 HE1  sing N N 365 
TYR CE2 CZ   sing Y N 366 
TYR CE2 HE2  sing N N 367 
TYR CZ  OH   sing N N 368 
TYR OH  HH   sing N N 369 
TYR OXT HXT  sing N N 370 
VAL N   CA   sing N N 371 
VAL N   H    sing N N 372 
VAL N   H2   sing N N 373 
VAL CA  C    sing N N 374 
VAL CA  CB   sing N N 375 
VAL CA  HA   sing N N 376 
VAL C   O    doub N N 377 
VAL C   OXT  sing N N 378 
VAL CB  CG1  sing N N 379 
VAL CB  CG2  sing N N 380 
VAL CB  HB   sing N N 381 
VAL CG1 HG11 sing N N 382 
VAL CG1 HG12 sing N N 383 
VAL CG1 HG13 sing N N 384 
VAL CG2 HG21 sing N N 385 
VAL CG2 HG22 sing N N 386 
VAL CG2 HG23 sing N N 387 
VAL OXT HXT  sing N N 388 
YYI F   C    sing N N 389 
YYI C5  N    doub N N 390 
YYI C5  C1   sing N N 391 
YYI O   C    sing N N 392 
YYI O   C1   sing N N 393 
YYI C   F1   sing N N 394 
YYI N   C4   sing N N 395 
YYI C1  C2   doub N N 396 
YYI C4  O1   doub N N 397 
YYI C4  C3   sing N N 398 
YYI C2  C3   sing N N 399 
YYI C5  H1   sing N N 400 
YYI C3  H2   sing N N 401 
YYI C3  H3   sing N N 402 
YYI C2  H4   sing N N 403 
YYI C   H5   sing N N 404 
# 
_pdbx_audit_support.funding_organization   
'National Institutes of Health/National Institute Of Allergy and Infectious Diseases (NIH/NIAID)' 
_pdbx_audit_support.country                'United States' 
_pdbx_audit_support.grant_number           U19AI171399 
_pdbx_audit_support.ordinal                1 
# 
_pdbx_deposit_group.group_id            G_1002323 
_pdbx_deposit_group.group_description   'Crystallographic fragment screening of Coxsackievirus A16 (G-10) 2A protease' 
_pdbx_deposit_group.group_title         
'Group deposition for crystallographic fragment screening of Coxsackievirus A16 (G-10) 2A protease' 
_pdbx_deposit_group.group_type          'changed state' 
# 
_atom_sites.entry_id                    7HOG 
_atom_sites.fract_transf_matrix[1][1]   0.00905243 
_atom_sites.fract_transf_matrix[1][2]   -0.00093070 
_atom_sites.fract_transf_matrix[1][3]   -0.00729820 
_atom_sites.fract_transf_matrix[2][1]   -0.01084294 
_atom_sites.fract_transf_matrix[2][2]   -0.00581050 
_atom_sites.fract_transf_matrix[2][3]   -0.01270822 
_atom_sites.fract_transf_matrix[3][1]   -0.00236655 
_atom_sites.fract_transf_matrix[3][2]   0.02880167 
_atom_sites.fract_transf_matrix[3][3]   -0.01114961 
_atom_sites.fract_transf_vector[1]      0.185917 
_atom_sites.fract_transf_vector[2]      0.124283 
_atom_sites.fract_transf_vector[3]      0.448615 
# 
loop_
_atom_type.symbol 
C  
F  
N  
O  
S  
ZN 
# 
loop_
_atom_site.group_PDB 
_atom_site.id 
_atom_site.type_symbol 
_atom_site.label_atom_id 
_atom_site.label_alt_id 
_atom_site.label_comp_id 
_atom_site.label_asym_id 
_atom_site.label_entity_id 
_atom_site.label_seq_id 
_atom_site.pdbx_PDB_ins_code 
_atom_site.Cartn_x 
_atom_site.Cartn_y 
_atom_site.Cartn_z 
_atom_site.occupancy 
_atom_site.B_iso_or_equiv 
_atom_site.pdbx_formal_charge 
_atom_site.auth_seq_id 
_atom_site.auth_comp_id 
_atom_site.auth_asym_id 
_atom_site.auth_atom_id 
_atom_site.pdbx_PDB_model_num 
ATOM   1    N  N   . SER A 1 1   ? 2.190   9.094   -5.338  1.00 16.56  ? 7   SER A N   1 
ATOM   2    C  CA  . SER A 1 1   ? 3.113   8.118   -5.839  1.00 16.23  ? 7   SER A CA  1 
ATOM   3    C  C   . SER A 1 1   ? 3.934   7.546   -4.689  1.00 15.81  ? 7   SER A C   1 
ATOM   4    O  O   . SER A 1 1   ? 3.977   8.120   -3.585  1.00 17.42  ? 7   SER A O   1 
ATOM   5    C  CB  . SER A 1 1   ? 4.004   8.717   -6.898  1.00 19.76  ? 7   SER A CB  1 
ATOM   6    O  OG  . SER A 1 1   ? 4.748   9.751   -6.305  1.00 22.55  ? 7   SER A OG  1 
ATOM   7    N  N   . GLY A 1 2   ? 4.556   6.422   -4.958  1.00 14.86  ? 8   GLY A N   1 
ATOM   8    C  CA  . GLY A 1 2   ? 5.454   5.778   -4.009  1.00 14.56  ? 8   GLY A CA  1 
ATOM   9    C  C   . GLY A 1 2   ? 5.466   4.273   -4.152  1.00 13.64  ? 8   GLY A C   1 
ATOM   10   O  O   . GLY A 1 2   ? 4.525   3.694   -4.640  1.00 15.72  ? 8   GLY A O   1 
ATOM   11   N  N   . ALA A 1 3   ? 6.523   3.658   -3.658  1.00 13.11  ? 9   ALA A N   1 
ATOM   12   C  CA  . ALA A 1 3   ? 6.740   2.217   -3.761  1.00 12.65  ? 9   ALA A CA  1 
ATOM   13   C  C   . ALA A 1 3   ? 7.374   1.697   -2.482  1.00 12.25  ? 9   ALA A C   1 
ATOM   14   O  O   . ALA A 1 3   ? 8.038   2.478   -1.758  1.00 13.75  ? 9   ALA A O   1 
ATOM   15   C  CB  . ALA A 1 3   ? 7.569   1.843   -4.964  1.00 13.85  ? 9   ALA A CB  1 
ATOM   16   N  N   . ILE A 1 4   ? 7.297   0.398   -2.308  1.00 12.44  ? 10  ILE A N   1 
ATOM   17   C  CA  . ILE A 1 4   ? 8.112   -0.354  -1.323  1.00 13.13  ? 10  ILE A CA  1 
ATOM   18   C  C   . ILE A 1 4   ? 9.193   -1.091  -2.101  1.00 14.68  ? 10  ILE A C   1 
ATOM   19   O  O   . ILE A 1 4   ? 8.854   -1.752  -3.095  1.00 15.00  ? 10  ILE A O   1 
ATOM   20   C  CB  . ILE A 1 4   ? 7.260   -1.351  -0.501  1.00 12.54  ? 10  ILE A CB  1 
ATOM   21   C  CG1 . ILE A 1 4   ? 6.003   -0.723  0.115   1.00 13.67  ? 10  ILE A CG1 1 
ATOM   22   C  CG2 . ILE A 1 4   ? 8.131   -1.943  0.596   1.00 13.84  ? 10  ILE A CG2 1 
ATOM   23   C  CD1 . ILE A 1 4   ? 4.984   -1.739  0.557   1.00 13.28  ? 10  ILE A CD1 1 
ATOM   24   N  N   . TYR A 1 5   ? 10.418  -1.077  -1.593  1.00 15.92  ? 11  TYR A N   1 
ATOM   25   C  CA  . TYR A 1 5   ? 11.568  -1.751  -2.222  1.00 17.64  ? 11  TYR A CA  1 
ATOM   26   C  C   . TYR A 1 5   ? 12.086  -2.739  -1.197  1.00 16.28  ? 11  TYR A C   1 
ATOM   27   O  O   . TYR A 1 5   ? 12.806  -2.272  -0.286  1.00 18.07  ? 11  TYR A O   1 
ATOM   28   C  CB  . TYR A 1 5   ? 12.644  -0.753  -2.665  1.00 17.94  ? 11  TYR A CB  1 
ATOM   29   C  CG  . TYR A 1 5   ? 12.137  0.129   -3.779  1.00 18.09  ? 11  TYR A CG  1 
ATOM   30   C  CD1 . TYR A 1 5   ? 12.135  -0.308  -5.093  1.00 18.65  ? 11  TYR A CD1 1 
ATOM   31   C  CD2 . TYR A 1 5   ? 11.695  1.395   -3.531  1.00 18.30  ? 11  TYR A CD2 1 
ATOM   32   C  CE1 . TYR A 1 5   ? 11.617  0.470   -6.115  1.00 16.70  ? 11  TYR A CE1 1 
ATOM   33   C  CE2 . TYR A 1 5   ? 11.191  2.208   -4.539  1.00 19.37  ? 11  TYR A CE2 1 
ATOM   34   C  CZ  . TYR A 1 5   ? 11.180  1.747   -5.847  1.00 16.98  ? 11  TYR A CZ  1 
ATOM   35   O  OH  . TYR A 1 5   ? 10.659  2.566   -6.840  1.00 18.66  ? 11  TYR A OH  1 
ATOM   36   N  N   . VAL A 1 6   ? 11.767  -3.979  -1.387  1.00 16.48  ? 12  VAL A N   1 
ATOM   37   C  CA  . VAL A 1 6   ? 12.197  -5.081  -0.490  1.00 16.59  ? 12  VAL A CA  1 
ATOM   38   C  C   . VAL A 1 6   ? 12.877  -6.167  -1.323  1.00 19.47  ? 12  VAL A C   1 
ATOM   39   O  O   . VAL A 1 6   ? 12.302  -6.701  -2.285  1.00 19.16  ? 12  VAL A O   1 
ATOM   40   C  CB  . VAL A 1 6   ? 11.020  -5.597  0.363   1.00 16.88  ? 12  VAL A CB  1 
ATOM   41   C  CG1 . VAL A 1 6   ? 9.812   -6.072  -0.417  1.00 15.56  ? 12  VAL A CG1 1 
ATOM   42   C  CG2 . VAL A 1 6   ? 11.509  -6.668  1.290   1.00 17.07  ? 12  VAL A CG2 1 
ATOM   43   N  N   . GLY A 1 7   ? 14.076  -6.607  -0.902  1.00 21.40  ? 13  GLY A N   1 
ATOM   44   C  CA  . GLY A 1 7   ? 14.864  -7.521  -1.738  1.00 22.43  ? 13  GLY A CA  1 
ATOM   45   C  C   . GLY A 1 7   ? 14.957  -6.987  -3.178  1.00 17.88  ? 13  GLY A C   1 
ATOM   46   O  O   . GLY A 1 7   ? 15.324  -5.817  -3.312  1.00 20.73  ? 13  GLY A O   1 
ATOM   47   N  N   . ASN A 1 8   ? 14.576  -7.853  -4.100  1.00 21.34  ? 14  ASN A N   1 
ATOM   48   C  CA  . ASN A 1 8   ? 14.606  -7.547  -5.548  1.00 24.09  ? 14  ASN A CA  1 
ATOM   49   C  C   . ASN A 1 8   ? 13.163  -7.414  -6.039  1.00 23.68  ? 14  ASN A C   1 
ATOM   50   O  O   . ASN A 1 8   ? 12.801  -7.933  -7.137  1.00 22.27  ? 14  ASN A O   1 
ATOM   51   C  CB  . ASN A 1 8   ? 15.510  -8.529  -6.294  1.00 26.34  ? 14  ASN A CB  1 
ATOM   52   C  CG  . ASN A 1 8   ? 16.984  -8.222  -6.061  1.00 28.42  ? 14  ASN A CG  1 
ATOM   53   O  OD1 . ASN A 1 8   ? 17.607  -7.448  -6.778  1.00 32.11  ? 14  ASN A OD1 1 
ATOM   54   N  ND2 . ASN A 1 8   ? 17.528  -8.732  -4.973  1.00 26.20  ? 14  ASN A ND2 1 
ATOM   55   N  N   . TYR A 1 9   ? 12.326  -6.832  -5.170  1.00 20.93  ? 15  TYR A N   1 
ATOM   56   C  CA  . TYR A 1 9   ? 10.901  -6.566  -5.462  1.00 18.02  ? 15  TYR A CA  1 
ATOM   57   C  C   . TYR A 1 9   ? 10.624  -5.076  -5.292  1.00 15.44  ? 15  TYR A C   1 
ATOM   58   O  O   . TYR A 1 9   ? 11.137  -4.352  -4.427  1.00 16.20  ? 15  TYR A O   1 
ATOM   59   C  CB  . TYR A 1 9   ? 9.974   -7.362  -4.530  1.00 18.10  ? 15  TYR A CB  1 
ATOM   60   C  CG  . TYR A 1 9   ? 10.143  -8.854  -4.621  1.00 18.88  ? 15  TYR A CG  1 
ATOM   61   C  CD1 . TYR A 1 9   ? 9.928   -9.531  -5.810  1.00 19.71  ? 15  TYR A CD1 1 
ATOM   62   C  CD2 . TYR A 1 9   ? 10.473  -9.623  -3.501  1.00 19.95  ? 15  TYR A CD2 1 
ATOM   63   C  CE1 . TYR A 1 9   ? 10.054  -10.907 -5.927  1.00 22.12  ? 15  TYR A CE1 1 
ATOM   64   C  CE2 . TYR A 1 9   ? 10.581  -10.994 -3.605  1.00 19.48  ? 15  TYR A CE2 1 
ATOM   65   C  CZ  . TYR A 1 9   ? 10.369  -11.649 -4.804  1.00 22.92  ? 15  TYR A CZ  1 
ATOM   66   O  OH  . TYR A 1 9   ? 10.479  -13.006 -4.911  1.00 28.75  ? 15  TYR A OH  1 
ATOM   67   N  N   . ARG A 1 10  ? 9.744   -4.580  -6.178  1.00 14.97  ? 16  ARG A N   1 
ATOM   68   C  CA  . ARG A 1 10  ? 9.175   -3.231  -6.138  1.00 14.78  ? 16  ARG A CA  1 
ATOM   69   C  C   . ARG A 1 10  ? 7.668   -3.403  -6.025  1.00 14.29  ? 16  ARG A C   1 
ATOM   70   O  O   . ARG A 1 10  ? 7.059   -4.091  -6.865  1.00 14.88  ? 16  ARG A O   1 
ATOM   71   C  CB  . ARG A 1 10  ? 9.508   -2.422  -7.402  1.00 15.17  ? 16  ARG A CB  1 
ATOM   72   C  CG  . ARG A 1 10  ? 8.671   -1.168  -7.619  1.00 15.67  ? 16  ARG A CG  1 
ATOM   73   C  CD  . ARG A 1 10  ? 9.230   -0.402  -8.837  1.00 16.28  ? 16  ARG A CD  1 
ATOM   74   N  NE  . ARG A 1 10  ? 8.216   0.260   -9.637  1.00 15.29  ? 16  ARG A NE  1 
ATOM   75   C  CZ  . ARG A 1 10  ? 7.765   1.467   -9.469  1.00 14.66  ? 16  ARG A CZ  1 
ATOM   76   N  NH1 . ARG A 1 10  ? 8.248   2.260   -8.517  1.00 16.50  ? 16  ARG A NH1 1 
ATOM   77   N  NH2 . ARG A 1 10  ? 6.820   1.914   -10.275 1.00 15.86  ? 16  ARG A NH2 1 
ATOM   78   N  N   . VAL A 1 11  ? 7.093   -2.875  -4.941  1.00 12.21  ? 17  VAL A N   1 
ATOM   79   C  CA  . VAL A 1 11  ? 5.650   -2.995  -4.627  1.00 11.70  ? 17  VAL A CA  1 
ATOM   80   C  C   . VAL A 1 11  ? 5.027   -1.639  -4.854  1.00 11.87  ? 17  VAL A C   1 
ATOM   81   O  O   . VAL A 1 11  ? 5.398   -0.645  -4.200  1.00 12.34  ? 17  VAL A O   1 
ATOM   82   C  CB  . VAL A 1 11  ? 5.379   -3.444  -3.184  1.00 11.79  ? 17  VAL A CB  1 
ATOM   83   C  CG1 . VAL A 1 11  ? 3.878   -3.720  -3.034  1.00 12.78  ? 17  VAL A CG1 1 
ATOM   84   C  CG2 . VAL A 1 11  ? 6.264   -4.610  -2.809  1.00 12.44  ? 17  VAL A CG2 1 
ATOM   85   N  N   . VAL A 1 12  ? 4.102   -1.580  -5.793  1.00 12.31  ? 18  VAL A N   1 
ATOM   86   C  CA  . VAL A 1 12  ? 3.414   -0.338  -6.171  1.00 11.89  ? 18  VAL A CA  1 
ATOM   87   C  C   . VAL A 1 12  ? 1.916   -0.547  -6.176  1.00 10.38  ? 18  VAL A C   1 
ATOM   88   O  O   . VAL A 1 12  ? 1.412   -1.658  -6.241  1.00 11.57  ? 18  VAL A O   1 
ATOM   89   C  CB  . VAL A 1 12  ? 3.884   0.170   -7.549  1.00 12.86  ? 18  VAL A CB  1 
ATOM   90   C  CG1 . VAL A 1 12  ? 5.307   0.672   -7.415  1.00 16.86  ? 18  VAL A CG1 1 
ATOM   91   C  CG2 . VAL A 1 12  ? 3.692   -0.817  -8.695  1.00 13.58  ? 18  VAL A CG2 1 
ATOM   92   N  N   . ASN A 1 13  ? 1.210   0.578   -6.114  1.00 10.44  ? 19  ASN A N   1 
ATOM   93   C  CA  . ASN A 1 13  ? -0.239  0.508   -6.413  1.00 10.98  ? 19  ASN A CA  1 
ATOM   94   C  C   . ASN A 1 13  ? -0.424  -0.027  -7.827  1.00 10.93  ? 19  ASN A C   1 
ATOM   95   O  O   . ASN A 1 13  ? 0.202   0.501   -8.755  1.00 11.35  ? 19  ASN A O   1 
ATOM   96   C  CB  . ASN A 1 13  ? -0.903  1.865   -6.315  1.00 10.95  ? 19  ASN A CB  1 
ATOM   97   C  CG  . ASN A 1 13  ? -0.825  2.458   -4.934  1.00 10.44  ? 19  ASN A CG  1 
ATOM   98   O  OD1 . ASN A 1 13  ? 0.067   3.228   -4.647  1.00 11.39  ? 19  ASN A OD1 1 
ATOM   99   N  ND2 . ASN A 1 13  ? -1.790  2.141   -4.106  1.00 11.75  ? 19  ASN A ND2 1 
ATOM   100  N  N   . ARG A 1 14  ? -1.282  -1.013  -7.995  1.00 10.85  ? 20  ARG A N   1 
ATOM   101  C  CA  . ARG A 1 14  ? -1.497  -1.583  -9.339  1.00 11.76  ? 20  ARG A CA  1 
ATOM   102  C  C   . ARG A 1 14  ? -1.896  -0.484  -10.318 1.00 12.36  ? 20  ARG A C   1 
ATOM   103  O  O   . ARG A 1 14  ? -1.395  -0.498  -11.478 1.00 11.65  ? 20  ARG A O   1 
ATOM   104  C  CB  . ARG A 1 14  ? -2.569  -2.661  -9.317  1.00 11.61  ? 20  ARG A CB  1 
ATOM   105  C  CG  . ARG A 1 14  ? -2.661  -3.479  -10.602 1.00 12.61  ? 20  ARG A CG  1 
ATOM   106  C  CD  . ARG A 1 14  ? -3.764  -4.489  -10.490 1.00 13.71  ? 20  ARG A CD  1 
ATOM   107  N  NE  . ARG A 1 14  ? -3.972  -5.362  -11.637 1.00 14.88  ? 20  ARG A NE  1 
ATOM   108  C  CZ  . ARG A 1 14  ? -4.662  -5.042  -12.710 1.00 13.93  ? 20  ARG A CZ  1 
ATOM   109  N  NH1 . ARG A 1 14  ? -5.201  -3.852  -12.868 1.00 16.86  ? 20  ARG A NH1 1 
ATOM   110  N  NH2 . ARG A 1 14  ? -4.861  -5.966  -13.648 1.00 16.83  ? 20  ARG A NH2 1 
ATOM   111  N  N   . HIS A 1 15  ? -2.687  0.486   -9.888  1.00 11.71  ? 21  HIS A N   1 
ATOM   112  C  CA  . HIS A 1 15  ? -3.198  1.525   -10.818 1.00 12.05  ? 21  HIS A CA  1 
ATOM   113  C  C   . HIS A 1 15  ? -2.089  2.481   -11.214 1.00 11.78  ? 21  HIS A C   1 
ATOM   114  O  O   . HIS A 1 15  ? -2.322  3.250   -12.165 1.00 13.48  ? 21  HIS A O   1 
ATOM   115  C  CB  . HIS A 1 15  ? -4.451  2.222   -10.279 1.00 12.42  ? 21  HIS A CB  1 
ATOM   116  C  CG  . HIS A 1 15  ? -4.171  3.152   -9.141  1.00 12.59  ? 21  HIS A CG  1 
ATOM   117  N  ND1 . HIS A 1 15  ? -4.176  2.745   -7.811  1.00 12.38  ? 21  HIS A ND1 1 
ATOM   118  C  CD2 . HIS A 1 15  ? -3.967  4.487   -9.141  1.00 13.41  ? 21  HIS A CD2 1 
ATOM   119  C  CE1 . HIS A 1 15  ? -3.961  3.814   -7.066  1.00 12.75  ? 21  HIS A CE1 1 
ATOM   120  N  NE2 . HIS A 1 15  ? -3.806  4.877   -7.827  1.00 13.95  ? 21  HIS A NE2 1 
ATOM   121  N  N   . LEU A 1 16  ? -0.949  2.508   -10.555 1.00 10.75  ? 22  LEU A N   1 
ATOM   122  C  CA  . LEU A 1 16  ? 0.200   3.372   -10.883 1.00 11.40  ? 22  LEU A CA  1 
ATOM   123  C  C   . LEU A 1 16  ? 1.341   2.572   -11.477 1.00 11.85  ? 22  LEU A C   1 
ATOM   124  O  O   . LEU A 1 16  ? 2.389   3.193   -11.749 1.00 13.30  ? 22  LEU A O   1 
ATOM   125  C  CB  . LEU A 1 16  ? 0.661   4.090   -9.623  1.00 11.97  ? 22  LEU A CB  1 
ATOM   126  C  CG  . LEU A 1 16  ? -0.367  5.039   -9.016  1.00 12.15  ? 22  LEU A CG  1 
ATOM   127  C  CD1 . LEU A 1 16  ? 0.176   5.760   -7.782  1.00 12.50  ? 22  LEU A CD1 1 
ATOM   128  C  CD2 . LEU A 1 16  ? -0.818  6.104   -10.039 1.00 14.10  ? 22  LEU A CD2 1 
ATOM   129  N  N   . ALA A 1 17  ? 1.180   1.274   -11.711 1.00 11.21  ? 23  ALA A N   1 
ATOM   130  C  CA  . ALA A 1 17  ? 2.259   0.456   -12.302 1.00 12.22  ? 23  ALA A CA  1 
ATOM   131  C  C   . ALA A 1 17  ? 2.600   0.999   -13.686 1.00 12.10  ? 23  ALA A C   1 
ATOM   132  O  O   . ALA A 1 17  ? 1.680   1.415   -14.414 1.00 14.32  ? 23  ALA A O   1 
ATOM   133  C  CB  . ALA A 1 17  ? 1.845   -0.990  -12.333 1.00 12.69  ? 23  ALA A CB  1 
ATOM   134  N  N   . THR A 1 18  ? 3.856   0.936   -14.038 1.00 12.85  ? 24  THR A N   1 
ATOM   135  C  CA  . THR A 1 18  ? 4.351   1.431   -15.329 1.00 13.23  ? 24  THR A CA  1 
ATOM   136  C  C   . THR A 1 18  ? 4.416   0.277   -16.312 1.00 13.88  ? 24  THR A C   1 
ATOM   137  O  O   . THR A 1 18  ? 4.256   -0.888  -15.959 1.00 12.94  ? 24  THR A O   1 
ATOM   138  C  CB  . THR A 1 18  ? 5.747   2.046   -15.158 1.00 13.20  ? 24  THR A CB  1 
ATOM   139  O  OG1 . THR A 1 18  ? 6.668   1.035   -14.778 1.00 14.77  ? 24  THR A OG1 1 
ATOM   140  C  CG2 . THR A 1 18  ? 5.759   3.201   -14.184 1.00 15.46  ? 24  THR A CG2 1 
ATOM   141  N  N   . HIS A 1 19  ? 4.682   0.611   -17.591 1.00 13.45  ? 25  HIS A N   1 
ATOM   142  C  CA  . HIS A 1 19  ? 4.928   -0.462  -18.568 1.00 15.65  ? 25  HIS A CA  1 
ATOM   143  C  C   . HIS A 1 19  ? 6.113   -1.324  -18.113 1.00 15.00  ? 25  HIS A C   1 
ATOM   144  O  O   . HIS A 1 19  ? 6.033   -2.534  -18.238 1.00 14.93  ? 25  HIS A O   1 
ATOM   145  C  CB  . HIS A 1 19  ? 5.111   0.110   -19.989 1.00 16.58  ? 25  HIS A CB  1 
ATOM   146  C  CG  . HIS A 1 19  ? 5.777   -0.875  -20.900 1.00 19.19  ? 25  HIS A CG  1 
ATOM   147  N  ND1 . HIS A 1 19  ? 5.099   -1.925  -21.489 1.00 20.54  ? 25  HIS A ND1 1 
ATOM   148  C  CD2 . HIS A 1 19  ? 7.100   -1.082  -21.207 1.00 22.34  ? 25  HIS A CD2 1 
ATOM   149  C  CE1 . HIS A 1 19  ? 5.917   -2.635  -22.214 1.00 22.87  ? 25  HIS A CE1 1 
ATOM   150  N  NE2 . HIS A 1 19  ? 7.167   -2.177  -22.022 1.00 24.68  ? 25  HIS A NE2 1 
ATOM   151  N  N   . ASN A 1 20  ? 7.167   -0.724  -17.576 1.00 15.10  ? 26  ASN A N   1 
ATOM   152  C  CA  . ASN A 1 20  ? 8.331   -1.509  -17.127 1.00 15.92  ? 26  ASN A CA  1 
ATOM   153  C  C   . ASN A 1 20  ? 7.922   -2.452  -15.974 1.00 14.58  ? 26  ASN A C   1 
ATOM   154  O  O   . ASN A 1 20  ? 8.391   -3.577  -15.905 1.00 15.19  ? 26  ASN A O   1 
ATOM   155  C  CB  . ASN A 1 20  ? 9.467   -0.604  -16.663 1.00 18.38  ? 26  ASN A CB  1 
ATOM   156  C  CG  . ASN A 1 20  ? 10.694  -1.424  -16.312 1.00 24.29  ? 26  ASN A CG  1 
ATOM   157  O  OD1 . ASN A 1 20  ? 11.362  -1.933  -17.209 1.00 29.22  ? 26  ASN A OD1 1 
ATOM   158  N  ND2 . ASN A 1 20  ? 10.931  -1.677  -15.034 1.00 27.45  ? 26  ASN A ND2 1 
ATOM   159  N  N   . ASP A 1 21  ? 7.048   -1.981  -15.088 1.00 14.59  ? 27  ASP A N   1 
ATOM   160  C  CA  . ASP A 1 21  ? 6.543   -2.880  -14.020 1.00 12.72  ? 27  ASP A CA  1 
ATOM   161  C  C   . ASP A 1 21  ? 5.861   -4.087  -14.636 1.00 11.67  ? 27  ASP A C   1 
ATOM   162  O  O   . ASP A 1 21  ? 6.125   -5.236  -14.230 1.00 13.04  ? 27  ASP A O   1 
ATOM   163  C  CB  . ASP A 1 21  ? 5.568   -2.222  -13.049 1.00 12.99  ? 27  ASP A CB  1 
ATOM   164  C  CG  . ASP A 1 21  ? 6.231   -1.202  -12.158 1.00 13.99  ? 27  ASP A CG  1 
ATOM   165  O  OD1 . ASP A 1 21  ? 7.331   -1.493  -11.659 1.00 15.37  ? 27  ASP A OD1 1 
ATOM   166  O  OD2 . ASP A 1 21  ? 5.664   -0.105  -11.958 1.00 13.03  ? 27  ASP A OD2 1 
ATOM   167  N  N   . TRP A 1 22  ? 4.945   -3.888  -15.576 1.00 13.07  ? 28  TRP A N   1 
ATOM   168  C  CA  . TRP A 1 22  ? 4.165   -4.969  -16.219 1.00 13.19  ? 28  TRP A CA  1 
ATOM   169  C  C   . TRP A 1 22  ? 5.106   -5.881  -17.023 1.00 11.97  ? 28  TRP A C   1 
ATOM   170  O  O   . TRP A 1 22  ? 4.849   -7.068  -17.087 1.00 13.77  ? 28  TRP A O   1 
ATOM   171  C  CB  . TRP A 1 22  ? 3.075   -4.394  -17.119 1.00 13.22  ? 28  TRP A CB  1 
ATOM   172  C  CG  . TRP A 1 22  ? 1.866   -3.966  -16.346 1.00 12.62  ? 28  TRP A CG  1 
ATOM   173  C  CD1 . TRP A 1 22  ? 1.476   -2.702  -16.004 1.00 12.89  ? 28  TRP A CD1 1 
ATOM   174  C  CD2 . TRP A 1 22  ? 0.864   -4.859  -15.856 1.00 12.30  ? 28  TRP A CD2 1 
ATOM   175  N  NE1 . TRP A 1 22  ? 0.282   -2.746  -15.317 1.00 12.11  ? 28  TRP A NE1 1 
ATOM   176  C  CE2 . TRP A 1 22  ? -0.112  -4.057  -15.226 1.00 11.41  ? 28  TRP A CE2 1 
ATOM   177  C  CE3 . TRP A 1 22  ? 0.688   -6.251  -15.895 1.00 13.12  ? 28  TRP A CE3 1 
ATOM   178  C  CZ2 . TRP A 1 22  ? -1.242  -4.615  -14.643 1.00 12.75  ? 28  TRP A CZ2 1 
ATOM   179  C  CZ3 . TRP A 1 22  ? -0.430  -6.781  -15.309 1.00 13.00  ? 28  TRP A CZ3 1 
ATOM   180  C  CH2 . TRP A 1 22  ? -1.367  -5.977  -14.681 1.00 12.33  ? 28  TRP A CH2 1 
ATOM   181  N  N   . ALA A 1 23  ? 6.175   -5.328  -17.589 1.00 12.44  ? 29  ALA A N   1 
ATOM   182  C  CA  . ALA A 1 23  ? 7.148   -6.116  -18.390 1.00 14.01  ? 29  ALA A CA  1 
ATOM   183  C  C   . ALA A 1 23  ? 8.062   -6.940  -17.505 1.00 16.24  ? 29  ALA A C   1 
ATOM   184  O  O   . ALA A 1 23  ? 8.799   -7.789  -18.023 1.00 16.37  ? 29  ALA A O   1 
ATOM   185  C  CB  . ALA A 1 23  ? 7.928   -5.179  -19.289 1.00 14.73  ? 29  ALA A CB  1 
ATOM   186  N  N   . ASN A 1 24  ? 8.099   -6.646  -16.206 1.00 16.93  ? 30  ASN A N   1 
ATOM   187  C  CA  . ASN A 1 24  ? 8.960   -7.347  -15.226 1.00 16.20  ? 30  ASN A CA  1 
ATOM   188  C  C   . ASN A 1 24  ? 8.073   -7.851  -14.091 1.00 15.93  ? 30  ASN A C   1 
ATOM   189  O  O   . ASN A 1 24  ? 8.467   -7.755  -12.892 1.00 16.50  ? 30  ASN A O   1 
ATOM   190  C  CB  . ASN A 1 24  ? 10.064  -6.403  -14.774 1.00 17.50  ? 30  ASN A CB  1 
ATOM   191  C  CG  . ASN A 1 24  ? 11.038  -6.105  -15.899 1.00 18.68  ? 30  ASN A CG  1 
ATOM   192  O  OD1 . ASN A 1 24  ? 11.918  -6.903  -16.173 1.00 21.99  ? 30  ASN A OD1 1 
ATOM   193  N  ND2 . ASN A 1 24  ? 10.877  -4.986  -16.553 1.00 20.67  ? 30  ASN A ND2 1 
ATOM   194  N  N   . LEU A 1 25  ? 6.898   -8.359  -14.416 1.00 16.16  ? 31  LEU A N   1 
ATOM   195  C  CA  . LEU A 1 25  ? 5.851   -8.642  -13.417 1.00 16.21  ? 31  LEU A CA  1 
ATOM   196  C  C   . LEU A 1 25  ? 6.259   -9.846  -12.577 1.00 17.43  ? 31  LEU A C   1 
ATOM   197  O  O   . LEU A 1 25  ? 6.627   -10.905 -13.129 1.00 17.79  ? 31  LEU A O   1 
ATOM   198  C  CB  . LEU A 1 25  ? 4.545   -8.935  -14.127 1.00 14.91  ? 31  LEU A CB  1 
ATOM   199  C  CG  . LEU A 1 25  ? 3.340   -9.211  -13.237 1.00 15.50  ? 31  LEU A CG  1 
ATOM   200  C  CD1 . LEU A 1 25  ? 2.988   -8.010  -12.372 1.00 17.43  ? 31  LEU A CD1 1 
ATOM   201  C  CD2 . LEU A 1 25  ? 2.156   -9.624  -14.059 1.00 15.69  ? 31  LEU A CD2 1 
ATOM   202  N  N   . VAL A 1 26  ? 6.076   -9.705  -11.263 1.00 16.75  ? 32  VAL A N   1 
ATOM   203  C  CA  . VAL A 1 26  ? 6.128   -10.856 -10.326 1.00 17.02  ? 32  VAL A CA  1 
ATOM   204  C  C   . VAL A 1 26  ? 4.734   -11.319 -9.949  1.00 17.57  ? 32  VAL A C   1 
ATOM   205  O  O   . VAL A 1 26  ? 4.444   -12.523 -9.988  1.00 19.65  ? 32  VAL A O   1 
ATOM   206  C  CB  . VAL A 1 26  ? 6.980   -10.460 -9.111  1.00 18.04  ? 32  VAL A CB  1 
ATOM   207  C  CG1 . VAL A 1 26  ? 6.935   -11.529 -8.043  1.00 18.29  ? 32  VAL A CG1 1 
ATOM   208  C  CG2 . VAL A 1 26  ? 8.397   -10.140 -9.536  1.00 18.72  ? 32  VAL A CG2 1 
ATOM   209  N  N   . TRP A 1 27  ? 3.859   -10.394 -9.582  1.00 14.45  ? 33  TRP A N   1 
ATOM   210  C  CA  . TRP A 1 27  ? 2.527   -10.728 -9.032  1.00 14.80  ? 33  TRP A CA  1 
ATOM   211  C  C   . TRP A 1 27  ? 1.658   -9.482  -9.100  1.00 13.76  ? 33  TRP A C   1 
ATOM   212  O  O   . TRP A 1 27  ? 2.205   -8.393  -8.881  1.00 14.47  ? 33  TRP A O   1 
ATOM   213  C  CB  . TRP A 1 27  ? 2.677   -11.277 -7.610  1.00 15.85  ? 33  TRP A CB  1 
ATOM   214  C  CG  . TRP A 1 27  ? 1.422   -11.416 -6.833  1.00 15.63  ? 33  TRP A CG  1 
ATOM   215  C  CD1 . TRP A 1 27  ? 0.564   -12.459 -6.857  1.00 18.11  ? 33  TRP A CD1 1 
ATOM   216  C  CD2 . TRP A 1 27  ? 0.851   -10.466 -5.911  1.00 14.98  ? 33  TRP A CD2 1 
ATOM   217  N  NE1 . TRP A 1 27  ? -0.495  -12.248 -5.998  1.00 19.41  ? 33  TRP A NE1 1 
ATOM   218  C  CE2 . TRP A 1 27  ? -0.355  -11.012 -5.423  1.00 16.74  ? 33  TRP A CE2 1 
ATOM   219  C  CE3 . TRP A 1 27  ? 1.234   -9.206  -5.477  1.00 15.06  ? 33  TRP A CE3 1 
ATOM   220  C  CZ2 . TRP A 1 27  ? -1.113  -10.392 -4.436  1.00 16.29  ? 33  TRP A CZ2 1 
ATOM   221  C  CZ3 . TRP A 1 27  ? 0.467   -8.571  -4.513  1.00 15.31  ? 33  TRP A CZ3 1 
ATOM   222  C  CH2 . TRP A 1 27  ? -0.693  -9.156  -4.027  1.00 14.90  ? 33  TRP A CH2 1 
ATOM   223  N  N   . GLU A 1 28  ? 0.387   -9.649  -9.364  1.00 13.34  ? 34  GLU A N   1 
ATOM   224  C  CA  . GLU A 1 28  ? -0.545  -8.499  -9.283  1.00 13.79  ? 34  GLU A CA  1 
ATOM   225  C  C   . GLU A 1 28  ? -1.919  -8.971  -8.860  1.00 14.24  ? 34  GLU A C   1 
ATOM   226  O  O   . GLU A 1 28  ? -2.289  -10.138 -9.149  1.00 15.70  ? 34  GLU A O   1 
ATOM   227  C  CB  . GLU A 1 28  ? -0.615  -7.685  -10.575 1.00 14.22  ? 34  GLU A CB  1 
ATOM   228  C  CG  . GLU A 1 28  ? -0.982  -8.533  -11.794 1.00 14.39  ? 34  GLU A CG  1 
ATOM   229  C  CD  . GLU A 1 28  ? -2.455  -8.784  -12.082 1.00 15.94  ? 34  GLU A CD  1 
ATOM   230  O  OE1 . GLU A 1 28  ? -2.776  -9.793  -12.755 1.00 17.27  ? 34  GLU A OE1 1 
ATOM   231  O  OE2 . GLU A 1 28  ? -3.261  -8.053  -11.567 1.00 16.50  ? 34  GLU A OE2 1 
ATOM   232  N  N   . ASP A 1 29  ? -2.675  -8.098  -8.213  1.00 14.31  ? 35  ASP A N   1 
ATOM   233  C  CA  . ASP A 1 29  ? -4.035  -8.413  -7.725  1.00 14.45  ? 35  ASP A CA  1 
ATOM   234  C  C   . ASP A 1 29  ? -4.835  -7.121  -7.756  1.00 15.12  ? 35  ASP A C   1 
ATOM   235  O  O   . ASP A 1 29  ? -4.584  -6.219  -6.945  1.00 14.48  ? 35  ASP A O   1 
ATOM   236  C  CB  . ASP A 1 29  ? -3.936  -9.051  -6.339  1.00 14.61  ? 35  ASP A CB  1 
ATOM   237  C  CG  . ASP A 1 29  ? -5.256  -9.438  -5.742  1.00 15.89  ? 35  ASP A CG  1 
ATOM   238  O  OD1 . ASP A 1 29  ? -6.215  -8.674  -5.881  1.00 17.86  ? 35  ASP A OD1 1 
ATOM   239  O  OD2 . ASP A 1 29  ? -5.248  -10.507 -5.082  1.00 22.16  ? 35  ASP A OD2 1 
ATOM   240  N  N   A SER A 1 30  ? -5.776  -7.014  -8.700  0.25 14.80  ? 36  SER A N   1 
ATOM   241  N  N   B SER A 1 30  ? -5.773  -7.009  -8.698  0.25 15.97  ? 36  SER A N   1 
ATOM   242  C  CA  A SER A 1 30  ? -6.641  -5.826  -8.891  0.25 14.83  ? 36  SER A CA  1 
ATOM   243  C  CA  B SER A 1 30  ? -6.626  -5.811  -8.887  0.25 16.79  ? 36  SER A CA  1 
ATOM   244  C  C   A SER A 1 30  ? -7.468  -5.582  -7.627  0.25 14.48  ? 36  SER A C   1 
ATOM   245  C  C   B SER A 1 30  ? -7.483  -5.579  -7.639  0.25 15.54  ? 36  SER A C   1 
ATOM   246  O  O   A SER A 1 30  ? -7.639  -4.416  -7.246  0.25 14.75  ? 36  SER A O   1 
ATOM   247  O  O   B SER A 1 30  ? -7.680  -4.411  -7.270  0.25 15.60  ? 36  SER A O   1 
ATOM   248  C  CB  A SER A 1 30  ? -7.567  -5.988  -10.066 0.25 14.68  ? 36  SER A CB  1 
ATOM   249  C  CB  B SER A 1 30  ? -7.496  -5.962  -10.099 0.25 18.17  ? 36  SER A CB  1 
ATOM   250  O  OG  A SER A 1 30  ? -8.473  -4.895  -10.130 0.25 14.39  ? 36  SER A OG  1 
ATOM   251  O  OG  B SER A 1 30  ? -7.853  -7.322  -10.276 0.25 21.32  ? 36  SER A OG  1 
ATOM   252  N  N   . SER A 1 31  ? -7.984  -6.654  -7.027  1.00 15.27  ? 37  SER A N   1 
ATOM   253  C  CA  . SER A 1 31  ? -8.858  -6.544  -5.837  1.00 14.74  ? 37  SER A CA  1 
ATOM   254  C  C   . SER A 1 31  ? -8.106  -5.862  -4.692  1.00 14.94  ? 37  SER A C   1 
ATOM   255  O  O   . SER A 1 31  ? -8.740  -5.171  -3.916  1.00 15.82  ? 37  SER A O   1 
ATOM   256  C  CB  . SER A 1 31  ? -9.428  -7.848  -5.378  1.00 16.44  ? 37  SER A CB  1 
ATOM   257  O  OG  . SER A 1 31  ? -8.476  -8.635  -4.723  1.00 20.46  ? 37  SER A OG  1 
ATOM   258  N  N   . ARG A 1 32  ? -6.792  -5.977  -4.649  1.00 12.87  ? 38  ARG A N   1 
ATOM   259  C  CA  . ARG A 1 32  ? -5.934  -5.391  -3.587  1.00 12.36  ? 38  ARG A CA  1 
ATOM   260  C  C   . ARG A 1 32  ? -5.317  -4.058  -4.011  1.00 11.73  ? 38  ARG A C   1 
ATOM   261  O  O   . ARG A 1 32  ? -4.637  -3.451  -3.189  1.00 12.38  ? 38  ARG A O   1 
ATOM   262  C  CB  . ARG A 1 32  ? -4.837  -6.392  -3.199  1.00 14.00  ? 38  ARG A CB  1 
ATOM   263  C  CG  . ARG A 1 32  ? -5.362  -7.679  -2.600  1.00 14.43  ? 38  ARG A CG  1 
ATOM   264  C  CD  . ARG A 1 32  ? -4.218  -8.574  -2.236  1.00 13.72  ? 38  ARG A CD  1 
ATOM   265  N  NE  . ARG A 1 32  ? -3.389  -8.063  -1.159  1.00 12.06  ? 38  ARG A NE  1 
ATOM   266  C  CZ  . ARG A 1 32  ? -2.817  -8.813  -0.221  1.00 12.08  ? 38  ARG A CZ  1 
ATOM   267  N  NH1 . ARG A 1 32  ? -2.920  -10.142 -0.264  1.00 13.46  ? 38  ARG A NH1 1 
ATOM   268  N  NH2 . ARG A 1 32  ? -2.170  -8.254  0.794   1.00 12.52  ? 38  ARG A NH2 1 
ATOM   269  N  N   . ASP A 1 33  ? -5.399  -3.698  -5.288  1.00 12.21  ? 39  ASP A N   1 
ATOM   270  C  CA  . ASP A 1 33  ? -4.686  -2.529  -5.835  1.00 11.09  ? 39  ASP A CA  1 
ATOM   271  C  C   . ASP A 1 33  ? -3.177  -2.717  -5.678  1.00 10.59  ? 39  ASP A C   1 
ATOM   272  O  O   . ASP A 1 33  ? -2.510  -1.725  -5.419  1.00 11.53  ? 39  ASP A O   1 
ATOM   273  C  CB  . ASP A 1 33  ? -5.189  -1.195  -5.258  1.00 11.40  ? 39  ASP A CB  1 
ATOM   274  C  CG  . ASP A 1 33  ? -4.554  0.007   -5.905  1.00 12.45  ? 39  ASP A CG  1 
ATOM   275  O  OD1 . ASP A 1 33  ? -4.311  -0.042  -7.167  1.00 12.33  ? 39  ASP A OD1 1 
ATOM   276  O  OD2 . ASP A 1 33  ? -4.264  0.981   -5.208  1.00 12.53  ? 39  ASP A OD2 1 
ATOM   277  N  N   . LEU A 1 34  ? -2.614  -3.938  -5.836  1.00 11.41  ? 40  LEU A N   1 
ATOM   278  C  CA  . LEU A 1 34  ? -1.158  -4.129  -5.716  1.00 11.54  ? 40  LEU A CA  1 
ATOM   279  C  C   . LEU A 1 34  ? -0.577  -4.781  -6.961  1.00 10.45  ? 40  LEU A C   1 
ATOM   280  O  O   . LEU A 1 34  ? -1.208  -5.634  -7.564  1.00 11.55  ? 40  LEU A O   1 
ATOM   281  C  CB  . LEU A 1 34  ? -0.854  -4.998  -4.502  1.00 11.71  ? 40  LEU A CB  1 
ATOM   282  C  CG  . LEU A 1 34  ? -1.066  -4.414  -3.107  1.00 11.88  ? 40  LEU A CG  1 
ATOM   283  C  CD1 . LEU A 1 34  ? -0.671  -5.455  -2.044  1.00 12.24  ? 40  LEU A CD1 1 
ATOM   284  C  CD2 . LEU A 1 34  ? -0.226  -3.169  -2.901  1.00 11.66  ? 40  LEU A CD2 1 
ATOM   285  N  N   . LEU A 1 35  ? 0.644   -4.385  -7.217  1.00 11.07  ? 41  LEU A N   1 
ATOM   286  C  CA  . LEU A 1 35  ? 1.473   -5.015  -8.247  1.00 11.51  ? 41  LEU A CA  1 
ATOM   287  C  C   . LEU A 1 35  ? 2.905   -5.034  -7.722  1.00 11.57  ? 41  LEU A C   1 
ATOM   288  O  O   . LEU A 1 35  ? 3.382   -4.065  -7.127  1.00 12.08  ? 41  LEU A O   1 
ATOM   289  C  CB  . LEU A 1 35  ? 1.296   -4.275  -9.577  1.00 12.32  ? 41  LEU A CB  1 
ATOM   290  C  CG  . LEU A 1 35  ? 2.077   -4.854  -10.767 1.00 12.69  ? 41  LEU A CG  1 
ATOM   291  C  CD1 . LEU A 1 35  ? 1.354   -4.661  -12.081 1.00 13.11  ? 41  LEU A CD1 1 
ATOM   292  C  CD2 . LEU A 1 35  ? 3.465   -4.285  -10.831 1.00 12.49  ? 41  LEU A CD2 1 
ATOM   293  N  N   . VAL A 1 36  ? 3.569   -6.149  -8.011  1.00 11.77  ? 42  VAL A N   1 
ATOM   294  C  CA  . VAL A 1 36  ? 4.990   -6.346  -7.640  1.00 13.06  ? 42  VAL A CA  1 
ATOM   295  C  C   . VAL A 1 36  ? 5.760   -6.654  -8.923  1.00 13.01  ? 42  VAL A C   1 
ATOM   296  O  O   . VAL A 1 36  ? 5.325   -7.594  -9.629  1.00 13.95  ? 42  VAL A O   1 
ATOM   297  C  CB  . VAL A 1 36  ? 5.171   -7.451  -6.599  1.00 13.71  ? 42  VAL A CB  1 
ATOM   298  C  CG1 . VAL A 1 36  ? 6.632   -7.613  -6.244  1.00 15.57  ? 42  VAL A CG1 1 
ATOM   299  C  CG2 . VAL A 1 36  ? 4.312   -7.136  -5.381  1.00 13.40  ? 42  VAL A CG2 1 
ATOM   300  N  N   . SER A 1 37  ? 6.838   -5.923  -9.125  1.00 14.04  ? 43  SER A N   1 
ATOM   301  C  CA  . SER A 1 37  ? 7.789   -6.156  -10.244 1.00 14.13  ? 43  SER A CA  1 
ATOM   302  C  C   . SER A 1 37  ? 9.160   -6.483  -9.672  1.00 17.83  ? 43  SER A C   1 
ATOM   303  O  O   . SER A 1 37  ? 9.437   -6.179  -8.456  1.00 16.52  ? 43  SER A O   1 
ATOM   304  C  CB  . SER A 1 37  ? 7.757   -4.975  -11.185 1.00 14.91  ? 43  SER A CB  1 
ATOM   305  O  OG  . SER A 1 37  ? 8.175   -3.803  -10.555 1.00 15.45  ? 43  SER A OG  1 
ATOM   306  N  N   . SER A 1 38  ? 10.019  -7.049  -10.527 1.00 17.73  ? 44  SER A N   1 
ATOM   307  C  CA  . SER A 1 38  ? 11.420  -7.378  -10.170 1.00 20.05  ? 44  SER A CA  1 
ATOM   308  C  C   . SER A 1 38  ? 12.314  -6.154  -10.308 1.00 20.19  ? 44  SER A C   1 
ATOM   309  O  O   . SER A 1 38  ? 12.079  -5.298  -11.202 1.00 21.81  ? 44  SER A O   1 
ATOM   310  C  CB  . SER A 1 38  ? 11.915  -8.521  -10.986 1.00 21.31  ? 44  SER A CB  1 
ATOM   311  O  OG  . SER A 1 38  ? 11.918  -8.157  -12.364 1.00 23.69  ? 44  SER A OG  1 
ATOM   312  N  N   . THR A 1 39  ? 13.330  -6.030  -9.459  1.00 21.16  ? 45  THR A N   1 
ATOM   313  C  CA  . THR A 1 39  ? 14.342  -4.955  -9.490  1.00 22.75  ? 45  THR A CA  1 
ATOM   314  C  C   . THR A 1 39  ? 15.743  -5.579  -9.720  1.00 25.54  ? 45  THR A C   1 
ATOM   315  O  O   . THR A 1 39  ? 15.920  -6.770  -9.420  1.00 26.02  ? 45  THR A O   1 
ATOM   316  C  CB  . THR A 1 39  ? 14.368  -4.146  -8.195  1.00 23.42  ? 45  THR A CB  1 
ATOM   317  O  OG1 . THR A 1 39  ? 14.828  -5.063  -7.194  1.00 24.99  ? 45  THR A OG1 1 
ATOM   318  C  CG2 . THR A 1 39  ? 13.004  -3.623  -7.806  1.00 23.04  ? 45  THR A CG2 1 
ATOM   319  N  N   . THR A 1 40  ? 16.677  -4.790  -10.224 1.00 29.58  ? 46  THR A N   1 
ATOM   320  C  CA  . THR A 1 40  ? 18.091  -5.230  -10.357 1.00 31.38  ? 46  THR A CA  1 
ATOM   321  C  C   . THR A 1 40  ? 18.799  -4.996  -9.013  1.00 30.12  ? 46  THR A C   1 
ATOM   322  O  O   . THR A 1 40  ? 19.509  -5.895  -8.567  1.00 35.80  ? 46  THR A O   1 
ATOM   323  C  CB  . THR A 1 40  ? 18.728  -4.597  -11.603 1.00 30.07  ? 46  THR A CB  1 
ATOM   324  O  OG1 . THR A 1 40  ? 18.589  -3.182  -11.581 1.00 36.13  ? 46  THR A OG1 1 
ATOM   325  C  CG2 . THR A 1 40  ? 18.072  -5.073  -12.881 1.00 36.58  ? 46  THR A CG2 1 
ATOM   326  N  N   . ALA A 1 41  ? 18.582  -3.854  -8.374  1.00 30.67  ? 47  ALA A N   1 
ATOM   327  C  CA  . ALA A 1 41  ? 19.250  -3.464  -7.102  1.00 28.24  ? 47  ALA A CA  1 
ATOM   328  C  C   . ALA A 1 41  ? 18.369  -3.838  -5.912  1.00 29.78  ? 47  ALA A C   1 
ATOM   329  O  O   . ALA A 1 41  ? 17.132  -3.709  -6.029  1.00 31.85  ? 47  ALA A O   1 
ATOM   330  C  CB  . ALA A 1 41  ? 19.527  -1.999  -7.111  1.00 29.31  ? 47  ALA A CB  1 
ATOM   331  N  N   . GLN A 1 42  ? 18.986  -4.256  -4.806  1.00 25.93  ? 48  GLN A N   1 
ATOM   332  C  CA  . GLN A 1 42  ? 18.279  -4.532  -3.529  1.00 25.80  ? 48  GLN A CA  1 
ATOM   333  C  C   . GLN A 1 42  ? 17.726  -3.249  -2.886  1.00 21.51  ? 48  GLN A C   1 
ATOM   334  O  O   . GLN A 1 42  ? 18.303  -2.162  -2.983  1.00 23.05  ? 48  GLN A O   1 
ATOM   335  C  CB  . GLN A 1 42  ? 19.200  -5.280  -2.578  1.00 26.54  ? 48  GLN A CB  1 
ATOM   336  C  CG  . GLN A 1 42  ? 19.687  -6.594  -3.165  1.00 31.78  ? 48  GLN A CG  1 
ATOM   337  C  CD  . GLN A 1 42  ? 19.524  -7.679  -2.147  1.00 42.12  ? 48  GLN A CD  1 
ATOM   338  O  OE1 . GLN A 1 42  ? 20.320  -7.775  -1.217  1.00 49.82  ? 48  GLN A OE1 1 
ATOM   339  N  NE2 . GLN A 1 42  ? 18.446  -8.445  -2.277  1.00 40.42  ? 48  GLN A NE2 1 
ATOM   340  N  N   . GLY A 1 43  ? 16.562  -3.391  -2.236  1.00 24.75  ? 49  GLY A N   1 
ATOM   341  C  CA  . GLY A 1 43  ? 15.862  -2.254  -1.631  1.00 24.46  ? 49  GLY A CA  1 
ATOM   342  C  C   . GLY A 1 43  ? 16.111  -2.109  -0.135  1.00 19.81  ? 49  GLY A C   1 
ATOM   343  O  O   . GLY A 1 43  ? 16.661  -3.050  0.466   1.00 22.52  ? 49  GLY A O   1 
ATOM   344  N  N   . CYS A 1 44  ? 15.740  -0.960  0.411   1.00 21.12  ? 50  CYS A N   1 
ATOM   345  C  CA  . CYS A 1 44  ? 16.097  -0.483  1.759   1.00 20.40  ? 50  CYS A CA  1 
ATOM   346  C  C   . CYS A 1 44  ? 14.981  -0.911  2.731   1.00 19.30  ? 50  CYS A C   1 
ATOM   347  O  O   . CYS A 1 44  ? 15.199  -0.708  3.922   1.00 20.58  ? 50  CYS A O   1 
ATOM   348  C  CB  . CYS A 1 44  ? 16.276  1.042   1.867   1.00 21.77  ? 50  CYS A CB  1 
ATOM   349  S  SG  . CYS A 1 44  ? 17.785  1.817   1.179   1.00 28.22  ? 50  CYS A SG  1 
ATOM   350  N  N   . ASP A 1 45  ? 13.845  -1.439  2.259   1.00 17.33  ? 51  ASP A N   1 
ATOM   351  C  CA  . ASP A 1 45  ? 12.672  -1.611  3.163   1.00 15.78  ? 51  ASP A CA  1 
ATOM   352  C  C   . ASP A 1 45  ? 12.612  -3.016  3.752   1.00 15.25  ? 51  ASP A C   1 
ATOM   353  O  O   . ASP A 1 45  ? 12.926  -4.024  3.106   1.00 15.97  ? 51  ASP A O   1 
ATOM   354  C  CB  . ASP A 1 45  ? 11.357  -1.244  2.460   1.00 16.11  ? 51  ASP A CB  1 
ATOM   355  C  CG  . ASP A 1 45  ? 11.307  0.183   1.989   1.00 17.16  ? 51  ASP A CG  1 
ATOM   356  O  OD1 . ASP A 1 45  ? 11.805  1.055   2.673   1.00 20.43  ? 51  ASP A OD1 1 
ATOM   357  O  OD2 . ASP A 1 45  ? 10.789  0.411   0.877   1.00 18.53  ? 51  ASP A OD2 1 
ATOM   358  N  N   . THR A 1 46  ? 12.112  -3.027  4.992   1.00 14.57  ? 52  THR A N   1 
ATOM   359  C  CA  . THR A 1 46  ? 11.767  -4.238  5.758   1.00 14.21  ? 52  THR A CA  1 
ATOM   360  C  C   . THR A 1 46  ? 10.251  -4.281  5.916   1.00 11.90  ? 52  THR A C   1 
ATOM   361  O  O   . THR A 1 46  ? 9.664   -3.278  6.304   1.00 13.79  ? 52  THR A O   1 
ATOM   362  C  CB  . THR A 1 46  ? 12.401  -4.213  7.144   1.00 14.35  ? 52  THR A CB  1 
ATOM   363  O  OG1 . THR A 1 46  ? 13.829  -4.181  6.976   1.00 17.11  ? 52  THR A OG1 1 
ATOM   364  C  CG2 . THR A 1 46  ? 12.021  -5.429  7.963   1.00 16.00  ? 52  THR A CG2 1 
ATOM   365  N  N   . ILE A 1 47  ? 9.663   -5.418  5.568   1.00 12.36  ? 53  ILE A N   1 
ATOM   366  C  CA  . ILE A 1 47  ? 8.212   -5.617  5.721   1.00 11.69  ? 53  ILE A CA  1 
ATOM   367  C  C   . ILE A 1 47  ? 7.917   -6.018  7.158   1.00 11.40  ? 53  ILE A C   1 
ATOM   368  O  O   . ILE A 1 47  ? 8.522   -6.925  7.698   1.00 12.25  ? 53  ILE A O   1 
ATOM   369  C  CB  . ILE A 1 47  ? 7.653   -6.625  4.707   1.00 12.02  ? 53  ILE A CB  1 
ATOM   370  C  CG1 . ILE A 1 47  ? 8.111   -6.322  3.260   1.00 12.98  ? 53  ILE A CG1 1 
ATOM   371  C  CG2 . ILE A 1 47  ? 6.146   -6.704  4.858   1.00 11.85  ? 53  ILE A CG2 1 
ATOM   372  C  CD1 . ILE A 1 47  ? 7.705   -4.992  2.774   1.00 14.12  ? 53  ILE A CD1 1 
ATOM   373  N  N   . ALA A 1 48  ? 6.942   -5.365  7.756   1.00 11.64  ? 54  ALA A N   1 
ATOM   374  C  CA  . ALA A 1 48  ? 6.384   -5.729  9.075   1.00 11.06  ? 54  ALA A CA  1 
ATOM   375  C  C   . ALA A 1 48  ? 5.733   -7.116  8.992   1.00 10.45  ? 54  ALA A C   1 
ATOM   376  O  O   . ALA A 1 48  ? 5.071   -7.423  7.994   1.00 10.83  ? 54  ALA A O   1 
ATOM   377  C  CB  . ALA A 1 48  ? 5.385   -4.694  9.495   1.00 11.35  ? 54  ALA A CB  1 
ATOM   378  N  N   . ARG A 1 49  ? 5.933   -7.930  10.037  1.00 11.39  ? 55  ARG A N   1 
ATOM   379  C  CA  . ARG A 1 49  ? 5.253   -9.239  10.153  1.00 11.06  ? 55  ARG A CA  1 
ATOM   380  C  C   . ARG A 1 49  ? 4.641   -9.238  11.532  1.00 10.26  ? 55  ARG A C   1 
ATOM   381  O  O   . ARG A 1 49  ? 5.329   -9.499  12.524  1.00 12.11  ? 55  ARG A O   1 
ATOM   382  C  CB  . ARG A 1 49  ? 6.216   -10.406 9.949   1.00 12.05  ? 55  ARG A CB  1 
ATOM   383  C  CG  . ARG A 1 49  ? 6.912   -10.401 8.593   1.00 12.82  ? 55  ARG A CG  1 
ATOM   384  C  CD  . ARG A 1 49  ? 6.013   -10.527 7.372   1.00 12.97  ? 55  ARG A CD  1 
ATOM   385  N  NE  . ARG A 1 49  ? 6.813   -10.437 6.132   1.00 13.83  ? 55  ARG A NE  1 
ATOM   386  C  CZ  . ARG A 1 49  ? 6.295   -10.222 4.935   1.00 14.09  ? 55  ARG A CZ  1 
ATOM   387  N  NH1 . ARG A 1 49  ? 5.014   -10.109 4.780   1.00 13.78  ? 55  ARG A NH1 1 
ATOM   388  N  NH2 . ARG A 1 49  ? 7.071   -10.067 3.860   1.00 16.10  ? 55  ARG A NH2 1 
ATOM   389  N  N   . CYS A 1 50  ? 3.370   -8.879  11.610  1.00 10.94  ? 56  CYS A N   1 
ATOM   390  C  CA  . CYS A 1 50  ? 2.728   -8.476  12.871  1.00 10.75  ? 56  CYS A CA  1 
ATOM   391  C  C   . CYS A 1 50  ? 1.247   -8.198  12.652  1.00 11.19  ? 56  CYS A C   1 
ATOM   392  O  O   . CYS A 1 50  ? 0.759   -8.218  11.491  1.00 10.81  ? 56  CYS A O   1 
ATOM   393  C  CB  . CYS A 1 50  ? 3.405   -7.199  13.372  1.00 10.23  ? 56  CYS A CB  1 
ATOM   394  S  SG  . CYS A 1 50  ? 2.966   -5.727  12.373  1.00 11.24  ? 56  CYS A SG  1 
ATOM   395  N  N   A ASP A 1 51  ? 0.504   -7.965  13.732  0.25 11.72  ? 57  ASP A N   1 
ATOM   396  N  N   B ASP A 1 51  ? 0.590   -7.919  13.784  0.25 12.18  ? 57  ASP A N   1 
ATOM   397  C  CA  A ASP A 1 51  ? -0.903  -7.492  13.643  0.25 12.41  ? 57  ASP A CA  1 
ATOM   398  C  CA  B ASP A 1 51  ? -0.856  -7.625  13.943  0.25 13.29  ? 57  ASP A CA  1 
ATOM   399  C  C   A ASP A 1 51  ? -1.034  -6.153  14.377  0.25 12.11  ? 57  ASP A C   1 
ATOM   400  C  C   B ASP A 1 51  ? -1.051  -6.155  14.361  0.25 12.55  ? 57  ASP A C   1 
ATOM   401  O  O   A ASP A 1 51  ? -2.063  -5.906  15.041  0.25 12.63  ? 57  ASP A O   1 
ATOM   402  O  O   B ASP A 1 51  ? -2.172  -5.814  14.791  0.25 12.94  ? 57  ASP A O   1 
ATOM   403  C  CB  A ASP A 1 51  ? -1.892  -8.534  14.165  0.25 12.86  ? 57  ASP A CB  1 
ATOM   404  C  CB  B ASP A 1 51  ? -1.469  -8.587  14.976  0.25 14.61  ? 57  ASP A CB  1 
ATOM   405  C  CG  A ASP A 1 51  ? -1.800  -8.757  15.661  0.25 13.62  ? 57  ASP A CG  1 
ATOM   406  C  CG  B ASP A 1 51  ? -2.984  -8.721  14.931  0.25 16.25  ? 57  ASP A CG  1 
ATOM   407  O  OD1 A ASP A 1 51  ? -0.829  -8.267  16.268  0.25 13.79  ? 57  ASP A OD1 1 
ATOM   408  O  OD1 B ASP A 1 51  ? -3.531  -8.746  13.819  0.25 17.13  ? 57  ASP A OD1 1 
ATOM   409  O  OD2 A ASP A 1 51  ? -2.705  -9.444  16.199  0.25 16.13  ? 57  ASP A OD2 1 
ATOM   410  O  OD2 B ASP A 1 51  ? -3.604  -8.780  16.019  0.25 18.12  ? 57  ASP A OD2 1 
ATOM   411  N  N   . CYS A 1 52  ? -0.030  -5.294  14.251  1.00 11.95  ? 58  CYS A N   1 
ATOM   412  C  CA  . CYS A 1 52  ? -0.145  -3.900  14.721  1.00 11.19  ? 58  CYS A CA  1 
ATOM   413  C  C   . CYS A 1 52  ? -1.379  -3.241  14.086  1.00 11.52  ? 58  CYS A C   1 
ATOM   414  O  O   . CYS A 1 52  ? -1.687  -3.485  12.919  1.00 11.73  ? 58  CYS A O   1 
ATOM   415  C  CB  . CYS A 1 52  ? 1.052   -3.040  14.400  1.00 13.12  ? 58  CYS A CB  1 
ATOM   416  S  SG  . CYS A 1 52  ? 2.522   -3.460  15.353  1.00 12.52  ? 58  CYS A SG  1 
ATOM   417  N  N   . GLN A 1 53  ? -1.985  -2.352  14.856  1.00 11.74  ? 59  GLN A N   1 
ATOM   418  C  CA  . GLN A 1 53  ? -3.067  -1.457  14.440  1.00 11.25  ? 59  GLN A CA  1 
ATOM   419  C  C   . GLN A 1 53  ? -2.721  -0.036  14.781  1.00 10.48  ? 59  GLN A C   1 
ATOM   420  O  O   . GLN A 1 53  ? -3.607  0.811   14.716  1.00 11.66  ? 59  GLN A O   1 
ATOM   421  C  CB  . GLN A 1 53  ? -4.401  -1.831  15.117  1.00 11.90  ? 59  GLN A CB  1 
ATOM   422  C  CG  . GLN A 1 53  ? -5.018  -3.071  14.512  1.00 13.46  ? 59  GLN A CG  1 
ATOM   423  C  CD  . GLN A 1 53  ? -6.438  -3.260  15.009  1.00 13.93  ? 59  GLN A CD  1 
ATOM   424  O  OE1 . GLN A 1 53  ? -6.664  -4.057  15.918  1.00 16.33  ? 59  GLN A OE1 1 
ATOM   425  N  NE2 . GLN A 1 53  ? -7.393  -2.472  14.532  1.00 15.09  ? 59  GLN A NE2 1 
ATOM   426  N  N   . THR A 1 54  ? -1.477  0.266   15.028  1.00 11.37  ? 60  THR A N   1 
ATOM   427  C  CA  . THR A 1 54  ? -1.008  1.652   15.148  1.00 11.91  ? 60  THR A CA  1 
ATOM   428  C  C   . THR A 1 54  ? 0.304   1.821   14.381  1.00 11.00  ? 60  THR A C   1 
ATOM   429  O  O   . THR A 1 54  ? 1.134   0.895   14.294  1.00 12.20  ? 60  THR A O   1 
ATOM   430  C  CB  . THR A 1 54  ? -0.853  2.151   16.569  1.00 14.23  ? 60  THR A CB  1 
ATOM   431  O  OG1 . THR A 1 54  ? 0.247   1.445   17.083  1.00 18.94  ? 60  THR A OG1 1 
ATOM   432  C  CG2 . THR A 1 54  ? -2.110  2.024   17.375  1.00 15.27  ? 60  THR A CG2 1 
ATOM   433  N  N   . GLY A 1 55  ? 0.442   2.971   13.748  1.00 10.43  ? 61  GLY A N   1 
ATOM   434  C  CA  . GLY A 1 55  ? 1.615   3.247   12.923  1.00 10.35  ? 61  GLY A CA  1 
ATOM   435  C  C   . GLY A 1 55  ? 1.620   4.690   12.469  1.00 10.06  ? 61  GLY A C   1 
ATOM   436  O  O   . GLY A 1 55  ? 0.953   5.508   13.065  1.00 10.80  ? 61  GLY A O   1 
ATOM   437  N  N   . VAL A 1 56  ? 2.431   4.953   11.473  1.00 9.46   ? 62  VAL A N   1 
ATOM   438  C  CA  . VAL A 1 56  ? 2.626   6.327   10.959  1.00 9.82   ? 62  VAL A CA  1 
ATOM   439  C  C   . VAL A 1 56  ? 2.572   6.221   9.449   1.00 9.79   ? 62  VAL A C   1 
ATOM   440  O  O   . VAL A 1 56  ? 3.272   5.377   8.895   1.00 10.62  ? 62  VAL A O   1 
ATOM   441  C  CB  . VAL A 1 56  ? 3.959   6.906   11.428  1.00 11.07  ? 62  VAL A CB  1 
ATOM   442  C  CG1 . VAL A 1 56  ? 4.263   8.255   10.773  1.00 12.01  ? 62  VAL A CG1 1 
ATOM   443  C  CG2 . VAL A 1 56  ? 3.983   7.050   12.937  1.00 11.37  ? 62  VAL A CG2 1 
ATOM   444  N  N   . TYR A 1 57  ? 1.878   7.123   8.771   1.00 10.64  ? 63  TYR A N   1 
ATOM   445  C  CA  . TYR A 1 57  ? 1.849   7.108   7.293   1.00 9.36   ? 63  TYR A CA  1 
ATOM   446  C  C   . TYR A 1 57  ? 2.278   8.451   6.728   1.00 10.43  ? 63  TYR A C   1 
ATOM   447  O  O   . TYR A 1 57  ? 2.107   9.494   7.365   1.00 10.71  ? 63  TYR A O   1 
ATOM   448  C  CB  . TYR A 1 57  ? 0.486   6.702   6.731   1.00 10.35  ? 63  TYR A CB  1 
ATOM   449  C  CG  . TYR A 1 57  ? -0.532  7.815   6.585   1.00 10.66  ? 63  TYR A CG  1 
ATOM   450  C  CD1 . TYR A 1 57  ? -1.207  8.294   7.692   1.00 11.04  ? 63  TYR A CD1 1 
ATOM   451  C  CD2 . TYR A 1 57  ? -0.804  8.399   5.353   1.00 10.73  ? 63  TYR A CD2 1 
ATOM   452  C  CE1 . TYR A 1 57  ? -2.161  9.291   7.594   1.00 11.83  ? 63  TYR A CE1 1 
ATOM   453  C  CE2 . TYR A 1 57  ? -1.776  9.380   5.236   1.00 11.38  ? 63  TYR A CE2 1 
ATOM   454  C  CZ  . TYR A 1 57  ? -2.462  9.821   6.362   1.00 11.71  ? 63  TYR A CZ  1 
ATOM   455  O  OH  . TYR A 1 57  ? -3.377  10.853  6.253   1.00 11.96  ? 63  TYR A OH  1 
ATOM   456  N  N   . TYR A 1 58  ? 2.805   8.396   5.527   1.00 10.70  ? 64  TYR A N   1 
ATOM   457  C  CA  . TYR A 1 58  ? 3.203   9.607   4.804   1.00 11.12  ? 64  TYR A CA  1 
ATOM   458  C  C   . TYR A 1 58  ? 2.066   10.074  3.901   1.00 10.05  ? 64  TYR A C   1 
ATOM   459  O  O   . TYR A 1 58  ? 1.542   9.333   3.051   1.00 10.91  ? 64  TYR A O   1 
ATOM   460  C  CB  . TYR A 1 58  ? 4.451   9.390   3.953   1.00 11.14  ? 64  TYR A CB  1 
ATOM   461  C  CG  . TYR A 1 58  ? 4.840   10.662  3.258   1.00 13.25  ? 64  TYR A CG  1 
ATOM   462  C  CD1 . TYR A 1 58  ? 5.213   11.777  4.017   1.00 13.78  ? 64  TYR A CD1 1 
ATOM   463  C  CD2 . TYR A 1 58  ? 4.867   10.749  1.887   1.00 12.89  ? 64  TYR A CD2 1 
ATOM   464  C  CE1 . TYR A 1 58  ? 5.514   12.990  3.400   1.00 13.84  ? 64  TYR A CE1 1 
ATOM   465  C  CE2 . TYR A 1 58  ? 5.194   11.943  1.246   1.00 14.41  ? 64  TYR A CE2 1 
ATOM   466  C  CZ  . TYR A 1 58  ? 5.535   13.038  2.006   1.00 14.48  ? 64  TYR A CZ  1 
ATOM   467  O  OH  . TYR A 1 58  ? 5.847   14.235  1.376   1.00 16.91  ? 64  TYR A OH  1 
ATOM   468  N  N   . CYS A 1 59  ? 1.713   11.336  4.061   1.00 10.95  ? 65  CYS A N   1 
ATOM   469  C  CA  . CYS A 1 59  ? 0.678   12.072  3.293   1.00 10.77  ? 65  CYS A CA  1 
ATOM   470  C  C   . CYS A 1 59  ? 1.335   13.101  2.368   1.00 10.83  ? 65  CYS A C   1 
ATOM   471  O  O   . CYS A 1 59  ? 1.638   14.230  2.864   1.00 11.44  ? 65  CYS A O   1 
ATOM   472  C  CB  . CYS A 1 59  ? -0.327  12.708  4.235   1.00 11.09  ? 65  CYS A CB  1 
ATOM   473  S  SG  . CYS A 1 59  ? -1.613  13.600  3.348   1.00 11.92  ? 65  CYS A SG  1 
ATOM   474  N  N   . SER A 1 60  ? 1.523   12.786  1.086   1.00 10.90  ? 66  SER A N   1 
ATOM   475  C  CA  . SER A 1 60  ? 2.218   13.742  0.186   1.00 12.07  ? 66  SER A CA  1 
ATOM   476  C  C   . SER A 1 60  ? 1.450   15.050  0.036   1.00 10.93  ? 66  SER A C   1 
ATOM   477  O  O   . SER A 1 60  ? 2.098   16.125  -0.097  1.00 12.66  ? 66  SER A O   1 
ATOM   478  C  CB  . SER A 1 60  ? 2.519   13.102  -1.137  1.00 14.14  ? 66  SER A CB  1 
ATOM   479  O  OG  . SER A 1 60  ? 1.376   12.899  -1.936  1.00 19.27  ? 66  SER A OG  1 
ATOM   480  N  N   . SER A 1 61  ? 0.140   15.030  0.124   1.00 9.92   ? 67  SER A N   1 
ATOM   481  C  CA  . SER A 1 61  ? -0.711  16.221  -0.116  1.00 11.48  ? 67  SER A CA  1 
ATOM   482  C  C   . SER A 1 61  ? -0.638  17.140  1.107   1.00 10.83  ? 67  SER A C   1 
ATOM   483  O  O   . SER A 1 61  ? -1.230  18.256  1.054   1.00 11.29  ? 67  SER A O   1 
ATOM   484  C  CB  . SER A 1 61  ? -2.099  15.898  -0.487  1.00 11.54  ? 67  SER A CB  1 
ATOM   485  O  OG  . SER A 1 61  ? -2.783  15.217  0.559   1.00 11.46  ? 67  SER A OG  1 
ATOM   486  N  N   . ARG A 1 62  ? 0.070   16.750  2.167   1.00 11.30  ? 68  ARG A N   1 
ATOM   487  C  CA  . ARG A 1 62  ? 0.326   17.578  3.352   1.00 11.82  ? 68  ARG A CA  1 
ATOM   488  C  C   . ARG A 1 62  ? 1.815   17.712  3.615   1.00 11.67  ? 68  ARG A C   1 
ATOM   489  O  O   . ARG A 1 62  ? 2.160   18.408  4.557   1.00 13.80  ? 68  ARG A O   1 
ATOM   490  C  CB  . ARG A 1 62  ? -0.377  16.999  4.565   1.00 11.89  ? 68  ARG A CB  1 
ATOM   491  C  CG  . ARG A 1 62  ? -1.877  17.005  4.443   1.00 11.69  ? 68  ARG A CG  1 
ATOM   492  C  CD  . ARG A 1 62  ? -2.451  18.425  4.632   1.00 12.66  ? 68  ARG A CD  1 
ATOM   493  N  NE  . ARG A 1 62  ? -3.881  18.476  4.517   1.00 13.26  ? 68  ARG A NE  1 
ATOM   494  C  CZ  . ARG A 1 62  ? -4.550  18.668  3.405   1.00 12.75  ? 68  ARG A CZ  1 
ATOM   495  N  NH1 . ARG A 1 62  ? -3.913  18.865  2.262   1.00 13.22  ? 68  ARG A NH1 1 
ATOM   496  N  NH2 . ARG A 1 62  ? -5.863  18.683  3.441   1.00 14.35  ? 68  ARG A NH2 1 
ATOM   497  N  N   . ARG A 1 63  ? 2.686   17.063  2.875   1.00 11.94  ? 69  ARG A N   1 
ATOM   498  C  CA  . ARG A 1 63  ? 4.122   16.946  3.166   1.00 12.73  ? 69  ARG A CA  1 
ATOM   499  C  C   . ARG A 1 63  ? 4.326   16.568  4.626   1.00 13.64  ? 69  ARG A C   1 
ATOM   500  O  O   . ARG A 1 63  ? 5.162   17.193  5.308   1.00 15.12  ? 69  ARG A O   1 
ATOM   501  C  CB  . ARG A 1 63  ? 4.899   18.214  2.785   1.00 13.49  ? 69  ARG A CB  1 
ATOM   502  C  CG  . ARG A 1 63  ? 4.919   18.457  1.293   1.00 14.65  ? 69  ARG A CG  1 
ATOM   503  C  CD  . ARG A 1 63  ? 5.835   19.621  0.962   1.00 16.28  ? 69  ARG A CD  1 
ATOM   504  N  NE  . ARG A 1 63  ? 5.852   19.998  -0.469  1.00 17.74  ? 69  ARG A NE  1 
ATOM   505  C  CZ  . ARG A 1 63  ? 5.425   21.173  -0.972  1.00 18.08  ? 69  ARG A CZ  1 
ATOM   506  N  NH1 . ARG A 1 63  ? 4.879   22.093  -0.189  1.00 18.73  ? 69  ARG A NH1 1 
ATOM   507  N  NH2 . ARG A 1 63  ? 5.456   21.390  -2.293  1.00 19.14  ? 69  ARG A NH2 1 
ATOM   508  N  N   . LYS A 1 64  ? 3.566   15.587  5.133   1.00 14.27  ? 70  LYS A N   1 
ATOM   509  C  CA  . LYS A 1 64  ? 3.587   15.298  6.581   1.00 14.66  ? 70  LYS A CA  1 
ATOM   510  C  C   . LYS A 1 64  ? 3.382   13.810  6.804   1.00 14.06  ? 70  LYS A C   1 
ATOM   511  O  O   . LYS A 1 64  ? 2.657   13.173  6.022   1.00 13.95  ? 70  LYS A O   1 
ATOM   512  C  CB  . LYS A 1 64  ? 2.503   16.050  7.342   1.00 17.01  ? 70  LYS A CB  1 
ATOM   513  C  CG  . LYS A 1 64  ? 2.794   17.521  7.553   1.00 25.25  ? 70  LYS A CG  1 
ATOM   514  C  CD  . LYS A 1 64  ? 2.022   18.125  8.717   1.00 31.41  ? 70  LYS A CD  1 
ATOM   515  C  CE  . LYS A 1 64  ? 2.289   19.611  8.884   1.00 38.92  ? 70  LYS A CE  1 
ATOM   516  N  NZ  . LYS A 1 64  ? 2.184   20.348  7.598   1.00 44.13  ? 70  LYS A NZ  1 
ATOM   517  N  N   . HIS A 1 65  ? 3.993   13.339  7.857   1.00 12.70  ? 71  HIS A N   1 
ATOM   518  C  CA  . HIS A 1 65  ? 3.758   11.982  8.384   1.00 13.02  ? 71  HIS A CA  1 
ATOM   519  C  C   . HIS A 1 65  ? 2.781   12.101  9.539   1.00 12.88  ? 71  HIS A C   1 
ATOM   520  O  O   . HIS A 1 65  ? 2.967   12.996  10.391  1.00 15.37  ? 71  HIS A O   1 
ATOM   521  C  CB  . HIS A 1 65  ? 5.042   11.309  8.835   1.00 12.66  ? 71  HIS A CB  1 
ATOM   522  C  CG  . HIS A 1 65  ? 6.021   10.989  7.764   1.00 13.06  ? 71  HIS A CG  1 
ATOM   523  N  ND1 . HIS A 1 65  ? 6.223   9.758   7.179   1.00 13.61  ? 71  HIS A ND1 1 
ATOM   524  C  CD2 . HIS A 1 65  ? 6.814   11.831  7.085   1.00 14.06  ? 71  HIS A CD2 1 
ATOM   525  C  CE1 . HIS A 1 65  ? 7.151   9.848   6.243   1.00 12.60  ? 71  HIS A CE1 1 
ATOM   526  N  NE2 . HIS A 1 65  ? 7.567   11.097  6.218   1.00 18.05  ? 71  HIS A NE2 1 
ATOM   527  N  N   . TYR A 1 66  ? 1.740   11.276  9.598   1.00 10.94  ? 72  TYR A N   1 
ATOM   528  C  CA  . TYR A 1 66  ? 0.717   11.296  10.661  1.00 11.44  ? 72  TYR A CA  1 
ATOM   529  C  C   . TYR A 1 66  ? 0.731   9.963   11.395  1.00 10.92  ? 72  TYR A C   1 
ATOM   530  O  O   . TYR A 1 66  ? 0.639   8.893   10.780  1.00 11.69  ? 72  TYR A O   1 
ATOM   531  C  CB  . TYR A 1 66  ? -0.672  11.527  10.073  1.00 12.90  ? 72  TYR A CB  1 
ATOM   532  C  CG  . TYR A 1 66  ? -0.862  12.888  9.453   1.00 13.48  ? 72  TYR A CG  1 
ATOM   533  C  CD1 . TYR A 1 66  ? -1.144  14.005  10.241  1.00 15.92  ? 72  TYR A CD1 1 
ATOM   534  C  CD2 . TYR A 1 66  ? -0.757  13.052  8.078   1.00 13.13  ? 72  TYR A CD2 1 
ATOM   535  C  CE1 . TYR A 1 66  ? -1.294  15.259  9.666   1.00 15.06  ? 72  TYR A CE1 1 
ATOM   536  C  CE2 . TYR A 1 66  ? -0.928  14.296  7.491   1.00 14.06  ? 72  TYR A CE2 1 
ATOM   537  C  CZ  . TYR A 1 66  ? -1.228  15.378  8.290   1.00 14.77  ? 72  TYR A CZ  1 
ATOM   538  O  OH  . TYR A 1 66  ? -1.445  16.618  7.738   1.00 17.35  ? 72  TYR A OH  1 
ATOM   539  N  N   . PRO A 1 67  ? 0.668   9.994   12.726  1.00 11.21  ? 73  PRO A N   1 
ATOM   540  C  CA  . PRO A 1 67  ? 0.412   8.794   13.508  1.00 11.22  ? 73  PRO A CA  1 
ATOM   541  C  C   . PRO A 1 67  ? -1.074  8.449   13.414  1.00 12.13  ? 73  PRO A C   1 
ATOM   542  O  O   . PRO A 1 67  ? -1.917  9.310   13.609  1.00 14.37  ? 73  PRO A O   1 
ATOM   543  C  CB  . PRO A 1 67  ? 0.807   9.153   14.942  1.00 12.25  ? 73  PRO A CB  1 
ATOM   544  C  CG  . PRO A 1 67  ? 0.741   10.627  14.992  1.00 14.29  ? 73  PRO A CG  1 
ATOM   545  C  CD  . PRO A 1 67  ? 0.888   11.182  13.588  1.00 12.34  ? 73  PRO A CD  1 
ATOM   546  N  N   . VAL A 1 68  ? -1.384  7.185   13.190  1.00 11.39  ? 74  VAL A N   1 
ATOM   547  C  CA  . VAL A 1 68  ? -2.765  6.701   13.015  1.00 11.34  ? 74  VAL A CA  1 
ATOM   548  C  C   . VAL A 1 68  ? -2.972  5.370   13.692  1.00 10.90  ? 74  VAL A C   1 
ATOM   549  O  O   . VAL A 1 68  ? -2.064  4.524   13.796  1.00 11.24  ? 74  VAL A O   1 
ATOM   550  C  CB  . VAL A 1 68  ? -3.157  6.585   11.542  1.00 11.97  ? 74  VAL A CB  1 
ATOM   551  C  CG1 . VAL A 1 68  ? -3.353  7.937   10.899  1.00 12.73  ? 74  VAL A CG1 1 
ATOM   552  C  CG2 . VAL A 1 68  ? -2.233  5.732   10.699  1.00 13.00  ? 74  VAL A CG2 1 
ATOM   553  N  N   . SER A 1 69  ? -4.202  5.165   14.084  1.00 11.16  ? 75  SER A N   1 
ATOM   554  C  CA  . SER A 1 69  ? -4.765  3.830   14.365  1.00 11.36  ? 75  SER A CA  1 
ATOM   555  C  C   . SER A 1 69  ? -5.474  3.364   13.105  1.00 10.99  ? 75  SER A C   1 
ATOM   556  O  O   . SER A 1 69  ? -6.104  4.168   12.456  1.00 11.06  ? 75  SER A O   1 
ATOM   557  C  CB  . SER A 1 69  ? -5.728  3.895   15.505  1.00 15.05  ? 75  SER A CB  1 
ATOM   558  O  OG  . SER A 1 69  ? -5.065  4.232   16.700  1.00 21.43  ? 75  SER A OG  1 
ATOM   559  N  N   . PHE A 1 70  ? -5.398  2.077   12.809  1.00 10.22  ? 76  PHE A N   1 
ATOM   560  C  CA  . PHE A 1 70  ? -6.013  1.543   11.588  1.00 10.50  ? 76  PHE A CA  1 
ATOM   561  C  C   . PHE A 1 70  ? -6.662  0.214   11.856  1.00 10.73  ? 76  PHE A C   1 
ATOM   562  O  O   . PHE A 1 70  ? -6.229  -0.532  12.747  1.00 11.22  ? 76  PHE A O   1 
ATOM   563  C  CB  . PHE A 1 70  ? -4.998  1.512   10.439  1.00 10.71  ? 76  PHE A CB  1 
ATOM   564  C  CG  . PHE A 1 70  ? -3.696  0.792   10.695  1.00 9.95   ? 76  PHE A CG  1 
ATOM   565  C  CD1 . PHE A 1 70  ? -2.619  1.444   11.265  1.00 10.75  ? 76  PHE A CD1 1 
ATOM   566  C  CD2 . PHE A 1 70  ? -3.589  -0.566  10.470  1.00 10.75  ? 76  PHE A CD2 1 
ATOM   567  C  CE1 . PHE A 1 70  ? -1.429  0.777   11.513  1.00 11.17  ? 76  PHE A CE1 1 
ATOM   568  C  CE2 . PHE A 1 70  ? -2.387  -1.209  10.708  1.00 10.56  ? 76  PHE A CE2 1 
ATOM   569  C  CZ  . PHE A 1 70  ? -1.317  -0.539  11.228  1.00 10.71  ? 76  PHE A CZ  1 
ATOM   570  N  N   . SER A 1 71  ? -7.690  -0.046  11.072  1.00 11.34  ? 77  SER A N   1 
ATOM   571  C  CA  . SER A 1 71  ? -8.400  -1.357  11.108  1.00 12.05  ? 77  SER A CA  1 
ATOM   572  C  C   . SER A 1 71  ? -7.540  -2.463  10.545  1.00 12.01  ? 77  SER A C   1 
ATOM   573  O  O   . SER A 1 71  ? -6.696  -2.257  9.710   1.00 11.74  ? 77  SER A O   1 
ATOM   574  C  CB  . SER A 1 71  ? -9.681  -1.267  10.398  1.00 11.78  ? 77  SER A CB  1 
ATOM   575  O  OG  . SER A 1 71  ? -9.533  -0.941  9.019   1.00 13.66  ? 77  SER A OG  1 
ATOM   576  N  N   . LYS A 1 72  ? -7.830  -3.700  10.947  1.00 12.17  ? 78  LYS A N   1 
ATOM   577  C  CA  . LYS A 1 72  ? -7.174  -4.893  10.370  1.00 12.12  ? 78  LYS A CA  1 
ATOM   578  C  C   . LYS A 1 72  ? -7.615  -5.055  8.924   1.00 12.53  ? 78  LYS A C   1 
ATOM   579  O  O   . LYS A 1 72  ? -8.716  -4.700  8.513   1.00 13.18  ? 78  LYS A O   1 
ATOM   580  C  CB  . LYS A 1 72  ? -7.477  -6.119  11.213  1.00 13.24  ? 78  LYS A CB  1 
ATOM   581  C  CG  . LYS A 1 72  ? -6.940  -6.033  12.618  1.00 13.86  ? 78  LYS A CG  1 
ATOM   582  C  CD  . LYS A 1 72  ? -7.231  -7.292  13.449  1.00 16.88  ? 78  LYS A CD  1 
ATOM   583  C  CE  . LYS A 1 72  ? -6.413  -7.243  14.719  1.00 21.56  ? 78  LYS A CE  1 
ATOM   584  N  NZ  . LYS A 1 72  ? -6.439  -8.507  15.491  1.00 26.24  ? 78  LYS A NZ  1 
ATOM   585  N  N   . PRO A 1 73  ? -6.752  -5.629  8.071   1.00 12.37  ? 79  PRO A N   1 
ATOM   586  C  CA  . PRO A 1 73  ? -7.059  -5.757  6.656   1.00 12.73  ? 79  PRO A CA  1 
ATOM   587  C  C   . PRO A 1 73  ? -8.368  -6.509  6.451   1.00 12.44  ? 79  PRO A C   1 
ATOM   588  O  O   . PRO A 1 73  ? -8.563  -7.579  7.069   1.00 15.34  ? 79  PRO A O   1 
ATOM   589  C  CB  . PRO A 1 73  ? -5.879  -6.567  6.119   1.00 13.70  ? 79  PRO A CB  1 
ATOM   590  C  CG  . PRO A 1 73  ? -4.755  -6.305  7.069   1.00 14.26  ? 79  PRO A CG  1 
ATOM   591  C  CD  . PRO A 1 73  ? -5.433  -6.144  8.427   1.00 12.66  ? 79  PRO A CD  1 
ATOM   592  N  N   . SER A 1 74  ? -9.247  -5.984  5.602   0.50 13.78  ? 80  SER A N   1 
ATOM   593  C  CA  . SER A 1 74  ? -10.568 -6.606  5.345   0.50 14.29  ? 80  SER A CA  1 
ATOM   594  C  C   . SER A 1 74  ? -11.073 -6.228  3.956   0.50 14.51  ? 80  SER A C   1 
ATOM   595  O  O   . SER A 1 74  ? -10.404 -5.454  3.234   0.50 13.85  ? 80  SER A O   1 
ATOM   596  C  CB  . SER A 1 74  ? -11.572 -6.216  6.405   0.50 15.77  ? 80  SER A CB  1 
ATOM   597  O  OG  . SER A 1 74  ? -10.933 -5.934  7.637   0.50 18.26  ? 80  SER A OG  1 
ATOM   598  N  N   . LEU A 1 75  ? -12.226 -6.793  3.603   1.00 14.13  ? 81  LEU A N   1 
ATOM   599  C  CA  . LEU A 1 75  ? -12.895 -6.597  2.310   1.00 14.55  ? 81  LEU A CA  1 
ATOM   600  C  C   . LEU A 1 75  ? -13.850 -5.447  2.537   1.00 15.39  ? 81  LEU A C   1 
ATOM   601  O  O   . LEU A 1 75  ? -14.791 -5.593  3.351   1.00 16.71  ? 81  LEU A O   1 
ATOM   602  C  CB  . LEU A 1 75  ? -13.558 -7.923  1.927   1.00 15.06  ? 81  LEU A CB  1 
ATOM   603  C  CG  . LEU A 1 75  ? -14.343 -7.837  0.624   1.00 17.65  ? 81  LEU A CG  1 
ATOM   604  C  CD1 . LEU A 1 75  ? -13.448 -7.498  -0.569  1.00 18.51  ? 81  LEU A CD1 1 
ATOM   605  C  CD2 . LEU A 1 75  ? -15.072 -9.152  0.374   1.00 18.62  ? 81  LEU A CD2 1 
ATOM   606  N  N   . ILE A 1 76  ? -13.603 -4.307  1.888   0.50 14.82  ? 82  ILE A N   1 
ATOM   607  C  CA  . ILE A 1 76  ? -14.272 -3.008  2.171   0.50 15.69  ? 82  ILE A CA  1 
ATOM   608  C  C   . ILE A 1 76  ? -14.819 -2.415  0.878   0.50 14.77  ? 82  ILE A C   1 
ATOM   609  O  O   . ILE A 1 76  ? -14.085 -2.386  -0.115  0.50 14.43  ? 82  ILE A O   1 
ATOM   610  C  CB  . ILE A 1 76  ? -13.279 -2.030  2.837   0.50 17.01  ? 82  ILE A CB  1 
ATOM   611  C  CG1 . ILE A 1 76  ? -12.677 -2.631  4.108   0.50 17.93  ? 82  ILE A CG1 1 
ATOM   612  C  CG2 . ILE A 1 76  ? -13.919 -0.676  3.087   0.50 18.88  ? 82  ILE A CG2 1 
ATOM   613  C  CD1 . ILE A 1 76  ? -13.659 -2.745  5.252   0.50 19.85  ? 82  ILE A CD1 1 
ATOM   614  N  N   . PHE A 1 77  ? -16.030 -1.865  0.928   1.00 13.85  ? 83  PHE A N   1 
ATOM   615  C  CA  . PHE A 1 77  ? -16.581 -1.109  -0.185  1.00 14.75  ? 83  PHE A CA  1 
ATOM   616  C  C   . PHE A 1 77  ? -15.902 0.258   -0.226  1.00 14.38  ? 83  PHE A C   1 
ATOM   617  O  O   . PHE A 1 77  ? -15.771 0.923   0.814   1.00 15.44  ? 83  PHE A O   1 
ATOM   618  C  CB  . PHE A 1 77  ? -18.097 -0.996  -0.112  1.00 14.79  ? 83  PHE A CB  1 
ATOM   619  C  CG  . PHE A 1 77  ? -18.650 -0.361  -1.346  1.00 15.09  ? 83  PHE A CG  1 
ATOM   620  C  CD1 . PHE A 1 77  ? -18.721 -1.097  -2.502  1.00 17.22  ? 83  PHE A CD1 1 
ATOM   621  C  CD2 . PHE A 1 77  ? -19.108 0.945   -1.351  1.00 18.71  ? 83  PHE A CD2 1 
ATOM   622  C  CE1 . PHE A 1 77  ? -19.258 -0.539  -3.659  1.00 18.19  ? 83  PHE A CE1 1 
ATOM   623  C  CE2 . PHE A 1 77  ? -19.623 1.502   -2.511  1.00 20.20  ? 83  PHE A CE2 1 
ATOM   624  C  CZ  . PHE A 1 77  ? -19.668 0.770   -3.657  1.00 19.40  ? 83  PHE A CZ  1 
ATOM   625  N  N   . VAL A 1 78  ? -15.412 0.617   -1.405  1.00 13.98  ? 84  VAL A N   1 
ATOM   626  C  CA  . VAL A 1 78  ? -14.696 1.880   -1.625  1.00 13.87  ? 84  VAL A CA  1 
ATOM   627  C  C   . VAL A 1 78  ? -15.522 2.686   -2.624  1.00 13.53  ? 84  VAL A C   1 
ATOM   628  O  O   . VAL A 1 78  ? -15.766 2.193   -3.752  1.00 14.98  ? 84  VAL A O   1 
ATOM   629  C  CB  . VAL A 1 78  ? -13.234 1.644   -2.074  1.00 13.62  ? 84  VAL A CB  1 
ATOM   630  C  CG1 . VAL A 1 78  ? -12.508 2.958   -2.231  1.00 14.08  ? 84  VAL A CG1 1 
ATOM   631  C  CG2 . VAL A 1 78  ? -12.536 0.743   -1.061  1.00 13.79  ? 84  VAL A CG2 1 
ATOM   632  N  N   . GLU A 1 79  ? -15.830 3.927   -2.331  1.00 13.20  ? 85  GLU A N   1 
ATOM   633  C  CA  . GLU A 1 79  ? -16.532 4.775   -3.293  1.00 13.55  ? 85  GLU A CA  1 
ATOM   634  C  C   . GLU A 1 79  ? -15.619 5.070   -4.481  1.00 13.99  ? 85  GLU A C   1 
ATOM   635  O  O   . GLU A 1 79  ? -14.360 4.901   -4.430  1.00 14.05  ? 85  GLU A O   1 
ATOM   636  C  CB  . GLU A 1 79  ? -16.992 6.062   -2.611  1.00 14.20  ? 85  GLU A CB  1 
ATOM   637  C  CG  . GLU A 1 79  ? -18.010 5.828   -1.529  1.00 16.19  ? 85  GLU A CG  1 
ATOM   638  C  CD  . GLU A 1 79  ? -19.338 5.261   -1.983  1.00 18.82  ? 85  GLU A CD  1 
ATOM   639  O  OE1 . GLU A 1 79  ? -19.695 5.300   -3.197  1.00 19.48  ? 85  GLU A OE1 1 
ATOM   640  O  OE2 . GLU A 1 79  ? -20.042 4.765   -1.085  1.00 18.82  ? 85  GLU A OE2 1 
ATOM   641  N  N   . ALA A 1 80  ? -16.212 5.516   -5.576  1.00 15.14  ? 86  ALA A N   1 
ATOM   642  C  CA  . ALA A 1 80  ? -15.453 5.852   -6.794  1.00 15.44  ? 86  ALA A CA  1 
ATOM   643  C  C   . ALA A 1 80  ? -14.404 6.892   -6.475  1.00 16.12  ? 86  ALA A C   1 
ATOM   644  O  O   . ALA A 1 80  ? -14.670 7.861   -5.732  1.00 15.84  ? 86  ALA A O   1 
ATOM   645  C  CB  . ALA A 1 80  ? -16.410 6.325   -7.858  1.00 15.17  ? 86  ALA A CB  1 
ATOM   646  N  N   . SER A 1 81  ? -13.247 6.746   -7.133  1.00 16.46  ? 87  SER A N   1 
ATOM   647  C  CA  . SER A 1 81  ? -12.115 7.690   -7.061  1.00 17.02  ? 87  SER A CA  1 
ATOM   648  C  C   . SER A 1 81  ? -11.758 8.062   -8.485  1.00 16.58  ? 87  SER A C   1 
ATOM   649  O  O   . SER A 1 81  ? -12.341 7.530   -9.448  1.00 17.12  ? 87  SER A O   1 
ATOM   650  C  CB  . SER A 1 81  ? -10.917 7.088   -6.373  1.00 16.57  ? 87  SER A CB  1 
ATOM   651  O  OG  . SER A 1 81  ? -10.397 6.029   -7.166  1.00 15.71  ? 87  SER A OG  1 
ATOM   652  N  N   . GLU A 1 82  ? -10.760 8.913   -8.626  1.00 17.78  ? 88  GLU A N   1 
ATOM   653  C  CA  . GLU A 1 82  ? -10.300 9.285   -9.979  1.00 19.43  ? 88  GLU A CA  1 
ATOM   654  C  C   . GLU A 1 82  ? -9.727  8.055   -10.696 1.00 19.15  ? 88  GLU A C   1 
ATOM   655  O  O   . GLU A 1 82  ? -9.725  8.056   -11.950 1.00 20.02  ? 88  GLU A O   1 
ATOM   656  C  CB  . GLU A 1 82  ? -9.419  10.543  -9.874  1.00 23.32  ? 88  GLU A CB  1 
ATOM   657  C  CG  . GLU A 1 82  ? -7.949  10.348  -9.780  1.00 30.95  ? 88  GLU A CG  1 
ATOM   658  C  CD  . GLU A 1 82  ? -7.185  11.676  -9.779  1.00 30.60  ? 88  GLU A CD  1 
ATOM   659  O  OE1 . GLU A 1 82  ? -7.777  12.717  -9.396  1.00 33.70  ? 88  GLU A OE1 1 
ATOM   660  O  OE2 . GLU A 1 82  ? -6.000  11.654  -10.125 1.00 41.11  ? 88  GLU A OE2 1 
ATOM   661  N  N   . TYR A 1 83  ? -9.308  7.004   -9.994  1.00 16.03  ? 89  TYR A N   1 
ATOM   662  C  CA  . TYR A 1 83  ? -8.576  5.873   -10.628 1.00 15.06  ? 89  TYR A CA  1 
ATOM   663  C  C   . TYR A 1 83  ? -9.268  4.508   -10.542 1.00 15.88  ? 89  TYR A C   1 
ATOM   664  O  O   . TYR A 1 83  ? -8.794  3.515   -11.183 1.00 16.53  ? 89  TYR A O   1 
ATOM   665  C  CB  . TYR A 1 83  ? -7.155  5.803   -10.059 1.00 14.74  ? 89  TYR A CB  1 
ATOM   666  C  CG  . TYR A 1 83  ? -7.066  5.798   -8.563  1.00 14.52  ? 89  TYR A CG  1 
ATOM   667  C  CD1 . TYR A 1 83  ? -7.018  7.002   -7.881  1.00 14.73  ? 89  TYR A CD1 1 
ATOM   668  C  CD2 . TYR A 1 83  ? -7.111  4.628   -7.822  1.00 14.69  ? 89  TYR A CD2 1 
ATOM   669  C  CE1 . TYR A 1 83  ? -6.956  7.028   -6.505  1.00 14.93  ? 89  TYR A CE1 1 
ATOM   670  C  CE2 . TYR A 1 83  ? -7.113  4.645   -6.441  1.00 15.14  ? 89  TYR A CE2 1 
ATOM   671  C  CZ  . TYR A 1 83  ? -7.003  5.850   -5.780  1.00 13.46  ? 89  TYR A CZ  1 
ATOM   672  O  OH  . TYR A 1 83  ? -7.010  5.948   -4.418  1.00 13.93  ? 89  TYR A OH  1 
ATOM   673  N  N   . TYR A 1 84  ? -10.364 4.386   -9.787  1.00 16.38  ? 90  TYR A N   1 
ATOM   674  C  CA  . TYR A 1 84  ? -11.211 3.190   -9.822  1.00 15.38  ? 90  TYR A CA  1 
ATOM   675  C  C   . TYR A 1 84  ? -12.672 3.571   -9.675  1.00 14.52  ? 90  TYR A C   1 
ATOM   676  O  O   . TYR A 1 84  ? -13.018 4.523   -8.996  1.00 14.38  ? 90  TYR A O   1 
ATOM   677  C  CB  . TYR A 1 84  ? -10.915 2.277   -8.633  1.00 15.54  ? 90  TYR A CB  1 
ATOM   678  C  CG  . TYR A 1 84  ? -9.631  1.488   -8.715  1.00 15.33  ? 90  TYR A CG  1 
ATOM   679  C  CD1 . TYR A 1 84  ? -9.399  0.582   -9.748  1.00 16.68  ? 90  TYR A CD1 1 
ATOM   680  C  CD2 . TYR A 1 84  ? -8.690  1.540   -7.703  1.00 15.46  ? 90  TYR A CD2 1 
ATOM   681  C  CE1 . TYR A 1 84  ? -8.247  -0.195  -9.777  1.00 16.52  ? 90  TYR A CE1 1 
ATOM   682  C  CE2 . TYR A 1 84  ? -7.530  0.783   -7.729  1.00 15.18  ? 90  TYR A CE2 1 
ATOM   683  C  CZ  . TYR A 1 84  ? -7.303  -0.091  -8.765  1.00 14.71  ? 90  TYR A CZ  1 
ATOM   684  O  OH  . TYR A 1 84  ? -6.164  -0.870  -8.780  1.00 14.99  ? 90  TYR A OH  1 
ATOM   685  N  N   . PRO A 1 85  ? -13.586 2.764   -10.243 1.00 14.49  ? 91  PRO A N   1 
ATOM   686  C  CA  . PRO A 1 85  ? -15.010 2.899   -9.928  1.00 14.44  ? 91  PRO A CA  1 
ATOM   687  C  C   . PRO A 1 85  ? -15.262 2.517   -8.463  1.00 15.40  ? 91  PRO A C   1 
ATOM   688  O  O   . PRO A 1 85  ? -14.404 1.989   -7.772  1.00 14.61  ? 91  PRO A O   1 
ATOM   689  C  CB  . PRO A 1 85  ? -15.648 1.856   -10.860 1.00 15.37  ? 91  PRO A CB  1 
ATOM   690  C  CG  . PRO A 1 85  ? -14.589 0.788   -10.969 1.00 16.97  ? 91  PRO A CG  1 
ATOM   691  C  CD  . PRO A 1 85  ? -13.285 1.558   -11.020 1.00 15.68  ? 91  PRO A CD  1 
ATOM   692  N  N   . ALA A 1 86  ? -16.481 2.743   -7.997  1.00 15.77  ? 92  ALA A N   1 
ATOM   693  C  CA  . ALA A 1 86  ? -16.918 2.195   -6.711  1.00 16.83  ? 92  ALA A CA  1 
ATOM   694  C  C   . ALA A 1 86  ? -16.760 0.676   -6.773  1.00 18.21  ? 92  ALA A C   1 
ATOM   695  O  O   . ALA A 1 86  ? -17.186 0.078   -7.766  1.00 20.67  ? 92  ALA A O   1 
ATOM   696  C  CB  . ALA A 1 86  ? -18.343 2.599   -6.419  1.00 18.38  ? 92  ALA A CB  1 
ATOM   697  N  N   . ARG A 1 87  ? -16.149 0.043   -5.795  1.00 16.24  ? 93  ARG A N   1 
ATOM   698  C  CA  . ARG A 1 87  ? -15.942 -1.415  -5.815  1.00 17.83  ? 93  ARG A CA  1 
ATOM   699  C  C   . ARG A 1 87  ? -15.525 -1.907  -4.426  1.00 16.78  ? 93  ARG A C   1 
ATOM   700  O  O   . ARG A 1 87  ? -15.217 -1.096  -3.533  1.00 16.25  ? 93  ARG A O   1 
ATOM   701  C  CB  . ARG A 1 87  ? -14.908 -1.737  -6.892  1.00 18.25  ? 93  ARG A CB  1 
ATOM   702  C  CG  . ARG A 1 87  ? -13.529 -1.270  -6.501  1.00 17.49  ? 93  ARG A CG  1 
ATOM   703  C  CD  . ARG A 1 87  ? -12.438 -1.401  -7.568  1.00 19.07  ? 93  ARG A CD  1 
ATOM   704  N  NE  . ARG A 1 87  ? -11.175 -1.372  -6.859  1.00 17.43  ? 93  ARG A NE  1 
ATOM   705  C  CZ  . ARG A 1 87  ? -10.138 -2.183  -7.029  1.00 17.27  ? 93  ARG A CZ  1 
ATOM   706  N  NH1 . ARG A 1 87  ? -10.078 -3.093  -8.000  1.00 18.11  ? 93  ARG A NH1 1 
ATOM   707  N  NH2 . ARG A 1 87  ? -9.167  -2.084  -6.149  1.00 18.60  ? 93  ARG A NH2 1 
ATOM   708  N  N   . TYR A 1 88  ? -15.486 -3.209  -4.286  1.00 15.82  ? 94  TYR A N   1 
ATOM   709  C  CA  . TYR A 1 88  ? -14.952 -3.889  -3.100  1.00 15.64  ? 94  TYR A CA  1 
ATOM   710  C  C   . TYR A 1 88  ? -13.469 -4.049  -3.296  1.00 16.19  ? 94  TYR A C   1 
ATOM   711  O  O   . TYR A 1 88  ? -13.025 -4.404  -4.409  1.00 19.80  ? 94  TYR A O   1 
ATOM   712  C  CB  . TYR A 1 88  ? -15.657 -5.211  -2.900  1.00 16.48  ? 94  TYR A CB  1 
ATOM   713  C  CG  . TYR A 1 88  ? -16.989 -5.011  -2.222  1.00 18.57  ? 94  TYR A CG  1 
ATOM   714  C  CD1 . TYR A 1 88  ? -16.996 -4.846  -0.860  1.00 20.19  ? 94  TYR A CD1 1 
ATOM   715  C  CD2 . TYR A 1 88  ? -18.173 -4.898  -2.915  1.00 22.57  ? 94  TYR A CD2 1 
ATOM   716  C  CE1 . TYR A 1 88  ? -18.161 -4.665  -0.150  1.00 23.67  ? 94  TYR A CE1 1 
ATOM   717  C  CE2 . TYR A 1 88  ? -19.367 -4.689  -2.219  1.00 21.96  ? 94  TYR A CE2 1 
ATOM   718  C  CZ  . TYR A 1 88  ? -19.349 -4.577  -0.837  1.00 23.16  ? 94  TYR A CZ  1 
ATOM   719  O  OH  . TYR A 1 88  ? -20.466 -4.373  -0.076  1.00 30.28  ? 94  TYR A OH  1 
ATOM   720  N  N   . GLN A 1 89  ? -12.704 -3.587  -2.321  1.00 14.52  ? 95  GLN A N   1 
ATOM   721  C  CA  . GLN A 1 89  ? -11.238 -3.778  -2.339  1.00 13.57  ? 95  GLN A CA  1 
ATOM   722  C  C   . GLN A 1 89  ? -10.871 -4.675  -1.161  1.00 13.47  ? 95  GLN A C   1 
ATOM   723  O  O   . GLN A 1 89  ? -11.399 -4.426  -0.022  1.00 15.13  ? 95  GLN A O   1 
ATOM   724  C  CB  . GLN A 1 89  ? -10.538 -2.430  -2.232  1.00 14.03  ? 95  GLN A CB  1 
ATOM   725  C  CG  . GLN A 1 89  ? -9.032  -2.538  -2.233  1.00 15.21  ? 95  GLN A CG  1 
ATOM   726  C  CD  . GLN A 1 89  ? -8.316  -1.268  -2.661  1.00 13.75  ? 95  GLN A CD  1 
ATOM   727  O  OE1 . GLN A 1 89  ? -8.800  -0.529  -3.500  1.00 14.30  ? 95  GLN A OE1 1 
ATOM   728  N  NE2 . GLN A 1 89  ? -7.176  -1.056  -2.050  1.00 14.24  ? 95  GLN A NE2 1 
ATOM   729  N  N   . SER A 1 90  ? -10.048 -5.707  -1.359  1.00 12.46  ? 96  SER A N   1 
ATOM   730  C  CA  . SER A 1 90  ? -9.637  -6.656  -0.322  1.00 13.07  ? 96  SER A CA  1 
ATOM   731  C  C   . SER A 1 90  ? -8.355  -6.184  0.370   1.00 12.29  ? 96  SER A C   1 
ATOM   732  O  O   . SER A 1 90  ? -7.595  -5.376  -0.202  1.00 12.20  ? 96  SER A O   1 
ATOM   733  C  CB  . SER A 1 90  ? -9.494  -8.057  -0.873  1.00 14.17  ? 96  SER A CB  1 
ATOM   734  O  OG  . SER A 1 90  ? -8.459  -8.088  -1.842  1.00 16.29  ? 96  SER A OG  1 
ATOM   735  N  N   . HIS A 1 91  ? -8.058  -6.796  1.496   1.00 11.73  ? 97  HIS A N   1 
ATOM   736  C  CA  . HIS A 1 91  ? -6.808  -6.560  2.255   1.00 12.29  ? 97  HIS A CA  1 
ATOM   737  C  C   . HIS A 1 91  ? -6.597  -5.058  2.524   1.00 11.12  ? 97  HIS A C   1 
ATOM   738  O  O   . HIS A 1 91  ? -5.450  -4.612  2.516   1.00 11.68  ? 97  HIS A O   1 
ATOM   739  C  CB  . HIS A 1 91  ? -5.646  -7.208  1.511   1.00 13.58  ? 97  HIS A CB  1 
ATOM   740  C  CG  . HIS A 1 91  ? -5.802  -8.680  1.377   1.00 12.71  ? 97  HIS A CG  1 
ATOM   741  N  ND1 . HIS A 1 91  ? -5.209  -9.547  2.247   1.00 14.07  ? 97  HIS A ND1 1 
ATOM   742  C  CD2 . HIS A 1 91  ? -6.439  -9.424  0.440   1.00 13.75  ? 97  HIS A CD2 1 
ATOM   743  C  CE1 . HIS A 1 91  ? -5.452  -10.798 1.850   1.00 14.43  ? 97  HIS A CE1 1 
ATOM   744  N  NE2 . HIS A 1 91  ? -6.243  -10.757 0.795   1.00 15.67  ? 97  HIS A NE2 1 
ATOM   745  N  N   . LEU A 1 92  ? -7.641  -4.339  2.796   1.00 11.49  ? 98  LEU A N   1 
ATOM   746  C  CA  . LEU A 1 92  ? -7.589  -2.887  2.976   1.00 11.23  ? 98  LEU A CA  1 
ATOM   747  C  C   . LEU A 1 92  ? -7.757  -2.568  4.460   1.00 10.09  ? 98  LEU A C   1 
ATOM   748  O  O   . LEU A 1 92  ? -8.666  -3.103  5.107   1.00 11.72  ? 98  LEU A O   1 
ATOM   749  C  CB  . LEU A 1 92  ? -8.721  -2.263  2.182   1.00 11.18  ? 98  LEU A CB  1 
ATOM   750  C  CG  . LEU A 1 92  ? -8.784  -0.746  2.186   1.00 12.32  ? 98  LEU A CG  1 
ATOM   751  C  CD1 . LEU A 1 92  ? -7.619  -0.180  1.446   1.00 12.63  ? 98  LEU A CD1 1 
ATOM   752  C  CD2 . LEU A 1 92  ? -10.090 -0.205  1.617   1.00 12.77  ? 98  LEU A CD2 1 
ATOM   753  N  N   . MET A 1 93  ? -6.965  -1.623  4.920   1.00 10.13  ? 99  MET A N   1 
ATOM   754  C  CA  . MET A 1 93  ? -7.009  -1.064  6.290   1.00 11.02  ? 99  MET A CA  1 
ATOM   755  C  C   . MET A 1 93  ? -7.468  0.371   6.203   1.00 10.62  ? 99  MET A C   1 
ATOM   756  O  O   . MET A 1 93  ? -6.995  1.059   5.324   1.00 11.79  ? 99  MET A O   1 
ATOM   757  C  CB  . MET A 1 93  ? -5.622  -1.164  6.914   1.00 10.52  ? 99  MET A CB  1 
ATOM   758  C  CG  . MET A 1 93  ? -5.105  -2.590  6.972   1.00 12.28  ? 99  MET A CG  1 
ATOM   759  S  SD  . MET A 1 93  ? -3.378  -2.760  7.427   1.00 12.92  ? 99  MET A SD  1 
ATOM   760  C  CE  . MET A 1 93  ? -2.582  -2.114  5.964   1.00 11.75  ? 99  MET A CE  1 
ATOM   761  N  N   . LEU A 1 94  ? -8.263  0.817   7.165   1.00 10.48  ? 100 LEU A N   1 
ATOM   762  C  CA  . LEU A 1 94  ? -8.747  2.208   7.152   1.00 10.01  ? 100 LEU A CA  1 
ATOM   763  C  C   . LEU A 1 94  ? -8.267  2.916   8.399   1.00 10.58  ? 100 LEU A C   1 
ATOM   764  O  O   . LEU A 1 94  ? -8.232  2.318   9.499   1.00 11.19  ? 100 LEU A O   1 
ATOM   765  C  CB  . LEU A 1 94  ? -10.276 2.238   7.109   1.00 11.69  ? 100 LEU A CB  1 
ATOM   766  C  CG  . LEU A 1 94  ? -10.908 1.781   5.816   1.00 12.34  ? 100 LEU A CG  1 
ATOM   767  C  CD1 . LEU A 1 94  ? -12.421 1.759   5.992   1.00 14.32  ? 100 LEU A CD1 1 
ATOM   768  C  CD2 . LEU A 1 94  ? -10.455 2.636   4.640   1.00 14.34  ? 100 LEU A CD2 1 
ATOM   769  N  N   . ALA A 1 95  ? -7.957  4.199   8.268   1.00 9.62   ? 101 ALA A N   1 
ATOM   770  C  CA  . ALA A 1 95  ? -7.669  5.116   9.374   1.00 9.47   ? 101 ALA A CA  1 
ATOM   771  C  C   . ALA A 1 95  ? -8.365  6.434   9.103   1.00 10.22  ? 101 ALA A C   1 
ATOM   772  O  O   . ALA A 1 95  ? -8.719  6.738   7.933   1.00 10.89  ? 101 ALA A O   1 
ATOM   773  C  CB  . ALA A 1 95  ? -6.183  5.369   9.520   1.00 10.56  ? 101 ALA A CB  1 
ATOM   774  N  N   . VAL A 1 96  ? -8.532  7.210   10.146  1.00 10.71  ? 102 VAL A N   1 
ATOM   775  C  CA  . VAL A 1 96  ? -9.055  8.583   9.992   1.00 10.02  ? 102 VAL A CA  1 
ATOM   776  C  C   . VAL A 1 96  ? -7.869  9.468   9.639   1.00 10.81  ? 102 VAL A C   1 
ATOM   777  O  O   . VAL A 1 96  ? -6.907  9.544   10.378  1.00 11.49  ? 102 VAL A O   1 
ATOM   778  C  CB  . VAL A 1 96  ? -9.759  9.033   11.276  1.00 10.08  ? 102 VAL A CB  1 
ATOM   779  C  CG1 . VAL A 1 96  ? -10.211 10.470  11.148  1.00 10.16  ? 102 VAL A CG1 1 
ATOM   780  C  CG2 . VAL A 1 96  ? -10.946 8.149   11.591  1.00 10.09  ? 102 VAL A CG2 1 
ATOM   781  N  N   . GLY A 1 97  ? -7.967  10.109  8.498   1.00 10.96  ? 103 GLY A N   1 
ATOM   782  C  CA  . GLY A 1 97  ? -6.847  10.921  8.024   1.00 11.18  ? 103 GLY A CA  1 
ATOM   783  C  C   . GLY A 1 97  ? -7.091  11.404  6.616   1.00 11.79  ? 103 GLY A C   1 
ATOM   784  O  O   . GLY A 1 97  ? -8.068  11.032  5.980   1.00 12.51  ? 103 GLY A O   1 
ATOM   785  N  N   . HIS A 1 98  ? -6.182  12.230  6.141   1.00 11.78  ? 104 HIS A N   1 
ATOM   786  C  CA  . HIS A 1 98  ? -6.280  12.841  4.814   1.00 12.55  ? 104 HIS A CA  1 
ATOM   787  C  C   . HIS A 1 98  ? -5.624  11.964  3.754   1.00 11.69  ? 104 HIS A C   1 
ATOM   788  O  O   . HIS A 1 98  ? -4.457  11.561  3.895   1.00 11.64  ? 104 HIS A O   1 
ATOM   789  C  CB  . HIS A 1 98  ? -5.633  14.234  4.867   1.00 12.05  ? 104 HIS A CB  1 
ATOM   790  C  CG  . HIS A 1 98  ? -5.879  14.963  3.601   1.00 13.22  ? 104 HIS A CG  1 
ATOM   791  N  ND1 . HIS A 1 98  ? -7.139  15.328  3.229   1.00 13.84  ? 104 HIS A ND1 1 
ATOM   792  C  CD2 . HIS A 1 98  ? -5.061  15.268  2.566   1.00 14.19  ? 104 HIS A CD2 1 
ATOM   793  C  CE1 . HIS A 1 98  ? -7.062  15.923  2.031   1.00 14.48  ? 104 HIS A CE1 1 
ATOM   794  N  NE2 . HIS A 1 98  ? -5.835  15.863  1.617   1.00 14.40  ? 104 HIS A NE2 1 
ATOM   795  N  N   . SER A 1 99  ? -6.330  11.789  2.642   1.00 11.28  ? 105 SER A N   1 
ATOM   796  C  CA  . SER A 1 99  ? -5.820  11.052  1.490   1.00 11.58  ? 105 SER A CA  1 
ATOM   797  C  C   . SER A 1 99  ? -6.516  11.533  0.223   1.00 12.61  ? 105 SER A C   1 
ATOM   798  O  O   . SER A 1 99  ? -7.763  11.367  0.119   1.00 15.54  ? 105 SER A O   1 
ATOM   799  C  CB  . SER A 1 99  ? -6.024  9.556   1.709   1.00 12.27  ? 105 SER A CB  1 
ATOM   800  O  OG  . SER A 1 99  ? -5.599  8.834   0.574   1.00 13.45  ? 105 SER A OG  1 
ATOM   801  N  N   . GLU A 1 100 ? -5.719  11.990  -0.707  1.00 12.39  ? 106 GLU A N   1 
ATOM   802  C  CA  . GLU A 1 100 ? -6.119  12.350  -2.091  1.00 13.53  ? 106 GLU A CA  1 
ATOM   803  C  C   . GLU A 1 100 ? -5.502  11.345  -3.040  1.00 14.56  ? 106 GLU A C   1 
ATOM   804  O  O   . GLU A 1 100 ? -4.563  10.612  -2.687  1.00 13.30  ? 106 GLU A O   1 
ATOM   805  C  CB  . GLU A 1 100 ? -5.590  13.757  -2.417  1.00 16.26  ? 106 GLU A CB  1 
ATOM   806  C  CG  . GLU A 1 100 ? -6.252  14.828  -1.581  1.00 18.97  ? 106 GLU A CG  1 
ATOM   807  C  CD  . GLU A 1 100 ? -5.694  16.243  -1.766  1.00 17.41  ? 106 GLU A CD  1 
ATOM   808  O  OE1 . GLU A 1 100 ? -5.277  16.580  -2.889  1.00 24.88  ? 106 GLU A OE1 1 
ATOM   809  O  OE2 . GLU A 1 100 ? -5.625  16.965  -0.834  1.00 17.50  ? 106 GLU A OE2 1 
ATOM   810  N  N   . PRO A 1 101 ? -5.953  11.255  -4.309  1.00 15.32  ? 107 PRO A N   1 
ATOM   811  C  CA  . PRO A 1 101 ? -5.439  10.226  -5.203  1.00 14.95  ? 107 PRO A CA  1 
ATOM   812  C  C   . PRO A 1 101 ? -3.912  10.192  -5.265  1.00 14.65  ? 107 PRO A C   1 
ATOM   813  O  O   . PRO A 1 101 ? -3.279  9.101   -5.281  1.00 16.95  ? 107 PRO A O   1 
ATOM   814  C  CB  . PRO A 1 101 ? -6.097  10.649  -6.535  1.00 15.05  ? 107 PRO A CB  1 
ATOM   815  C  CG  . PRO A 1 101 ? -7.438  11.129  -6.085  1.00 16.16  ? 107 PRO A CG  1 
ATOM   816  C  CD  . PRO A 1 101 ? -7.088  11.996  -4.882  1.00 16.58  ? 107 PRO A CD  1 
ATOM   817  N  N   . GLY A 1 102 ? -3.256  11.351  -5.340  1.00 14.82  ? 108 GLY A N   1 
ATOM   818  C  CA  . GLY A 1 102 ? -1.809  11.389  -5.507  1.00 14.39  ? 108 GLY A CA  1 
ATOM   819  C  C   . GLY A 1 102 ? -1.048  10.951  -4.255  1.00 12.98  ? 108 GLY A C   1 
ATOM   820  O  O   . GLY A 1 102 ? 0.185   10.803  -4.312  1.00 13.42  ? 108 GLY A O   1 
ATOM   821  N  N   . ASP A 1 103 ? -1.761  10.779  -3.143  1.00 12.20  ? 109 ASP A N   1 
ATOM   822  C  CA  . ASP A 1 103 ? -1.140  10.237  -1.927  1.00 11.35  ? 109 ASP A CA  1 
ATOM   823  C  C   . ASP A 1 103 ? -0.905  8.740   -2.033  1.00 10.89  ? 109 ASP A C   1 
ATOM   824  O  O   . ASP A 1 103 ? -0.197  8.203   -1.202  1.00 11.29  ? 109 ASP A O   1 
ATOM   825  C  CB  . ASP A 1 103 ? -2.031  10.554  -0.734  1.00 11.41  ? 109 ASP A CB  1 
ATOM   826  C  CG  . ASP A 1 103 ? -2.042  12.048  -0.390  1.00 10.29  ? 109 ASP A CG  1 
ATOM   827  O  OD1 . ASP A 1 103 ? -0.920  12.632  -0.532  1.00 12.82  ? 109 ASP A OD1 1 
ATOM   828  O  OD2 . ASP A 1 103 ? -3.069  12.588  0.035   1.00 12.01  ? 109 ASP A OD2 1 
ATOM   829  N  N   . CYS A 1 104 ? -1.484  8.070   -3.011  1.00 11.17  ? 110 CYS A N   1 
ATOM   830  C  CA  . CYS A 1 104 ? -1.264  6.630   -3.137  1.00 10.51  ? 110 CYS A CA  1 
ATOM   831  C  C   . CYS A 1 104 ? 0.221   6.349   -3.238  1.00 10.99  ? 110 CYS A C   1 
ATOM   832  O  O   . CYS A 1 104 ? 0.963   7.052   -3.946  1.00 11.73  ? 110 CYS A O   1 
ATOM   833  C  CB  . CYS A 1 104 ? -1.980  6.125   -4.386  1.00 10.82  ? 110 CYS A CB  1 
ATOM   834  S  SG  . CYS A 1 104 ? -3.757  5.937   -4.155  1.00 12.65  ? 110 CYS A SG  1 
ATOM   835  N  N   . GLY A 1 105 ? 0.634   5.287   -2.559  1.00 10.09  ? 111 GLY A N   1 
ATOM   836  C  CA  . GLY A 1 105 ? 2.027   4.840   -2.527  1.00 10.16  ? 111 GLY A CA  1 
ATOM   837  C  C   . GLY A 1 105 ? 2.779   5.333   -1.294  1.00 10.77  ? 111 GLY A C   1 
ATOM   838  O  O   . GLY A 1 105 ? 3.884   4.856   -1.048  1.00 12.04  ? 111 GLY A O   1 
ATOM   839  N  N   . GLY A 1 106 ? 2.222   6.268   -0.520  1.00 10.58  ? 112 GLY A N   1 
ATOM   840  C  CA  . GLY A 1 106 ? 2.844   6.645   0.748   1.00 10.06  ? 112 GLY A CA  1 
ATOM   841  C  C   . GLY A 1 106 ? 2.905   5.470   1.699   1.00 10.25  ? 112 GLY A C   1 
ATOM   842  O  O   . GLY A 1 106 ? 1.954   4.691   1.746   1.00 9.60   ? 112 GLY A O   1 
ATOM   843  N  N   . ILE A 1 107 ? 3.987   5.330   2.426   1.00 10.41  ? 113 ILE A N   1 
ATOM   844  C  CA  . ILE A 1 107 ? 4.180   4.156   3.307   1.00 10.47  ? 113 ILE A CA  1 
ATOM   845  C  C   . ILE A 1 107 ? 3.431   4.367   4.613   1.00 10.06  ? 113 ILE A C   1 
ATOM   846  O  O   . ILE A 1 107 ? 3.518   5.461   5.215   1.00 10.48  ? 113 ILE A O   1 
ATOM   847  C  CB  . ILE A 1 107 ? 5.681   3.906   3.531   1.00 12.68  ? 113 ILE A CB  1 
ATOM   848  C  CG1 . ILE A 1 107 ? 6.245   3.218   2.287   1.00 14.23  ? 113 ILE A CG1 1 
ATOM   849  C  CG2 . ILE A 1 107 ? 5.964   3.109   4.810   1.00 11.80  ? 113 ILE A CG2 1 
ATOM   850  C  CD1 . ILE A 1 107 ? 7.739   3.071   2.301   1.00 17.28  ? 113 ILE A CD1 1 
ATOM   851  N  N   . LEU A 1 108 ? 2.828   3.298   5.106   1.00 9.29   ? 114 LEU A N   1 
ATOM   852  C  CA  . LEU A 1 108 ? 2.360   3.143   6.510   1.00 9.72   ? 114 LEU A CA  1 
ATOM   853  C  C   . LEU A 1 108 ? 3.376   2.210   7.161   1.00 9.74   ? 114 LEU A C   1 
ATOM   854  O  O   . LEU A 1 108 ? 3.643   1.121   6.590   1.00 10.06  ? 114 LEU A O   1 
ATOM   855  C  CB  . LEU A 1 108 ? 0.958   2.534   6.517   1.00 10.15  ? 114 LEU A CB  1 
ATOM   856  C  CG  . LEU A 1 108 ? 0.451   2.099   7.880   1.00 10.33  ? 114 LEU A CG  1 
ATOM   857  C  CD1 . LEU A 1 108 ? 0.193   3.279   8.799   1.00 11.28  ? 114 LEU A CD1 1 
ATOM   858  C  CD2 . LEU A 1 108 ? -0.825  1.281   7.696   1.00 11.04  ? 114 LEU A CD2 1 
ATOM   859  N  N   . ARG A 1 109 ? 3.938   2.616   8.291   1.00 9.79   ? 115 ARG A N   1 
ATOM   860  C  CA  . ARG A 1 109 ? 4.934   1.815   9.021   1.00 9.79   ? 115 ARG A CA  1 
ATOM   861  C  C   . ARG A 1 109 ? 4.570   1.708   10.480  1.00 10.52  ? 115 ARG A C   1 
ATOM   862  O  O   . ARG A 1 109 ? 3.929   2.612   11.045  1.00 10.58  ? 115 ARG A O   1 
ATOM   863  C  CB  . ARG A 1 109 ? 6.328   2.381   8.841   1.00 11.45  ? 115 ARG A CB  1 
ATOM   864  C  CG  . ARG A 1 109 ? 6.501   3.750   9.481   1.00 12.72  ? 115 ARG A CG  1 
ATOM   865  C  CD  . ARG A 1 109 ? 7.867   4.360   9.223   1.00 15.32  ? 115 ARG A CD  1 
ATOM   866  N  NE  . ARG A 1 109 ? 7.984   4.840   7.852   1.00 18.59  ? 115 ARG A NE  1 
ATOM   867  C  CZ  . ARG A 1 109 ? 8.905   4.474   6.944   1.00 19.66  ? 115 ARG A CZ  1 
ATOM   868  N  NH1 . ARG A 1 109 ? 9.790   3.534   7.214   1.00 23.23  ? 115 ARG A NH1 1 
ATOM   869  N  NH2 . ARG A 1 109 ? 8.921   5.050   5.762   1.00 22.80  ? 115 ARG A NH2 1 
ATOM   870  N  N   . CYS A 1 110 ? 4.935   0.579   11.056  1.00 10.08  ? 116 CYS A N   1 
ATOM   871  C  CA  . CYS A 1 110 ? 4.839   0.306   12.504  1.00 10.95  ? 116 CYS A CA  1 
ATOM   872  C  C   . CYS A 1 110 ? 6.246   0.067   13.033  1.00 10.48  ? 116 CYS A C   1 
ATOM   873  O  O   . CYS A 1 110 ? 7.222   0.096   12.322  1.00 12.01  ? 116 CYS A O   1 
ATOM   874  C  CB  . CYS A 1 110 ? 3.856   -0.841  12.746  1.00 10.47  ? 116 CYS A CB  1 
ATOM   875  S  SG  . CYS A 1 110 ? 4.563   -2.408  12.164  1.00 10.85  ? 116 CYS A SG  1 
ATOM   876  N  N   . GLN A 1 111 ? 6.326   -0.280  14.321  1.00 12.89  ? 117 GLN A N   1 
ATOM   877  C  CA  . GLN A 1 111 ? 7.594   -0.656  14.946  1.00 13.74  ? 117 GLN A CA  1 
ATOM   878  C  C   . GLN A 1 111 ? 8.279   -1.816  14.223  1.00 13.72  ? 117 GLN A C   1 
ATOM   879  O  O   . GLN A 1 111 ? 9.483   -1.919  14.330  1.00 17.88  ? 117 GLN A O   1 
ATOM   880  C  CB  . GLN A 1 111 ? 7.379   -0.972  16.426  1.00 15.56  ? 117 GLN A CB  1 
ATOM   881  C  CG  . GLN A 1 111 ? 6.578   -2.242  16.664  1.00 17.06  ? 117 GLN A CG  1 
ATOM   882  C  CD  . GLN A 1 111 ? 6.353   -2.576  18.115  1.00 22.83  ? 117 GLN A CD  1 
ATOM   883  O  OE1 . GLN A 1 111 ? 5.305   -2.274  18.680  1.00 27.71  ? 117 GLN A OE1 1 
ATOM   884  N  NE2 . GLN A 1 111 ? 7.353   -3.214  18.694  1.00 25.04  ? 117 GLN A NE2 1 
ATOM   885  N  N   . HIS A 1 112 ? 7.583   -2.656  13.465  1.00 12.61  ? 118 HIS A N   1 
ATOM   886  C  CA  . HIS A 1 112 ? 8.200   -3.817  12.809  1.00 11.92  ? 118 HIS A CA  1 
ATOM   887  C  C   . HIS A 1 112 ? 8.632   -3.527  11.362  1.00 13.80  ? 118 HIS A C   1 
ATOM   888  O  O   . HIS A 1 112 ? 9.250   -4.439  10.762  1.00 15.08  ? 118 HIS A O   1 
ATOM   889  C  CB  . HIS A 1 112 ? 7.167   -4.957  12.825  1.00 11.32  ? 118 HIS A CB  1 
ATOM   890  C  CG  . HIS A 1 112 ? 6.689   -5.305  14.181  1.00 11.65  ? 118 HIS A CG  1 
ATOM   891  N  ND1 . HIS A 1 112 ? 5.473   -4.929  14.682  1.00 11.76  ? 118 HIS A ND1 1 
ATOM   892  C  CD2 . HIS A 1 112 ? 7.322   -6.005  15.154  1.00 13.48  ? 118 HIS A CD2 1 
ATOM   893  C  CE1 . HIS A 1 112 ? 5.402   -5.336  15.950  1.00 12.04  ? 118 HIS A CE1 1 
ATOM   894  N  NE2 . HIS A 1 112 ? 6.495   -6.037  16.215  1.00 14.10  ? 118 HIS A NE2 1 
ATOM   895  N  N   . GLY A 1 113 ? 8.311   -2.373  10.801  1.00 11.96  ? 119 GLY A N   1 
ATOM   896  C  CA  . GLY A 1 113 ? 8.625   -2.066  9.411   1.00 11.68  ? 119 GLY A CA  1 
ATOM   897  C  C   . GLY A 1 113 ? 7.416   -1.635  8.623   1.00 11.40  ? 119 GLY A C   1 
ATOM   898  O  O   . GLY A 1 113 ? 6.487   -1.076  9.187   1.00 10.71  ? 119 GLY A O   1 
ATOM   899  N  N   . VAL A 1 114 ? 7.471   -1.860  7.332   1.00 10.11  ? 120 VAL A N   1 
ATOM   900  C  CA  . VAL A 1 114 ? 6.449   -1.363  6.380   1.00 10.18  ? 120 VAL A CA  1 
ATOM   901  C  C   . VAL A 1 114 ? 5.194   -2.236  6.454   1.00 10.17  ? 120 VAL A C   1 
ATOM   902  O  O   . VAL A 1 114 ? 5.306   -3.472  6.297   1.00 12.03  ? 120 VAL A O   1 
ATOM   903  C  CB  . VAL A 1 114 ? 7.001   -1.295  4.959   1.00 10.99  ? 120 VAL A CB  1 
ATOM   904  C  CG1 . VAL A 1 114 ? 5.883   -0.938  4.009   1.00 10.90  ? 120 VAL A CG1 1 
ATOM   905  C  CG2 . VAL A 1 114 ? 8.149   -0.331  4.867   1.00 12.12  ? 120 VAL A CG2 1 
ATOM   906  N  N   . VAL A 1 115 ? 4.062   -1.646  6.740   1.00 10.08  ? 121 VAL A N   1 
ATOM   907  C  CA  . VAL A 1 115 ? 2.742   -2.331  6.845   1.00 10.00  ? 121 VAL A CA  1 
ATOM   908  C  C   . VAL A 1 115 ? 2.036   -2.366  5.505   1.00 10.51  ? 121 VAL A C   1 
ATOM   909  O  O   . VAL A 1 115 ? 1.356   -3.344  5.163   1.00 11.01  ? 121 VAL A O   1 
ATOM   910  C  CB  . VAL A 1 115 ? 1.901   -1.618  7.903   1.00 10.41  ? 121 VAL A CB  1 
ATOM   911  C  CG1 . VAL A 1 115 ? 0.498   -2.181  8.019   1.00 10.05  ? 121 VAL A CG1 1 
ATOM   912  C  CG2 . VAL A 1 115 ? 2.569   -1.658  9.257   1.00 11.33  ? 121 VAL A CG2 1 
ATOM   913  N  N   . GLY A 1 116 ? 2.099   -1.284  4.747   1.00 10.43  ? 122 GLY A N   1 
ATOM   914  C  CA  . GLY A 1 116 ? 1.368   -1.178  3.482   1.00 11.20  ? 122 GLY A CA  1 
ATOM   915  C  C   . GLY A 1 116 ? 1.546   0.181   2.869   1.00 10.10  ? 122 GLY A C   1 
ATOM   916  O  O   . GLY A 1 116 ? 2.411   0.962   3.326   1.00 10.17  ? 122 GLY A O   1 
ATOM   917  N  N   . ILE A 1 117 ? 0.752   0.459   1.833   1.00 10.21  ? 123 ILE A N   1 
ATOM   918  C  CA  . ILE A 1 117 ? 0.861   1.748   1.092   1.00 10.61  ? 123 ILE A CA  1 
ATOM   919  C  C   . ILE A 1 117 ? -0.525  2.362   0.976   1.00 9.59   ? 123 ILE A C   1 
ATOM   920  O  O   . ILE A 1 117 ? -1.530  1.617   0.868   1.00 9.72   ? 123 ILE A O   1 
ATOM   921  C  CB  . ILE A 1 117 ? 1.533   1.614   -0.284  1.00 10.30  ? 123 ILE A CB  1 
ATOM   922  C  CG1 . ILE A 1 117 ? 0.922   0.487   -1.138  1.00 10.94  ? 123 ILE A CG1 1 
ATOM   923  C  CG2 . ILE A 1 117 ? 3.018   1.468   -0.072  1.00 10.91  ? 123 ILE A CG2 1 
ATOM   924  C  CD1 . ILE A 1 117 ? 1.459   0.433   -2.551  1.00 11.63  ? 123 ILE A CD1 1 
ATOM   925  N  N   . VAL A 1 118 ? -0.583  3.658   0.945   1.00 9.79   ? 124 VAL A N   1 
ATOM   926  C  CA  . VAL A 1 118 ? -1.864  4.362   0.720   1.00 9.83   ? 124 VAL A CA  1 
ATOM   927  C  C   . VAL A 1 118 ? -2.469  3.874   -0.581  1.00 10.12  ? 124 VAL A C   1 
ATOM   928  O  O   . VAL A 1 118 ? -1.756  3.791   -1.617  1.00 9.69   ? 124 VAL A O   1 
ATOM   929  C  CB  . VAL A 1 118 ? -1.656  5.880   0.701   1.00 9.66   ? 124 VAL A CB  1 
ATOM   930  C  CG1 . VAL A 1 118 ? -2.947  6.593   0.305   1.00 9.72   ? 124 VAL A CG1 1 
ATOM   931  C  CG2 . VAL A 1 118 ? -1.125  6.402   2.035   1.00 9.65   ? 124 VAL A CG2 1 
ATOM   932  N  N   . SER A 1 119 ? -3.755  3.562   -0.558  1.00 10.14  ? 125 SER A N   1 
ATOM   933  C  CA  . SER A 1 119 ? -4.499  3.077   -1.730  1.00 10.36  ? 125 SER A CA  1 
ATOM   934  C  C   . SER A 1 119 ? -5.863  3.723   -1.908  1.00 11.04  ? 125 SER A C   1 
ATOM   935  O  O   . SER A 1 119 ? -6.354  3.764   -3.055  1.00 11.81  ? 125 SER A O   1 
ATOM   936  C  CB  . SER A 1 119 ? -4.646  1.586   -1.616  1.00 10.82  ? 125 SER A CB  1 
ATOM   937  O  OG  . SER A 1 119 ? -5.395  1.047   -2.703  1.00 12.29  ? 125 SER A OG  1 
ATOM   938  N  N   . THR A 1 120 ? -6.494  4.224   -0.840  1.00 11.30  ? 126 THR A N   1 
ATOM   939  C  CA  . THR A 1 120 ? -7.826  4.860   -0.964  1.00 11.72  ? 126 THR A CA  1 
ATOM   940  C  C   . THR A 1 120 ? -7.859  6.155   -0.163  1.00 11.28  ? 126 THR A C   1 
ATOM   941  O  O   . THR A 1 120 ? -6.988  6.364   0.739   1.00 10.69  ? 126 THR A O   1 
ATOM   942  C  CB  . THR A 1 120 ? -8.986  3.941   -0.530  1.00 11.20  ? 126 THR A CB  1 
ATOM   943  O  OG1 . THR A 1 120 ? -9.010  3.827   0.906   1.00 12.01  ? 126 THR A OG1 1 
ATOM   944  C  CG2 . THR A 1 120 ? -8.873  2.549   -1.116  1.00 11.17  ? 126 THR A CG2 1 
ATOM   945  N  N   . GLY A 1 121 ? -8.863  6.987   -0.432  1.00 11.59  ? 127 GLY A N   1 
ATOM   946  C  CA  . GLY A 1 121 ? -9.081  8.209   0.341   1.00 12.70  ? 127 GLY A CA  1 
ATOM   947  C  C   . GLY A 1 121 ? -10.500 8.679   0.200   1.00 14.11  ? 127 GLY A C   1 
ATOM   948  O  O   . GLY A 1 121 ? -11.307 7.966   -0.333  1.00 16.19  ? 127 GLY A O   1 
ATOM   949  N  N   . GLY A 1 122 ? -10.740 9.898   0.647   1.00 15.60  ? 128 GLY A N   1 
ATOM   950  C  CA  . GLY A 1 122 ? -12.085 10.507  0.629   1.00 16.74  ? 128 GLY A CA  1 
ATOM   951  C  C   . GLY A 1 122 ? -12.827 10.318  1.929   1.00 18.41  ? 128 GLY A C   1 
ATOM   952  O  O   . GLY A 1 122 ? -12.571 9.403   2.742   1.00 16.68  ? 128 GLY A O   1 
ATOM   953  N  N   . ASN A 1 123 ? -13.744 11.245  2.176   1.00 20.11  ? 129 ASN A N   1 
ATOM   954  C  CA  . ASN A 1 123 ? -14.655 11.205  3.350   1.00 18.36  ? 129 ASN A CA  1 
ATOM   955  C  C   . ASN A 1 123 ? -13.848 11.074  4.639   1.00 16.05  ? 129 ASN A C   1 
ATOM   956  O  O   . ASN A 1 123 ? -14.347 10.434  5.622   1.00 16.70  ? 129 ASN A O   1 
ATOM   957  C  CB  . ASN A 1 123 ? -15.697 10.094  3.315   1.00 20.68  ? 129 ASN A CB  1 
ATOM   958  C  CG  . ASN A 1 123 ? -16.791 10.355  2.305   1.00 27.40  ? 129 ASN A CG  1 
ATOM   959  O  OD1 . ASN A 1 123 ? -17.257 11.492  2.170   1.00 29.58  ? 129 ASN A OD1 1 
ATOM   960  N  ND2 . ASN A 1 123 ? -17.202 9.298   1.625   1.00 29.06  ? 129 ASN A ND2 1 
ATOM   961  N  N   . GLY A 1 124 ? -12.702 11.726  4.688   1.00 14.87  ? 130 GLY A N   1 
ATOM   962  C  CA  . GLY A 1 124 ? -11.944 11.829  5.937   1.00 12.70  ? 130 GLY A CA  1 
ATOM   963  C  C   . GLY A 1 124 ? -11.206 10.555  6.333   1.00 11.25  ? 130 GLY A C   1 
ATOM   964  O  O   . GLY A 1 124 ? -10.753 10.528  7.454   1.00 11.26  ? 130 GLY A O   1 
ATOM   965  N  N   . LEU A 1 125 ? -11.194 9.521   5.500   1.00 12.71  ? 131 LEU A N   1 
ATOM   966  C  CA  . LEU A 1 125 ? -10.437 8.295   5.765   1.00 11.33  ? 131 LEU A CA  1 
ATOM   967  C  C   . LEU A 1 125 ? -9.259  8.205   4.805   1.00 11.37  ? 131 LEU A C   1 
ATOM   968  O  O   . LEU A 1 125 ? -9.296  8.705   3.669   1.00 13.22  ? 131 LEU A O   1 
ATOM   969  C  CB  . LEU A 1 125 ? -11.300 7.054   5.644   1.00 13.29  ? 131 LEU A CB  1 
ATOM   970  C  CG  . LEU A 1 125 ? -12.571 7.025   6.492   1.00 13.70  ? 131 LEU A CG  1 
ATOM   971  C  CD1 . LEU A 1 125 ? -13.191 5.628   6.368   1.00 14.78  ? 131 LEU A CD1 1 
ATOM   972  C  CD2 . LEU A 1 125 ? -12.280 7.379   7.942   1.00 13.25  ? 131 LEU A CD2 1 
ATOM   973  N  N   . VAL A 1 126 ? -8.278  7.450   5.228   1.00 10.89  ? 132 VAL A N   1 
ATOM   974  C  CA  . VAL A 1 126 ? -7.184  6.977   4.350   1.00 10.24  ? 132 VAL A CA  1 
ATOM   975  C  C   . VAL A 1 126 ? -7.197  5.459   4.425   1.00 10.81  ? 132 VAL A C   1 
ATOM   976  O  O   . VAL A 1 126 ? -7.295  4.912   5.551   1.00 11.10  ? 132 VAL A O   1 
ATOM   977  C  CB  . VAL A 1 126 ? -5.844  7.587   4.787   1.00 11.11  ? 132 VAL A CB  1 
ATOM   978  C  CG1 . VAL A 1 126 ? -5.533  7.469   6.280   1.00 12.84  ? 132 VAL A CG1 1 
ATOM   979  C  CG2 . VAL A 1 126 ? -4.701  7.075   3.933   1.00 11.46  ? 132 VAL A CG2 1 
ATOM   980  N  N   . GLY A 1 127 ? -7.134  4.809   3.282   1.00 10.19  ? 133 GLY A N   1 
ATOM   981  C  CA  . GLY A 1 127 ? -7.093  3.353   3.174   1.00 10.20  ? 133 GLY A CA  1 
ATOM   982  C  C   . GLY A 1 127 ? -5.719  2.912   2.719   1.00 10.03  ? 133 GLY A C   1 
ATOM   983  O  O   . GLY A 1 127 ? -5.150  3.556   1.827   1.00 11.39  ? 133 GLY A O   1 
ATOM   984  N  N   . PHE A 1 128 ? -5.205  1.830   3.298   1.00 9.34   ? 134 PHE A N   1 
ATOM   985  C  CA  . PHE A 1 128 ? -3.883  1.264   3.013   1.00 9.58   ? 134 PHE A CA  1 
ATOM   986  C  C   . PHE A 1 128 ? -4.010  -0.181  2.579   1.00 9.61   ? 134 PHE A C   1 
ATOM   987  O  O   . PHE A 1 128 ? -4.756  -0.951  3.196   1.00 10.56  ? 134 PHE A O   1 
ATOM   988  C  CB  . PHE A 1 128 ? -3.017  1.275   4.262   1.00 9.40   ? 134 PHE A CB  1 
ATOM   989  C  CG  . PHE A 1 128 ? -2.973  2.582   4.993   1.00 9.16   ? 134 PHE A CG  1 
ATOM   990  C  CD1 . PHE A 1 128 ? -2.075  3.567   4.600   1.00 9.23   ? 134 PHE A CD1 1 
ATOM   991  C  CD2 . PHE A 1 128 ? -3.846  2.853   6.058   1.00 9.87   ? 134 PHE A CD2 1 
ATOM   992  C  CE1 . PHE A 1 128 ? -2.000  4.777   5.278   1.00 10.18  ? 134 PHE A CE1 1 
ATOM   993  C  CE2 . PHE A 1 128 ? -3.748  4.080   6.724   1.00 10.51  ? 134 PHE A CE2 1 
ATOM   994  C  CZ  . PHE A 1 128 ? -2.799  5.018   6.347   1.00 10.51  ? 134 PHE A CZ  1 
ATOM   995  N  N   . ALA A 1 129 ? -3.325  -0.467  1.475   1.00 9.34   ? 135 ALA A N   1 
ATOM   996  C  CA  . ALA A 1 129 ? -3.216  -1.852  0.989   1.00 8.67   ? 135 ALA A CA  1 
ATOM   997  C  C   . ALA A 1 129 ? -2.170  -2.556  1.861   1.00 9.04   ? 135 ALA A C   1 
ATOM   998  O  O   . ALA A 1 129 ? -1.014  -2.175  1.808   1.00 10.25  ? 135 ALA A O   1 
ATOM   999  C  CB  . ALA A 1 129 ? -2.840  -1.832  -0.456  1.00 8.73   ? 135 ALA A CB  1 
ATOM   1000 N  N   . ASP A 1 130 ? -2.577  -3.585  2.601   1.00 9.03   ? 136 ASP A N   1 
ATOM   1001 C  CA  . ASP A 1 130 ? -1.676  -4.358  3.450   1.00 10.13  ? 136 ASP A CA  1 
ATOM   1002 C  C   . ASP A 1 130 ? -0.695  -5.141  2.592   1.00 9.80   ? 136 ASP A C   1 
ATOM   1003 O  O   . ASP A 1 130 ? -1.083  -5.647  1.506   1.00 10.76  ? 136 ASP A O   1 
ATOM   1004 C  CB  . ASP A 1 130 ? -2.485  -5.287  4.354   1.00 10.77  ? 136 ASP A CB  1 
ATOM   1005 C  CG  . ASP A 1 130 ? -1.636  -6.084  5.307   1.00 11.53  ? 136 ASP A CG  1 
ATOM   1006 O  OD1 . ASP A 1 130 ? -0.896  -5.482  6.040   1.00 11.77  ? 136 ASP A OD1 1 
ATOM   1007 O  OD2 . ASP A 1 130 ? -1.693  -7.333  5.230   1.00 13.44  ? 136 ASP A OD2 1 
ATOM   1008 N  N   . VAL A 1 131 ? 0.508   -5.323  3.097   1.00 10.36  ? 137 VAL A N   1 
ATOM   1009 C  CA  . VAL A 1 131 ? 1.484   -6.254  2.460   1.00 10.85  ? 137 VAL A CA  1 
ATOM   1010 C  C   . VAL A 1 131 ? 2.033   -7.243  3.485   1.00 10.31  ? 137 VAL A C   1 
ATOM   1011 O  O   . VAL A 1 131 ? 2.887   -8.029  3.128   1.00 11.07  ? 137 VAL A O   1 
ATOM   1012 C  CB  . VAL A 1 131 ? 2.639   -5.480  1.812   1.00 10.75  ? 137 VAL A CB  1 
ATOM   1013 C  CG1 . VAL A 1 131 ? 2.109   -4.650  0.654   1.00 11.21  ? 137 VAL A CG1 1 
ATOM   1014 C  CG2 . VAL A 1 131 ? 3.436   -4.630  2.785   1.00 11.32  ? 137 VAL A CG2 1 
ATOM   1015 N  N   . ARG A 1 132 ? 1.596   -7.191  4.741   1.00 10.70  ? 138 ARG A N   1 
ATOM   1016 C  CA  . ARG A 1 132 ? 2.238   -8.027  5.775   1.00 10.61  ? 138 ARG A CA  1 
ATOM   1017 C  C   . ARG A 1 132 ? 1.915   -9.510  5.593   1.00 10.41  ? 138 ARG A C   1 
ATOM   1018 O  O   . ARG A 1 132 ? 2.670   -10.298 6.209   1.00 12.40  ? 138 ARG A O   1 
ATOM   1019 C  CB  . ARG A 1 132 ? 1.770   -7.579  7.150   1.00 10.00  ? 138 ARG A CB  1 
ATOM   1020 C  CG  . ARG A 1 132 ? 2.173   -6.154  7.523   1.00 10.05  ? 138 ARG A CG  1 
ATOM   1021 C  CD  . ARG A 1 132 ? 1.566   -5.778  8.860   1.00 10.28  ? 138 ARG A CD  1 
ATOM   1022 N  NE  . ARG A 1 132 ? 0.144   -5.635  8.740   1.00 10.54  ? 138 ARG A NE  1 
ATOM   1023 C  CZ  . ARG A 1 132 ? -0.671  -5.223  9.681   1.00 10.26  ? 138 ARG A CZ  1 
ATOM   1024 N  NH1 . ARG A 1 132 ? -0.195  -5.078  10.911  1.00 9.50   ? 138 ARG A NH1 1 
ATOM   1025 N  NH2 . ARG A 1 132 ? -1.915  -4.939  9.370   1.00 11.20  ? 138 ARG A NH2 1 
ATOM   1026 N  N   . ASP A 1 133 ? 0.895   -9.860  4.847   1.00 10.54  ? 139 ASP A N   1 
ATOM   1027 C  CA  . ASP A 1 133 ? 0.584   -11.277 4.567   1.00 11.47  ? 139 ASP A CA  1 
ATOM   1028 C  C   . ASP A 1 133 ? 1.439   -11.792 3.407   1.00 13.84  ? 139 ASP A C   1 
ATOM   1029 O  O   . ASP A 1 133 ? 1.382   -13.017 3.192   1.00 14.80  ? 139 ASP A O   1 
ATOM   1030 C  CB  . ASP A 1 133 ? -0.908  -11.437 4.273   1.00 13.34  ? 139 ASP A CB  1 
ATOM   1031 C  CG  . ASP A 1 133 ? -1.341  -10.761 2.991   1.00 14.71  ? 139 ASP A CG  1 
ATOM   1032 O  OD1 . ASP A 1 133 ? -0.829  -9.647  2.737   1.00 14.30  ? 139 ASP A OD1 1 
ATOM   1033 O  OD2 . ASP A 1 133 ? -2.202  -11.307 2.305   1.00 17.99  ? 139 ASP A OD2 1 
ATOM   1034 N  N   . LEU A 1 134 ? 2.170   -10.951 2.682   1.00 12.09  ? 140 LEU A N   1 
ATOM   1035 C  CA  . LEU A 1 134 ? 2.924   -11.379 1.498   1.00 13.69  ? 140 LEU A CA  1 
ATOM   1036 C  C   . LEU A 1 134 ? 4.301   -11.815 1.969   1.00 13.22  ? 140 LEU A C   1 
ATOM   1037 O  O   . LEU A 1 134 ? 5.329   -11.151 1.782   1.00 13.14  ? 140 LEU A O   1 
ATOM   1038 C  CB  . LEU A 1 134 ? 2.946   -10.237 0.480   1.00 13.08  ? 140 LEU A CB  1 
ATOM   1039 C  CG  . LEU A 1 134 ? 1.593   -9.715  0.011   1.00 15.20  ? 140 LEU A CG  1 
ATOM   1040 C  CD1 . LEU A 1 134 ? 1.777   -8.550  -0.961  1.00 14.19  ? 140 LEU A CD1 1 
ATOM   1041 C  CD2 . LEU A 1 134 ? 0.737   -10.800 -0.614  1.00 14.80  ? 140 LEU A CD2 1 
ATOM   1042 N  N   . LEU A 1 135 ? 4.340   -13.022 2.548   1.00 12.65  ? 141 LEU A N   1 
ATOM   1043 C  CA  . LEU A 1 135 ? 5.586   -13.494 3.182   1.00 14.15  ? 141 LEU A CA  1 
ATOM   1044 C  C   . LEU A 1 135 ? 6.693   -13.712 2.166   1.00 13.62  ? 141 LEU A C   1 
ATOM   1045 O  O   . LEU A 1 135 ? 7.830   -13.586 2.521   1.00 15.91  ? 141 LEU A O   1 
ATOM   1046 C  CB  . LEU A 1 135 ? 5.331   -14.770 3.994   1.00 15.30  ? 141 LEU A CB  1 
ATOM   1047 C  CG  . LEU A 1 135 ? 4.175   -14.730 4.980   1.00 17.43  ? 141 LEU A CG  1 
ATOM   1048 C  CD1 . LEU A 1 135 ? 4.179   -16.021 5.798   1.00 19.01  ? 141 LEU A CD1 1 
ATOM   1049 C  CD2 . LEU A 1 135 ? 4.209   -13.545 5.920   1.00 17.03  ? 141 LEU A CD2 1 
ATOM   1050 N  N   . TRP A 1 136 ? 6.327   -14.090 0.942   1.00 12.90  ? 142 TRP A N   1 
ATOM   1051 C  CA  . TRP A 1 136 ? 7.286   -14.375 -0.148  1.00 14.20  ? 142 TRP A CA  1 
ATOM   1052 C  C   . TRP A 1 136 ? 8.097   -13.132 -0.489  1.00 14.23  ? 142 TRP A C   1 
ATOM   1053 O  O   . TRP A 1 136 ? 9.171   -13.248 -1.132  1.00 16.11  ? 142 TRP A O   1 
ATOM   1054 C  CB  . TRP A 1 136 ? 6.524   -14.957 -1.335  1.00 14.19  ? 142 TRP A CB  1 
ATOM   1055 C  CG  . TRP A 1 136 ? 5.418   -14.085 -1.863  1.00 14.52  ? 142 TRP A CG  1 
ATOM   1056 C  CD1 . TRP A 1 136 ? 4.094   -14.225 -1.580  1.00 15.68  ? 142 TRP A CD1 1 
ATOM   1057 C  CD2 . TRP A 1 136 ? 5.554   -12.946 -2.740  1.00 15.23  ? 142 TRP A CD2 1 
ATOM   1058 N  NE1 . TRP A 1 136 ? 3.366   -13.287 -2.261  1.00 15.56  ? 142 TRP A NE1 1 
ATOM   1059 C  CE2 . TRP A 1 136 ? 4.236   -12.501 -2.969  1.00 15.95  ? 142 TRP A CE2 1 
ATOM   1060 C  CE3 . TRP A 1 136 ? 6.622   -12.392 -3.462  1.00 16.06  ? 142 TRP A CE3 1 
ATOM   1061 C  CZ2 . TRP A 1 136 ? 3.982   -11.438 -3.855  1.00 16.29  ? 142 TRP A CZ2 1 
ATOM   1062 C  CZ3 . TRP A 1 136 ? 6.367   -11.288 -4.270  1.00 16.76  ? 142 TRP A CZ3 1 
ATOM   1063 C  CH2 . TRP A 1 136 ? 5.063   -10.831 -4.455  1.00 16.69  ? 142 TRP A CH2 1 
ATOM   1064 N  N   . LEU A 1 137 ? 7.659   -11.922 -0.117  1.00 14.78  ? 143 LEU A N   1 
ATOM   1065 C  CA  . LEU A 1 137 ? 8.456   -10.702 -0.380  1.00 15.90  ? 143 LEU A CA  1 
ATOM   1066 C  C   . LEU A 1 137 ? 9.820   -10.778 0.324   1.00 19.23  ? 143 LEU A C   1 
ATOM   1067 O  O   . LEU A 1 137 ? 10.740  -10.088 -0.102  1.00 20.20  ? 143 LEU A O   1 
ATOM   1068 C  CB  . LEU A 1 137 ? 7.734   -9.446  0.102   1.00 15.94  ? 143 LEU A CB  1 
ATOM   1069 C  CG  . LEU A 1 137 ? 6.546   -8.972  -0.722  1.00 14.98  ? 143 LEU A CG  1 
ATOM   1070 C  CD1 . LEU A 1 137 ? 5.838   -7.843  -0.005  1.00 16.01  ? 143 LEU A CD1 1 
ATOM   1071 C  CD2 . LEU A 1 137 ? 6.977   -8.510  -2.115  1.00 15.73  ? 143 LEU A CD2 1 
ATOM   1072 N  N   . ASP A 1 138 ? 9.914   -11.542 1.419   1.00 19.92  ? 144 ASP A N   1 
ATOM   1073 C  CA  . ASP A 1 138 ? 11.125  -11.587 2.287   1.00 23.73  ? 144 ASP A CA  1 
ATOM   1074 C  C   . ASP A 1 138 ? 12.181  -12.544 1.755   1.00 27.56  ? 144 ASP A C   1 
ATOM   1075 O  O   . ASP A 1 138 ? 13.287  -12.498 2.330   1.00 29.60  ? 144 ASP A O   1 
ATOM   1076 C  CB  . ASP A 1 138 ? 10.793  -12.006 3.721   1.00 23.74  ? 144 ASP A CB  1 
ATOM   1077 C  CG  . ASP A 1 138 ? 9.966   -11.024 4.527   1.00 21.32  ? 144 ASP A CG  1 
ATOM   1078 O  OD1 . ASP A 1 138 ? 9.758   -9.896  4.054   1.00 28.03  ? 144 ASP A OD1 1 
ATOM   1079 O  OD2 . ASP A 1 138 ? 9.397   -11.453 5.562   1.00 26.96  ? 144 ASP A OD2 1 
ATOM   1080 N  N   . GLU A 1 139 ? 11.887  -13.351 0.729   1.00 31.82  ? 145 GLU A N   1 
ATOM   1081 C  CA  . GLU A 1 139 ? 12.818  -14.397 0.211   1.00 42.11  ? 145 GLU A CA  1 
ATOM   1082 C  C   . GLU A 1 139 ? 12.907  -14.351 -1.328  1.00 44.41  ? 145 GLU A C   1 
ATOM   1083 O  O   . GLU A 1 139 ? 12.182  -13.548 -1.956  1.00 35.67  ? 145 GLU A O   1 
ATOM   1084 C  CB  . GLU A 1 139 ? 12.350  -15.765 0.716   1.00 49.29  ? 145 GLU A CB  1 
ATOM   1085 C  CG  . GLU A 1 139 ? 10.952  -16.155 0.245   1.00 52.61  ? 145 GLU A CG  1 
ATOM   1086 C  CD  . GLU A 1 139 ? 10.171  -17.124 1.126   1.00 59.32  ? 145 GLU A CD  1 
ATOM   1087 O  OE1 . GLU A 1 139 ? 8.956   -17.312 0.869   1.00 58.62  ? 145 GLU A OE1 1 
ATOM   1088 O  OE2 . GLU A 1 139 ? 10.764  -17.707 2.056   1.00 67.37  ? 145 GLU A OE2 1 
ATOM   1089 N  N   . GLU A 1 140 ? 13.792  -15.178 -1.897  1.00 55.79  ? 146 GLU A N   1 
ATOM   1090 C  CA  . GLU A 1 140 ? 13.790  -15.633 -3.318  1.00 59.81  ? 146 GLU A CA  1 
ATOM   1091 C  C   . GLU A 1 140 ? 13.292  -14.506 -4.226  1.00 65.76  ? 146 GLU A C   1 
ATOM   1092 O  O   . GLU A 1 140 ? 13.686  -14.426 -5.389  1.00 70.76  ? 146 GLU A O   1 
ATOM   1093 C  CB  . GLU A 1 140 ? 12.967  -16.920 -3.422  1.00 60.29  ? 146 GLU A CB  1 
ATOM   1094 C  CG  . GLU A 1 140 ? 12.013  -17.001 -4.604  1.00 63.82  ? 146 GLU A CG  1 
ATOM   1095 C  CD  . GLU A 1 140 ? 12.636  -16.986 -5.992  1.00 69.44  ? 146 GLU A CD  1 
ATOM   1096 O  OE1 . GLU A 1 140 ? 12.002  -16.418 -6.908  1.00 62.09  ? 146 GLU A OE1 1 
ATOM   1097 O  OE2 . GLU A 1 140 ? 13.745  -17.545 -6.161  1.00 71.58  ? 146 GLU A OE2 1 
HETATM 1098 C  C4  . YYI B 2 .   ? -14.583 6.208   -11.915 0.52 20.09  ? 201 YYI A C4  1 
HETATM 1099 C  C5  . YYI B 2 .   ? -12.270 5.630   -12.271 0.52 20.33  ? 201 YYI A C5  1 
HETATM 1100 O  O1  . YYI B 2 .   ? -15.393 6.872   -11.240 0.52 20.77  ? 201 YYI A O1  1 
HETATM 1101 C  C3  . YYI B 2 .   ? -14.925 5.189   -12.875 0.52 19.98  ? 201 YYI A C3  1 
HETATM 1102 C  C2  . YYI B 2 .   ? -13.956 4.440   -13.460 0.52 19.96  ? 201 YYI A C2  1 
HETATM 1103 N  N   . YYI B 2 .   ? -13.249 6.384   -11.700 0.52 18.87  ? 201 YYI A N   1 
HETATM 1104 C  C1  . YYI B 2 .   ? -12.568 4.639   -13.110 0.52 20.94  ? 201 YYI A C1  1 
HETATM 1105 O  O   . YYI B 2 .   ? -11.617 3.727   -13.525 0.52 25.52  ? 201 YYI A O   1 
HETATM 1106 C  C   . YYI B 2 .   ? -10.756 4.090   -14.539 0.52 27.02  ? 201 YYI A C   1 
HETATM 1107 F  F   . YYI B 2 .   ? -11.508 4.578   -15.533 0.52 29.39  ? 201 YYI A F   1 
HETATM 1108 F  F1  . YYI B 2 .   ? -9.897  5.067   -14.105 0.52 26.94  ? 201 YYI A F1  1 
HETATM 1109 ZN ZN  . ZN  C 3 .   ? 3.938   -4.048  13.632  1.00 11.41  ? 202 ZN  A ZN  1 
HETATM 1110 S  S   . DMS D 4 .   ? 12.360  -1.543  10.187  1.00 28.50  ? 203 DMS A S   1 
HETATM 1111 O  O   . DMS D 4 .   ? 13.882  -1.246  10.209  1.00 37.98  ? 203 DMS A O   1 
HETATM 1112 C  C1  . DMS D 4 .   ? 11.774  -1.060  11.829  1.00 24.63  ? 203 DMS A C1  1 
HETATM 1113 C  C2  . DMS D 4 .   ? 11.679  -0.281  9.235   1.00 22.43  ? 203 DMS A C2  1 
HETATM 1114 S  S   . DMS E 4 .   ? -7.534  -10.350 -8.424  1.00 27.61  ? 204 DMS A S   1 
HETATM 1115 O  O   . DMS E 4 .   ? -8.371  -9.127  -8.349  1.00 22.54  ? 204 DMS A O   1 
HETATM 1116 C  C1  . DMS E 4 .   ? -8.118  -11.425 -7.117  1.00 29.19  ? 204 DMS A C1  1 
HETATM 1117 C  C2  . DMS E 4 .   ? -8.202  -11.289 -9.798  1.00 25.41  ? 204 DMS A C2  1 
HETATM 1118 S  S   . DMS F 4 .   ? 8.919   11.187  1.122   1.00 62.61  ? 205 DMS A S   1 
HETATM 1119 O  O   . DMS F 4 .   ? 9.271   12.606  1.467   1.00 54.81  ? 205 DMS A O   1 
HETATM 1120 C  C1  . DMS F 4 .   ? 10.470  10.319  1.037   1.00 62.44  ? 205 DMS A C1  1 
HETATM 1121 C  C2  . DMS F 4 .   ? 8.337   10.463  2.619   1.00 56.70  ? 205 DMS A C2  1 
HETATM 1122 S  S   . DMS G 4 .   ? -7.516  13.230  11.662  1.00 35.99  ? 206 DMS A S   1 
HETATM 1123 O  O   . DMS G 4 .   ? -8.025  13.504  10.267  1.00 33.72  ? 206 DMS A O   1 
HETATM 1124 C  C1  . DMS G 4 .   ? -6.070  14.229  11.873  1.00 35.63  ? 206 DMS A C1  1 
HETATM 1125 C  C2  . DMS G 4 .   ? -8.595  14.136  12.740  1.00 34.50  ? 206 DMS A C2  1 
HETATM 1126 S  S   . SO4 H 5 .   ? -22.423 -2.721  -2.620  1.00 130.23 ? 207 SO4 A S   1 
HETATM 1127 O  O1  . SO4 H 5 .   ? -22.617 -4.001  -1.988  1.00 121.95 ? 207 SO4 A O1  1 
HETATM 1128 O  O2  . SO4 H 5 .   ? -23.701 -2.163  -2.965  1.00 72.64  ? 207 SO4 A O2  1 
HETATM 1129 O  O3  . SO4 H 5 .   ? -21.743 -1.837  -1.711  1.00 143.33 ? 207 SO4 A O3  1 
HETATM 1130 O  O4  . SO4 H 5 .   ? -21.632 -2.880  -3.812  1.00 133.98 ? 207 SO4 A O4  1 
HETATM 1131 O  O   . HOH I 6 .   ? -22.196 -5.530  0.498   1.00 33.87  ? 301 HOH A O   1 
HETATM 1132 O  O   . HOH I 6 .   ? -3.810  15.867  -4.310  1.00 27.25  ? 302 HOH A O   1 
HETATM 1133 O  O   . HOH I 6 .   ? 8.780   -14.388 -5.872  1.00 39.45  ? 303 HOH A O   1 
HETATM 1134 O  O   . HOH I 6 .   ? -13.289 6.522   -0.021  1.00 14.26  ? 304 HOH A O   1 
HETATM 1135 O  O   . HOH I 6 .   ? -11.253 -5.514  10.069  1.00 40.38  ? 305 HOH A O   1 
HETATM 1136 O  O   . HOH I 6 .   ? -12.734 -5.324  -6.714  1.00 41.55  ? 306 HOH A O   1 
HETATM 1137 O  O   . HOH I 6 .   ? 13.623  -11.960 -5.823  1.00 35.49  ? 307 HOH A O   1 
HETATM 1138 O  O   . HOH I 6 .   ? 7.460   15.944  2.268   1.00 38.34  ? 308 HOH A O   1 
HETATM 1139 O  O   . HOH I 6 .   ? 5.972   14.253  -1.166  1.00 21.75  ? 309 HOH A O   1 
HETATM 1140 O  O   . HOH I 6 .   ? 5.673   19.633  5.864   1.00 36.31  ? 310 HOH A O   1 
HETATM 1141 O  O   . HOH I 6 .   ? 11.406  3.463   1.918   1.00 29.78  ? 311 HOH A O   1 
HETATM 1142 O  O   . HOH I 6 .   ? -5.611  9.148   -10.454 1.00 45.32  ? 312 HOH A O   1 
HETATM 1143 O  O   . HOH I 6 .   ? -8.408  -3.251  -12.091 1.00 31.30  ? 313 HOH A O   1 
HETATM 1144 O  O   . HOH I 6 .   ? -7.039  -11.341 -3.444  1.00 38.51  ? 314 HOH A O   1 
HETATM 1145 O  O   . HOH I 6 .   ? -16.883 9.012   -5.102  1.00 34.13  ? 315 HOH A O   1 
HETATM 1146 O  O   . HOH I 6 .   ? 10.378  2.633   -0.364  1.00 20.89  ? 316 HOH A O   1 
HETATM 1147 O  O   . HOH I 6 .   ? 11.126  -10.131 -13.857 1.00 39.61  ? 317 HOH A O   1 
HETATM 1148 O  O   . HOH I 6 .   ? 14.591  1.367   0.593   1.00 17.57  ? 318 HOH A O   1 
HETATM 1149 O  O   . HOH I 6 .   ? -17.810 5.903   -11.134 1.00 34.48  ? 319 HOH A O   1 
HETATM 1150 O  O   . HOH I 6 .   ? -5.825  -8.815  -10.951 1.00 19.94  ? 320 HOH A O   1 
HETATM 1151 O  O   . HOH I 6 .   ? 0.622   20.706  5.534   1.00 25.64  ? 321 HOH A O   1 
HETATM 1152 O  O   . HOH I 6 .   ? -7.979  -9.178  9.053   1.00 36.25  ? 322 HOH A O   1 
HETATM 1153 O  O   . HOH I 6 .   ? -11.386 9.223   -13.602 1.00 36.59  ? 323 HOH A O   1 
HETATM 1154 O  O   . HOH I 6 .   ? -1.843  18.745  9.224   1.00 26.04  ? 324 HOH A O   1 
HETATM 1155 O  O   . HOH I 6 .   ? -19.046 6.106   -5.617  1.00 20.44  ? 325 HOH A O   1 
HETATM 1156 O  O   . HOH I 6 .   ? -3.801  -7.622  11.452  1.00 19.95  ? 326 HOH A O   1 
HETATM 1157 O  O   . HOH I 6 .   ? -1.575  -12.140 -12.691 1.00 25.54  ? 327 HOH A O   1 
HETATM 1158 O  O   . HOH I 6 .   ? 15.032  -4.758  1.652   1.00 22.76  ? 328 HOH A O   1 
HETATM 1159 O  O   . HOH I 6 .   ? 3.659   5.511   -11.796 1.00 30.16  ? 329 HOH A O   1 
HETATM 1160 O  O   . HOH I 6 .   ? 4.618   3.938   -10.533 1.00 33.81  ? 330 HOH A O   1 
HETATM 1161 O  O   . HOH I 6 .   ? -17.082 -1.576  -9.832  1.00 29.09  ? 331 HOH A O   1 
HETATM 1162 O  O   . HOH I 6 .   ? 10.930  -12.442 7.482   1.00 26.85  ? 332 HOH A O   1 
HETATM 1163 O  O   . HOH I 6 .   ? 10.903  -2.924  -11.091 1.00 32.69  ? 333 HOH A O   1 
HETATM 1164 O  O   . HOH I 6 .   ? -3.775  -8.763  4.418   1.00 17.39  ? 334 HOH A O   1 
HETATM 1165 O  O   . HOH I 6 .   ? 2.329   3.285   -6.078  1.00 13.13  ? 335 HOH A O   1 
HETATM 1166 O  O   . HOH I 6 .   ? 7.286   -18.546 -0.800  1.00 45.35  ? 336 HOH A O   1 
HETATM 1167 O  O   . HOH I 6 .   ? 2.593   -2.475  -20.753 1.00 18.69  ? 337 HOH A O   1 
HETATM 1168 O  O   . HOH I 6 .   ? 10.152  5.035   -5.949  1.00 29.44  ? 338 HOH A O   1 
HETATM 1169 O  O   . HOH I 6 .   ? -10.360 -2.819  7.306   1.00 16.44  ? 339 HOH A O   1 
HETATM 1170 O  O   . HOH I 6 .   ? -3.357  11.409  12.752  1.00 22.99  ? 340 HOH A O   1 
HETATM 1171 O  O   . HOH I 6 .   ? 9.819   -0.724  -12.779 1.00 29.32  ? 341 HOH A O   1 
HETATM 1172 O  O   . HOH I 6 .   ? -0.917  2.169   -14.421 1.00 29.06  ? 342 HOH A O   1 
HETATM 1173 O  O   . HOH I 6 .   ? -9.462  14.813  4.517   1.00 30.11  ? 343 HOH A O   1 
HETATM 1174 O  O   . HOH I 6 .   ? -6.356  10.073  12.976  1.00 19.46  ? 344 HOH A O   1 
HETATM 1175 O  O   . HOH I 6 .   ? -6.847  3.138   -13.032 1.00 18.44  ? 345 HOH A O   1 
HETATM 1176 O  O   . HOH I 6 .   ? 14.739  -1.676  6.471   1.00 19.67  ? 346 HOH A O   1 
HETATM 1177 O  O   . HOH I 6 .   ? -3.950  -12.793 3.755   1.00 30.46  ? 347 HOH A O   1 
HETATM 1178 O  O   . HOH I 6 .   ? 13.304  -10.578 -0.849  1.00 41.25  ? 348 HOH A O   1 
HETATM 1179 O  O   . HOH I 6 .   ? -17.476 2.464   2.276   1.00 22.73  ? 349 HOH A O   1 
HETATM 1180 O  O   . HOH I 6 .   ? 12.758  -10.446 -8.193  1.00 28.86  ? 350 HOH A O   1 
HETATM 1181 O  O   . HOH I 6 .   ? 11.422  -5.703  11.825  1.00 26.19  ? 351 HOH A O   1 
HETATM 1182 O  O   . HOH I 6 .   ? -3.300  7.544   -7.533  1.00 15.92  ? 352 HOH A O   1 
HETATM 1183 O  O   . HOH I 6 .   ? 11.081  0.089   15.261  1.00 23.82  ? 353 HOH A O   1 
HETATM 1184 O  O   . HOH I 6 .   ? -2.736  -4.988  17.524  1.00 34.66  ? 354 HOH A O   1 
HETATM 1185 O  O   . HOH I 6 .   ? -19.221 4.577   1.515   1.00 18.31  ? 355 HOH A O   1 
HETATM 1186 O  O   . HOH I 6 .   ? -1.629  -8.511  10.181  1.00 14.12  ? 356 HOH A O   1 
HETATM 1187 O  O   . HOH I 6 .   ? 3.699   9.532   -1.249  1.00 17.20  ? 357 HOH A O   1 
HETATM 1188 O  O   . HOH I 6 .   ? 15.421  -1.696  -5.277  1.00 23.83  ? 358 HOH A O   1 
HETATM 1189 O  O   . HOH I 6 .   ? 0.777   5.654   15.804  1.00 31.65  ? 359 HOH A O   1 
HETATM 1190 O  O   . HOH I 6 .   ? 10.771  4.740   3.752   1.00 31.10  ? 360 HOH A O   1 
HETATM 1191 O  O   . HOH I 6 .   ? 4.246   16.326  -1.804  1.00 24.66  ? 361 HOH A O   1 
HETATM 1192 O  O   . HOH I 6 .   ? 11.199  -7.698  4.887   1.00 17.15  ? 362 HOH A O   1 
HETATM 1193 O  O   . HOH I 6 .   ? -7.803  6.318   12.784  1.00 11.50  ? 363 HOH A O   1 
HETATM 1194 O  O   . HOH I 6 .   ? 9.486   -4.735  17.826  0.50 27.76  ? 364 HOH A O   1 
HETATM 1195 O  O   . HOH I 6 .   ? 1.360   9.906   0.353   1.00 11.32  ? 365 HOH A O   1 
HETATM 1196 O  O   . HOH I 6 .   ? -10.411 12.976  8.691   1.00 16.62  ? 366 HOH A O   1 
HETATM 1197 O  O   . HOH I 6 .   ? -2.414  19.857  -0.867  1.00 11.68  ? 367 HOH A O   1 
HETATM 1198 O  O   . HOH I 6 .   ? -13.131 6.699   2.504   1.00 18.80  ? 368 HOH A O   1 
HETATM 1199 O  O   . HOH I 6 .   ? 1.936   -8.529  16.317  1.00 17.03  ? 369 HOH A O   1 
HETATM 1200 O  O   . HOH I 6 .   ? 9.020   1.913   -13.583 1.00 28.78  ? 370 HOH A O   1 
HETATM 1201 O  O   . HOH I 6 .   ? 6.005   -9.547  -17.593 1.00 24.06  ? 371 HOH A O   1 
HETATM 1202 O  O   . HOH I 6 .   ? -1.708  -8.896  7.534   1.00 14.06  ? 372 HOH A O   1 
HETATM 1203 O  O   . HOH I 6 .   ? 16.803  -10.662 -2.651  1.00 41.53  ? 373 HOH A O   1 
HETATM 1204 O  O   . HOH I 6 .   ? 6.275   -14.567 -10.498 1.00 33.58  ? 374 HOH A O   1 
HETATM 1205 O  O   . HOH I 6 .   ? -12.931 6.409   -2.564  1.00 17.46  ? 375 HOH A O   1 
HETATM 1206 O  O   . HOH I 6 .   ? -1.571  -0.687  -14.259 1.00 20.32  ? 376 HOH A O   1 
HETATM 1207 O  O   . HOH I 6 .   ? -4.740  -8.646  -14.447 1.00 22.20  ? 377 HOH A O   1 
HETATM 1208 O  O   . HOH I 6 .   ? 14.233  -10.558 -3.463  1.00 34.46  ? 378 HOH A O   1 
HETATM 1209 O  O   . HOH I 6 .   ? 21.748  -3.922  -4.463  1.00 24.10  ? 379 HOH A O   1 
HETATM 1210 O  O   . HOH I 6 .   ? 1.072   0.909   -17.103 1.00 21.63  ? 380 HOH A O   1 
HETATM 1211 O  O   . HOH I 6 .   ? -5.716  -3.319  -0.604  1.00 14.73  ? 381 HOH A O   1 
HETATM 1212 O  O   . HOH I 6 .   ? -3.761  -4.823  11.477  1.00 15.33  ? 382 HOH A O   1 
HETATM 1213 O  O   . HOH I 6 .   ? -9.222  11.472  3.220   1.00 17.36  ? 383 HOH A O   1 
HETATM 1214 O  O   . HOH I 6 .   ? 17.845  -7.916  0.411   1.00 41.14  ? 384 HOH A O   1 
HETATM 1215 O  O   . HOH I 6 .   ? 5.876   14.839  9.297   1.00 22.50  ? 385 HOH A O   1 
HETATM 1216 O  O   . HOH I 6 .   ? 13.759  -3.459  -3.974  1.00 22.35  ? 386 HOH A O   1 
HETATM 1217 O  O   . HOH I 6 .   ? -1.537  -13.718 1.030   1.00 24.12  ? 387 HOH A O   1 
HETATM 1218 O  O   . HOH I 6 .   ? 6.669   5.008   -0.715  1.00 20.77  ? 388 HOH A O   1 
HETATM 1219 O  O   . HOH I 6 .   ? -17.071 6.507   1.925   1.00 19.13  ? 389 HOH A O   1 
HETATM 1220 O  O   . HOH I 6 .   ? -7.404  18.240  5.756   1.00 29.53  ? 390 HOH A O   1 
HETATM 1221 O  O   . HOH I 6 .   ? 0.645   -13.857 -2.713  1.00 27.53  ? 391 HOH A O   1 
HETATM 1222 O  O   . HOH I 6 .   ? -5.104  -1.443  -11.328 1.00 16.58  ? 392 HOH A O   1 
HETATM 1223 O  O   . HOH I 6 .   ? -3.890  5.578   -12.418 1.00 38.40  ? 393 HOH A O   1 
HETATM 1224 O  O   . HOH I 6 .   ? -14.074 13.269  0.233   1.00 33.34  ? 394 HOH A O   1 
HETATM 1225 O  O   . HOH I 6 .   ? -11.111 -5.859  -10.437 1.00 35.69  ? 395 HOH A O   1 
HETATM 1226 O  O   . HOH I 6 .   ? 8.506   -10.593 -17.852 1.00 28.52  ? 396 HOH A O   1 
HETATM 1227 O  O   . HOH I 6 .   ? -3.374  -5.294  -0.110  1.00 12.08  ? 397 HOH A O   1 
HETATM 1228 O  O   . HOH I 6 .   ? -15.883 8.160   6.302   1.00 18.60  ? 398 HOH A O   1 
HETATM 1229 O  O   . HOH I 6 .   ? -8.089  2.031   -4.467  1.00 14.60  ? 399 HOH A O   1 
HETATM 1230 O  O   . HOH I 6 .   ? 0.791   9.781   -7.701  1.00 23.54  ? 400 HOH A O   1 
HETATM 1231 O  O   . HOH I 6 .   ? -4.172  13.900  -6.171  1.00 18.73  ? 401 HOH A O   1 
HETATM 1232 O  O   . HOH I 6 .   ? 10.972  -7.585  -19.831 1.00 25.98  ? 402 HOH A O   1 
HETATM 1233 O  O   . HOH I 6 .   ? -10.799 10.655  -6.387  1.00 24.28  ? 403 HOH A O   1 
HETATM 1234 O  O   . HOH I 6 .   ? -12.714 2.921   -5.629  1.00 15.18  ? 404 HOH A O   1 
HETATM 1235 O  O   . HOH I 6 .   ? -3.368  9.625   16.035  1.00 36.07  ? 405 HOH A O   1 
HETATM 1236 O  O   . HOH I 6 .   ? 15.447  1.917   4.996   1.00 28.22  ? 406 HOH A O   1 
HETATM 1237 O  O   . HOH I 6 .   ? 7.846   2.015   -18.017 1.00 19.99  ? 407 HOH A O   1 
HETATM 1238 O  O   . HOH I 6 .   ? 1.800   14.557  12.482  1.00 22.83  ? 408 HOH A O   1 
HETATM 1239 O  O   . HOH I 6 .   ? -9.885  -4.349  12.830  1.00 17.33  ? 409 HOH A O   1 
HETATM 1240 O  O   . HOH I 6 .   ? -9.487  -8.886  2.831   1.00 19.86  ? 410 HOH A O   1 
HETATM 1241 O  O   . HOH I 6 .   ? -5.114  17.704  6.983   1.00 26.35  ? 411 HOH A O   1 
HETATM 1242 O  O   . HOH I 6 .   ? -1.223  -2.165  17.612  1.00 25.21  ? 412 HOH A O   1 
HETATM 1243 O  O   . HOH I 6 .   ? -9.830  13.358  0.062   1.00 31.02  ? 413 HOH A O   1 
HETATM 1244 O  O   . HOH I 6 .   ? 8.172   2.757   12.864  1.00 28.24  ? 414 HOH A O   1 
HETATM 1245 O  O   . HOH I 6 .   ? 11.922  2.622   -9.426  1.00 37.86  ? 415 HOH A O   1 
HETATM 1246 O  O   . HOH I 6 .   ? -14.084 2.881   2.087   1.00 16.95  ? 416 HOH A O   1 
HETATM 1247 O  O   . HOH I 6 .   ? -13.318 -8.850  5.311   1.00 31.33  ? 417 HOH A O   1 
HETATM 1248 O  O   . HOH I 6 .   ? 5.600   6.457   6.953   1.00 16.85  ? 418 HOH A O   1 
HETATM 1249 O  O   . HOH I 6 .   ? -4.950  19.480  -2.088  1.00 17.86  ? 419 HOH A O   1 
HETATM 1250 O  O   . HOH I 6 .   ? -6.662  14.464  -7.375  1.00 25.65  ? 420 HOH A O   1 
HETATM 1251 O  O   . HOH I 6 .   ? -6.593  19.254  0.694   1.00 17.97  ? 421 HOH A O   1 
HETATM 1252 O  O   . HOH I 6 .   ? -11.204 0.678   -4.809  1.00 22.17  ? 422 HOH A O   1 
HETATM 1253 O  O   . HOH I 6 .   ? 11.758  -0.611  6.559   1.00 23.48  ? 423 HOH A O   1 
HETATM 1254 O  O   . HOH I 6 .   ? 7.357   8.699   -5.592  1.00 34.09  ? 424 HOH A O   1 
HETATM 1255 O  O   . HOH I 6 .   ? -11.779 4.515   1.443   1.00 19.04  ? 425 HOH A O   1 
HETATM 1256 O  O   . HOH I 6 .   ? -10.069 4.035   -5.067  1.00 14.88  ? 426 HOH A O   1 
HETATM 1257 O  O   . HOH I 6 .   ? -6.248  8.155   -2.185  1.00 18.60  ? 427 HOH A O   1 
HETATM 1258 O  O   . HOH I 6 .   ? 17.046  -1.528  -9.242  1.00 33.55  ? 428 HOH A O   1 
HETATM 1259 O  O   . HOH I 6 .   ? 9.937   1.913   9.648   1.00 29.44  ? 429 HOH A O   1 
HETATM 1260 O  O   . HOH I 6 .   ? 11.993  2.074   5.412   1.00 38.83  ? 430 HOH A O   1 
HETATM 1261 O  O   . HOH I 6 .   ? 6.463   -17.879 2.301   1.00 27.78  ? 431 HOH A O   1 
HETATM 1262 O  O   . HOH I 6 .   ? -18.589 3.805   -9.736  1.00 18.41  ? 432 HOH A O   1 
HETATM 1263 O  O   . HOH I 6 .   ? 5.857   -7.397  18.742  1.00 33.78  ? 433 HOH A O   1 
HETATM 1264 O  O   . HOH I 6 .   ? -4.247  13.086  8.182   1.00 13.62  ? 434 HOH A O   1 
HETATM 1265 O  O   . HOH I 6 .   ? 0.593   -10.258 17.900  1.00 26.07  ? 435 HOH A O   1 
HETATM 1266 O  O   . HOH I 6 .   ? 8.654   -14.690 5.122   1.00 27.41  ? 436 HOH A O   1 
HETATM 1267 O  O   . HOH I 6 .   ? -4.166  -12.036 -2.143  1.00 28.18  ? 437 HOH A O   1 
HETATM 1268 O  O   . HOH I 6 .   ? -13.202 9.017   -3.455  1.00 25.03  ? 438 HOH A O   1 
HETATM 1269 O  O   . HOH I 6 .   ? -0.667  21.081  7.449   1.00 30.57  ? 439 HOH A O   1 
HETATM 1270 O  O   . HOH I 6 .   ? 4.441   3.511   -18.058 1.00 23.88  ? 440 HOH A O   1 
HETATM 1271 O  O   . HOH I 6 .   ? -4.512  11.271  10.273  1.00 16.84  ? 441 HOH A O   1 
HETATM 1272 O  O   . HOH I 6 .   ? -11.024 13.251  2.789   1.00 23.66  ? 442 HOH A O   1 
HETATM 1273 O  O   . HOH I 6 .   ? 6.300   7.144   2.072   1.00 18.20  ? 443 HOH A O   1 
HETATM 1274 O  O   . HOH I 6 .   ? -5.883  7.598   14.289  1.00 17.83  ? 444 HOH A O   1 
HETATM 1275 O  O   . HOH I 6 .   ? 8.056   -8.375  12.169  1.00 16.73  ? 445 HOH A O   1 
HETATM 1276 O  O   . HOH I 6 .   ? 15.172  -4.520  9.611   1.00 37.22  ? 446 HOH A O   1 
HETATM 1277 O  O   . HOH I 6 .   ? 3.032   11.665  -4.097  1.00 26.80  ? 447 HOH A O   1 
HETATM 1278 O  O   . HOH I 6 .   ? -16.570 -4.892  -6.500  1.00 25.33  ? 448 HOH A O   1 
HETATM 1279 O  O   . HOH I 6 .   ? -4.688  -11.702 -10.005 1.00 34.10  ? 449 HOH A O   1 
HETATM 1280 O  O   . HOH I 6 .   ? -6.953  8.315   -13.066 1.00 38.84  ? 450 HOH A O   1 
HETATM 1281 O  O   . HOH I 6 .   ? -9.442  -5.173  15.734  1.00 37.41  ? 451 HOH A O   1 
HETATM 1282 O  O   . HOH I 6 .   ? -0.233  -12.441 -10.281 1.00 18.66  ? 452 HOH A O   1 
HETATM 1283 O  O   . HOH I 6 .   ? -15.057 4.955   0.385   1.00 17.88  ? 453 HOH A O   1 
HETATM 1284 O  O   . HOH I 6 .   ? 6.142   -11.833 -15.952 1.00 31.64  ? 454 HOH A O   1 
HETATM 1285 O  O   . HOH I 6 .   ? 3.811   5.168   -7.600  1.00 16.83  ? 455 HOH A O   1 
HETATM 1286 O  O   . HOH I 6 .   ? 3.834   0.757   15.721  1.00 24.88  ? 456 HOH A O   1 
HETATM 1287 O  O   . HOH I 6 .   ? 6.606   4.716   -7.754  1.00 23.03  ? 457 HOH A O   1 
HETATM 1288 O  O   . HOH I 6 .   ? 9.066   5.356   -3.427  1.00 22.79  ? 458 HOH A O   1 
HETATM 1289 O  O   . HOH I 6 .   ? -10.230 6.023   -3.014  1.00 13.72  ? 459 HOH A O   1 
HETATM 1290 O  O   . HOH I 6 .   ? -7.467  -8.530  -13.086 1.00 34.12  ? 460 HOH A O   1 
HETATM 1291 O  O   . HOH I 6 .   ? 7.838   7.652   4.513   1.00 19.08  ? 461 HOH A O   1 
HETATM 1292 O  O   . HOH I 6 .   ? -14.904 8.237   -0.162  1.00 28.17  ? 462 HOH A O   1 
HETATM 1293 O  O   . HOH I 6 .   ? 8.022   19.997  -3.338  1.00 36.78  ? 463 HOH A O   1 
HETATM 1294 O  O   . HOH I 6 .   ? 20.830  -7.472  -6.245  1.00 34.18  ? 464 HOH A O   1 
HETATM 1295 O  O   . HOH I 6 .   ? 2.507   -15.584 1.836   1.00 19.93  ? 465 HOH A O   1 
HETATM 1296 O  O   . HOH I 6 .   ? 6.567   4.945   -10.995 1.00 28.07  ? 466 HOH A O   1 
HETATM 1297 O  O   . HOH I 6 .   ? 15.231  1.574   -1.433  1.00 30.75  ? 467 HOH A O   1 
HETATM 1298 O  O   . HOH I 6 .   ? 15.359  -2.132  -11.383 1.00 33.90  ? 468 HOH A O   1 
HETATM 1299 O  O   . HOH I 6 .   ? 4.364   0.770   18.732  1.00 45.25  ? 469 HOH A O   1 
HETATM 1300 O  O   . HOH I 6 .   ? 14.394  -10.829 4.819   1.00 42.87  ? 470 HOH A O   1 
HETATM 1301 O  O   . HOH I 6 .   ? -18.904 9.322   -1.079  1.00 37.59  ? 471 HOH A O   1 
HETATM 1302 O  O   . HOH I 6 .   ? 9.216   -4.446  -23.021 1.00 34.80  ? 472 HOH A O   1 
HETATM 1303 O  O   . HOH I 6 .   ? 1.688   -14.164 -9.691  1.00 46.89  ? 473 HOH A O   1 
HETATM 1304 O  O   . HOH I 6 .   ? 14.048  -5.457  -13.761 1.00 41.50  ? 474 HOH A O   1 
HETATM 1305 O  O   . HOH I 6 .   ? -7.759  -9.526  4.615   1.00 30.88  ? 475 HOH A O   1 
HETATM 1306 O  O   . HOH I 6 .   ? -8.847  14.667  7.346   1.00 25.04  ? 476 HOH A O   1 
HETATM 1307 O  O   . HOH I 6 .   ? -8.841  8.492   -3.453  1.00 20.27  ? 477 HOH A O   1 
HETATM 1308 O  O   . HOH I 6 .   ? -20.435 -0.067  -8.286  1.00 41.39  ? 478 HOH A O   1 
HETATM 1309 O  O   . HOH I 6 .   ? -3.013  11.667  -8.719  1.00 30.31  ? 479 HOH A O   1 
HETATM 1310 O  O   . HOH I 6 .   ? -24.853 -5.679  -0.116  1.00 33.41  ? 480 HOH A O   1 
HETATM 1311 O  O   . HOH I 6 .   ? -7.772  15.716  -4.998  1.00 27.24  ? 481 HOH A O   1 
HETATM 1312 O  O   . HOH I 6 .   ? -12.917 -7.810  -4.233  1.00 35.93  ? 482 HOH A O   1 
HETATM 1313 O  O   . HOH I 6 .   ? -2.371  6.340   16.943  1.00 37.18  ? 483 HOH A O   1 
HETATM 1314 O  O   . HOH I 6 .   ? -13.031 -4.343  -9.307  1.00 31.21  ? 484 HOH A O   1 
HETATM 1315 O  O   . HOH I 6 .   ? -8.898  -5.911  -13.420 1.00 35.35  ? 485 HOH A O   1 
HETATM 1316 O  O   . HOH I 6 .   ? 7.536   15.822  7.445   1.00 30.68  ? 486 HOH A O   1 
HETATM 1317 O  O   . HOH I 6 .   ? 0.770   -14.548 0.099   1.00 25.37  ? 487 HOH A O   1 
HETATM 1318 O  O   . HOH I 6 .   ? 8.172   22.696  0.967   1.00 32.27  ? 488 HOH A O   1 
HETATM 1319 O  O   . HOH I 6 .   ? 1.683   -5.956  17.294  1.00 20.19  ? 489 HOH A O   1 
HETATM 1320 O  O   . HOH I 6 .   ? -2.187  -13.284 -3.003  1.00 39.05  ? 490 HOH A O   1 
HETATM 1321 O  O   . HOH I 6 .   ? -3.574  9.040   -9.595  1.00 32.85  ? 491 HOH A O   1 
HETATM 1322 O  O   . HOH I 6 .   ? 8.760   4.252   -12.234 1.00 35.58  ? 492 HOH A O   1 
HETATM 1323 O  O   . HOH I 6 .   ? 9.062   21.629  -1.302  1.00 50.86  ? 493 HOH A O   1 
HETATM 1324 O  O   . HOH I 6 .   ? 4.237   -17.139 0.861   1.00 24.76  ? 494 HOH A O   1 
HETATM 1325 O  O   . HOH I 6 .   ? 22.270  -5.977  -6.104  1.00 33.30  ? 495 HOH A O   1 
HETATM 1326 O  O   . HOH I 6 .   ? -0.691  -5.280  18.539  1.00 33.20  ? 496 HOH A O   1 
HETATM 1327 O  O   . HOH I 6 .   ? -14.162 15.135  5.279   1.00 43.08  ? 497 HOH A O   1 
HETATM 1328 O  O   . HOH I 6 .   ? -4.952  15.592  8.625   1.00 24.75  ? 498 HOH A O   1 
HETATM 1329 O  O   . HOH I 6 .   ? -18.102 -3.487  -8.597  1.00 32.24  ? 499 HOH A O   1 
HETATM 1330 O  O   . HOH I 6 .   ? -1.447  9.580   -8.574  1.00 39.14  ? 500 HOH A O   1 
HETATM 1331 O  O   . HOH I 6 .   ? 17.324  -2.751  9.576   1.00 33.87  ? 501 HOH A O   1 
HETATM 1332 O  O   . HOH I 6 .   ? 13.181  2.017   8.302   1.00 33.21  ? 502 HOH A O   1 
HETATM 1333 O  O   . HOH I 6 .   ? 0.510   5.007   -15.146 1.00 42.77  ? 503 HOH A O   1 
HETATM 1334 O  O   . HOH I 6 .   ? 0.849   -15.542 -4.513  1.00 36.30  ? 504 HOH A O   1 
HETATM 1335 O  O   . HOH I 6 .   ? -11.892 -9.868  -3.261  1.00 30.64  ? 505 HOH A O   1 
HETATM 1336 O  O   . HOH I 6 .   ? 8.486   -16.322 -3.974  1.00 42.28  ? 506 HOH A O   1 
HETATM 1337 O  O   . HOH I 6 .   ? 3.472   -5.859  19.163  1.00 45.07  ? 507 HOH A O   1 
HETATM 1338 O  O   . HOH I 6 .   ? -4.189  -9.888  7.251   1.00 25.63  ? 508 HOH A O   1 
HETATM 1339 O  O   . HOH I 6 .   ? -10.814 10.201  -3.743  1.00 24.57  ? 509 HOH A O   1 
HETATM 1340 O  O   . HOH I 6 .   ? -2.955  12.872  -12.656 1.00 38.67  ? 510 HOH A O   1 
HETATM 1341 O  O   . HOH I 6 .   ? 15.867  1.072   -3.893  1.00 33.74  ? 511 HOH A O   1 
HETATM 1342 O  O   . HOH I 6 .   ? -10.961 12.621  -2.530  1.00 35.06  ? 512 HOH A O   1 
HETATM 1343 O  O   . HOH I 6 .   ? 15.066  -0.406  -7.693  1.00 29.44  ? 513 HOH A O   1 
HETATM 1344 O  O   . HOH I 6 .   ? -15.488 6.362   4.190   1.00 19.98  ? 514 HOH A O   1 
HETATM 1345 O  O   . HOH I 6 .   ? 15.585  1.671   7.611   1.00 20.69  ? 515 HOH A O   1 
HETATM 1346 O  O   . HOH I 6 .   ? 12.883  -0.131  -9.287  1.00 37.20  ? 516 HOH A O   1 
HETATM 1347 O  O   . HOH I 6 .   ? -14.916 10.221  -2.165  1.00 35.45  ? 517 HOH A O   1 
HETATM 1348 O  O   . HOH I 6 .   ? 8.298   19.877  4.143   1.00 43.00  ? 518 HOH A O   1 
HETATM 1349 O  O   . HOH I 6 .   ? -5.740  -9.428  10.158  1.00 29.71  ? 519 HOH A O   1 
HETATM 1350 O  O   . HOH I 6 .   ? -15.748 3.506   4.315   1.00 15.99  ? 520 HOH A O   1 
HETATM 1351 O  O   . HOH I 6 .   ? 3.320   6.928   -9.609  1.00 26.33  ? 521 HOH A O   1 
HETATM 1352 O  O   . HOH I 6 .   ? -2.545  13.676  13.840  1.00 33.45  ? 522 HOH A O   1 
HETATM 1353 O  O   . HOH I 6 .   ? -4.366  17.139  11.024  1.00 30.78  ? 523 HOH A O   1 
HETATM 1354 O  O   . HOH I 6 .   ? -19.209 8.745   -6.093  1.00 35.76  ? 524 HOH A O   1 
HETATM 1355 O  O   . HOH I 6 .   ? 5.010   21.994  4.257   1.00 31.77  ? 525 HOH A O   1 
HETATM 1356 O  O   . HOH I 6 .   ? -20.358 5.007   -7.916  1.00 28.55  ? 526 HOH A O   1 
HETATM 1357 O  O   . HOH I 6 .   ? -13.744 12.750  -2.064  1.00 33.64  ? 527 HOH A O   1 
HETATM 1358 O  O   . HOH I 6 .   ? 4.039   6.544   -14.419 1.00 42.94  ? 528 HOH A O   1 
HETATM 1359 O  O   . HOH I 6 .   ? -17.595 10.168  -3.001  1.00 33.00  ? 529 HOH A O   1 
HETATM 1360 O  O   . HOH I 6 .   ? 10.895  -6.329  -21.911 1.00 33.74  ? 530 HOH A O   1 
HETATM 1361 O  O   . HOH I 6 .   ? 11.505  -12.058 -9.833  1.00 36.29  ? 531 HOH A O   1 
HETATM 1362 O  O   . HOH I 6 .   ? 1.655   9.165   -10.007 1.00 30.41  ? 532 HOH A O   1 
HETATM 1363 O  O   . HOH I 6 .   ? 6.491   -18.193 -3.201  1.00 35.40  ? 533 HOH A O   1 
HETATM 1364 O  O   . HOH I 6 .   ? 3.990   -18.104 -1.657  1.00 32.95  ? 534 HOH A O   1 
HETATM 1365 O  O   . HOH I 6 .   ? -0.425  14.706  13.788  1.00 39.43  ? 535 HOH A O   1 
HETATM 1366 O  O   . HOH I 6 .   ? -0.324  16.901  12.750  1.00 41.94  ? 536 HOH A O   1 
HETATM 1367 O  O   . HOH I 6 .   ? -18.035 -8.619  -2.035  1.00 51.09  ? 537 HOH A O   1 
HETATM 1368 O  O   . HOH I 6 .   ? -16.163 -8.593  -3.641  1.00 41.45  ? 538 HOH A O   1 
HETATM 1369 O  O   . HOH I 6 .   ? -0.784  9.531   -11.207 1.00 30.86  ? 539 HOH A O   1 
HETATM 1370 O  O   . HOH I 6 .   ? 26.081  -7.737  -3.385  1.00 39.77  ? 540 HOH A O   1 
HETATM 1371 O  O   . HOH I 6 .   ? -17.320 -11.665 -1.338  1.00 48.87  ? 541 HOH A O   1 
# 
